data_1YL7
#
_entry.id   1YL7
#
_cell.length_a   238.60
_cell.length_b   67.52
_cell.length_c   154.49
_cell.angle_alpha   90.00
_cell.angle_beta   117.08
_cell.angle_gamma   90.00
#
_symmetry.space_group_name_H-M   'C 1 2 1'
#
loop_
_entity.id
_entity.type
_entity.pdbx_description
1 polymer 'Dihydrodipicolinate reductase'
2 non-polymer 'MAGNESIUM ION'
3 non-polymer '1,4-DIHYDRONICOTINAMIDE ADENINE DINUCLEOTIDE'
4 water water
#
_entity_poly.entity_id   1
_entity_poly.type   'polypeptide(L)'
_entity_poly.pdbx_seq_one_letter_code
;ARVGVLGAKGKVGATMVRAVAAADDLTLSAELDAGDPLSLLTDGNTEVVIDFTHPDVVMGNLEFLIDNGIHAVVGTTGFT
AERFQQVESWLVAKPNTSVLIAPNFAIGAVLSMHFAKQAARFFDSAEVIELHHPHKADAPSGTAARTAKLIAEARKGLPP
NPDATSTSLPGARGADVDGIPVHAVRLAGLVAHQEVLFGTEGETLTIRHDSLDRTSFVPGVLLAVRRIAERPGLTVGLEP
LLDLH
;
_entity_poly.pdbx_strand_id   A,B,C,D,E,F,G,H
#
# COMPACT_ATOMS: atom_id res chain seq x y z
N ALA A 1 17.70 3.47 0.88
CA ALA A 1 19.16 3.77 0.76
C ALA A 1 19.93 3.16 1.92
N ARG A 2 21.23 2.91 1.71
CA ARG A 2 22.12 2.45 2.77
C ARG A 2 22.70 3.66 3.48
N VAL A 3 22.34 3.78 4.76
CA VAL A 3 22.59 5.00 5.51
C VAL A 3 23.48 4.68 6.72
N GLY A 4 24.51 5.49 6.90
CA GLY A 4 25.38 5.42 8.06
C GLY A 4 25.22 6.64 8.95
N VAL A 5 25.68 6.52 10.19
CA VAL A 5 25.65 7.65 11.13
C VAL A 5 27.02 7.89 11.72
N LEU A 6 27.48 9.13 11.62
CA LEU A 6 28.70 9.55 12.29
C LEU A 6 28.28 10.28 13.54
N GLY A 7 28.78 9.83 14.69
CA GLY A 7 28.36 10.31 16.00
C GLY A 7 27.21 9.49 16.56
N ALA A 8 27.20 8.20 16.23
CA ALA A 8 26.11 7.29 16.59
C ALA A 8 25.87 7.14 18.10
N LYS A 9 26.90 7.36 18.93
CA LYS A 9 26.72 7.28 20.39
C LYS A 9 26.29 8.62 21.03
N GLY A 10 26.24 9.67 20.20
CA GLY A 10 25.96 11.03 20.64
C GLY A 10 24.51 11.29 20.96
N LYS A 11 24.27 12.39 21.67
CA LYS A 11 22.91 12.84 22.02
C LYS A 11 21.97 12.86 20.81
N VAL A 12 22.39 13.51 19.73
CA VAL A 12 21.55 13.55 18.53
C VAL A 12 21.79 12.32 17.65
N GLY A 13 23.04 11.86 17.57
CA GLY A 13 23.36 10.74 16.70
C GLY A 13 22.64 9.44 17.03
N ALA A 14 22.47 9.11 18.31
CA ALA A 14 21.80 7.85 18.65
C ALA A 14 20.31 7.91 18.30
N THR A 15 19.73 9.10 18.47
CA THR A 15 18.36 9.40 18.08
C THR A 15 18.20 9.11 16.60
N MET A 16 19.24 9.41 15.83
CA MET A 16 19.24 9.22 14.38
C MET A 16 19.44 7.74 13.98
N VAL A 17 20.22 7.02 14.77
CA VAL A 17 20.41 5.59 14.51
C VAL A 17 19.06 4.89 14.62
N ARG A 18 18.38 5.13 15.73
CA ARG A 18 17.06 4.58 16.00
C ARG A 18 16.10 4.92 14.87
N ALA A 19 16.18 6.17 14.37
CA ALA A 19 15.29 6.65 13.30
C ALA A 19 15.48 5.85 12.03
N VAL A 20 16.75 5.64 11.65
CA VAL A 20 17.10 4.95 10.42
C VAL A 20 16.66 3.50 10.48
N ALA A 21 16.96 2.83 11.60
CA ALA A 21 16.58 1.44 11.80
C ALA A 21 15.05 1.24 11.72
N ALA A 22 14.29 2.16 12.32
CA ALA A 22 12.83 2.07 12.36
C ALA A 22 12.18 2.28 11.00
N ALA A 23 12.78 3.13 10.18
CA ALA A 23 12.22 3.45 8.87
C ALA A 23 12.63 2.34 7.94
N ASP A 24 11.67 1.75 7.21
CA ASP A 24 12.02 0.56 6.44
C ASP A 24 12.22 0.80 4.94
N ASP A 25 12.62 2.01 4.59
CA ASP A 25 13.12 2.31 3.25
C ASP A 25 14.63 2.55 3.32
N LEU A 26 15.15 2.60 4.54
CA LEU A 26 16.55 2.91 4.81
C LEU A 26 17.20 1.76 5.57
N THR A 27 18.40 1.40 5.14
CA THR A 27 19.16 0.36 5.81
C THR A 27 20.32 1.01 6.55
N LEU A 28 20.28 0.91 7.88
CA LEU A 28 21.39 1.32 8.73
C LEU A 28 22.60 0.45 8.40
N SER A 29 23.64 1.07 7.89
CA SER A 29 24.76 0.34 7.30
C SER A 29 26.08 0.61 8.01
N ALA A 30 26.06 1.56 8.97
CA ALA A 30 27.24 1.95 9.72
C ALA A 30 26.90 2.88 10.90
N GLU A 31 27.48 2.61 12.05
CA GLU A 31 27.26 3.39 13.27
C GLU A 31 28.61 3.72 13.89
N LEU A 32 29.22 4.82 13.46
CA LEU A 32 30.56 5.14 13.93
C LEU A 32 30.55 6.24 15.00
N ASP A 33 31.45 6.07 15.96
CA ASP A 33 31.68 7.09 16.95
C ASP A 33 33.18 7.35 17.11
N ALA A 34 33.58 7.98 18.22
CA ALA A 34 34.97 8.36 18.42
C ALA A 34 35.87 7.13 18.44
N GLY A 35 36.93 7.17 17.63
CA GLY A 35 37.90 6.09 17.56
C GLY A 35 37.57 5.06 16.50
N ASP A 36 36.46 5.23 15.82
CA ASP A 36 36.08 4.32 14.74
C ASP A 36 36.69 4.75 13.40
N PRO A 37 37.33 3.80 12.68
CA PRO A 37 37.85 4.09 11.34
C PRO A 37 36.73 4.45 10.38
N LEU A 38 36.96 5.48 9.55
CA LEU A 38 36.01 5.88 8.51
C LEU A 38 35.80 4.82 7.42
N SER A 39 36.78 3.91 7.29
CA SER A 39 36.72 2.76 6.39
C SER A 39 35.49 1.88 6.64
N LEU A 40 34.98 1.92 7.86
CA LEU A 40 33.75 1.21 8.23
C LEU A 40 32.56 1.61 7.37
N LEU A 41 32.56 2.85 6.88
CA LEU A 41 31.46 3.32 6.04
C LEU A 41 31.53 2.63 4.70
N THR A 42 32.72 2.61 4.11
CA THR A 42 32.93 1.99 2.81
C THR A 42 32.75 0.47 2.88
N ASP A 43 33.22 -0.12 3.98
CA ASP A 43 33.05 -1.54 4.23
C ASP A 43 31.60 -1.91 4.58
N GLY A 44 30.78 -0.87 4.79
CA GLY A 44 29.33 -1.05 4.95
C GLY A 44 28.58 -0.75 3.66
N ASN A 45 29.31 -0.32 2.63
CA ASN A 45 28.76 0.12 1.36
C ASN A 45 27.67 1.18 1.60
N THR A 46 28.07 2.20 2.36
CA THR A 46 27.19 3.27 2.77
C THR A 46 26.99 4.25 1.61
N GLU A 47 25.73 4.62 1.40
CA GLU A 47 25.38 5.55 0.35
C GLU A 47 25.23 7.00 0.87
N VAL A 48 24.57 7.13 2.03
CA VAL A 48 24.33 8.43 2.69
C VAL A 48 24.78 8.37 4.15
N VAL A 49 25.43 9.45 4.60
CA VAL A 49 25.80 9.57 6.02
C VAL A 49 25.08 10.71 6.71
N ILE A 50 24.60 10.44 7.93
CA ILE A 50 24.07 11.49 8.82
C ILE A 50 25.18 11.82 9.78
N ASP A 51 25.60 13.08 9.82
CA ASP A 51 26.74 13.45 10.66
C ASP A 51 26.30 14.40 11.78
N PHE A 52 26.40 13.94 13.03
CA PHE A 52 26.18 14.76 14.21
C PHE A 52 27.35 14.52 15.18
N THR A 53 28.47 15.17 14.88
CA THR A 53 29.70 14.92 15.62
C THR A 53 30.20 16.15 16.39
N HIS A 54 31.29 16.75 15.92
CA HIS A 54 31.90 17.93 16.55
C HIS A 54 32.54 18.79 15.46
N PRO A 55 32.43 20.14 15.60
CA PRO A 55 33.11 21.06 14.70
C PRO A 55 34.58 20.71 14.45
N ASP A 56 35.23 20.11 15.44
CA ASP A 56 36.64 19.75 15.34
C ASP A 56 36.90 18.53 14.46
N VAL A 57 35.88 17.69 14.18
CA VAL A 57 36.13 16.48 13.37
C VAL A 57 35.42 16.47 12.02
N VAL A 58 34.44 17.35 11.86
CA VAL A 58 33.49 17.30 10.74
C VAL A 58 34.07 17.51 9.33
N MET A 59 35.02 18.43 9.18
CA MET A 59 35.61 18.72 7.87
C MET A 59 36.40 17.50 7.37
N GLY A 60 37.17 16.90 8.29
CA GLY A 60 37.85 15.66 8.03
C GLY A 60 36.90 14.59 7.52
N ASN A 61 35.82 14.37 8.26
CA ASN A 61 34.78 13.44 7.86
C ASN A 61 34.22 13.80 6.50
N LEU A 62 33.83 15.07 6.34
CA LEU A 62 33.34 15.57 5.05
C LEU A 62 34.28 15.30 3.87
N GLU A 63 35.58 15.58 4.06
CA GLU A 63 36.58 15.32 3.02
C GLU A 63 36.58 13.85 2.62
N PHE A 64 36.52 12.97 3.61
CA PHE A 64 36.40 11.54 3.34
C PHE A 64 35.15 11.22 2.54
N LEU A 65 34.01 11.71 3.01
CA LEU A 65 32.72 11.32 2.43
C LEU A 65 32.64 11.77 0.98
N ILE A 66 33.07 13.00 0.73
CA ILE A 66 33.09 13.59 -0.60
C ILE A 66 34.05 12.84 -1.54
N ASP A 67 35.25 12.52 -1.04
CA ASP A 67 36.21 11.73 -1.84
C ASP A 67 35.65 10.35 -2.17
N ASN A 68 34.92 9.76 -1.23
CA ASN A 68 34.34 8.43 -1.42
C ASN A 68 32.92 8.41 -2.00
N GLY A 69 32.50 9.55 -2.55
CA GLY A 69 31.20 9.71 -3.19
C GLY A 69 30.02 9.41 -2.31
N ILE A 70 30.22 9.50 -1.00
CA ILE A 70 29.15 9.28 -0.03
C ILE A 70 28.44 10.60 0.23
N HIS A 71 27.14 10.63 -0.05
CA HIS A 71 26.31 11.81 0.18
C HIS A 71 26.25 12.10 1.69
N ALA A 72 26.27 13.39 2.02
CA ALA A 72 26.37 13.79 3.41
C ALA A 72 25.20 14.70 3.83
N VAL A 73 24.55 14.30 4.92
CA VAL A 73 23.53 15.10 5.58
C VAL A 73 24.16 15.46 6.91
N VAL A 74 24.56 16.72 7.04
CA VAL A 74 25.38 17.18 8.18
C VAL A 74 24.57 18.12 9.10
N GLY A 75 24.37 17.68 10.34
CA GLY A 75 23.82 18.54 11.36
C GLY A 75 24.88 19.22 12.20
N THR A 76 26.09 18.66 12.24
CA THR A 76 27.16 19.25 13.05
C THR A 76 27.28 20.74 12.74
N THR A 77 27.47 21.55 13.79
CA THR A 77 27.55 23.01 13.64
C THR A 77 28.99 23.51 13.47
N GLY A 78 29.17 24.83 13.57
CA GLY A 78 30.49 25.47 13.48
C GLY A 78 30.93 25.77 12.06
N PHE A 79 29.97 25.81 11.14
CA PHE A 79 30.28 26.07 9.72
C PHE A 79 30.38 27.55 9.44
N THR A 80 31.48 27.95 8.82
CA THR A 80 31.73 29.32 8.48
C THR A 80 31.73 29.44 6.96
N ALA A 81 31.90 30.66 6.44
CA ALA A 81 32.06 30.86 4.99
C ALA A 81 33.24 30.07 4.47
N GLU A 82 34.35 30.15 5.19
CA GLU A 82 35.57 29.44 4.82
C GLU A 82 35.34 27.94 4.77
N ARG A 83 34.54 27.40 5.70
CA ARG A 83 34.28 25.98 5.70
C ARG A 83 33.40 25.54 4.54
N PHE A 84 32.35 26.32 4.25
CA PHE A 84 31.49 26.09 3.08
C PHE A 84 32.29 26.12 1.77
N GLN A 85 33.23 27.05 1.68
CA GLN A 85 34.04 27.22 0.48
C GLN A 85 34.97 26.04 0.29
N GLN A 86 35.50 25.51 1.39
CA GLN A 86 36.30 24.29 1.34
C GLN A 86 35.47 23.11 0.82
N VAL A 87 34.22 23.02 1.28
CA VAL A 87 33.31 21.94 0.88
C VAL A 87 32.96 22.08 -0.58
N GLU A 88 32.66 23.32 -0.99
CA GLU A 88 32.47 23.65 -2.39
C GLU A 88 33.66 23.17 -3.20
N SER A 89 34.87 23.52 -2.75
CA SER A 89 36.13 23.12 -3.40
C SER A 89 36.29 21.61 -3.58
N TRP A 90 35.91 20.84 -2.57
CA TRP A 90 36.01 19.37 -2.63
C TRP A 90 35.01 18.77 -3.59
N LEU A 91 33.83 19.40 -3.71
CA LEU A 91 32.78 18.86 -4.56
C LEU A 91 32.95 19.18 -6.05
N VAL A 92 33.94 20.02 -6.37
CA VAL A 92 34.30 20.30 -7.77
C VAL A 92 34.87 19.04 -8.41
N ALA A 93 35.62 18.28 -7.60
CA ALA A 93 36.25 17.05 -8.04
C ALA A 93 35.28 15.88 -8.04
N LYS A 94 34.20 16.03 -7.28
CA LYS A 94 33.21 14.97 -7.16
C LYS A 94 31.82 15.52 -7.45
N PRO A 95 31.46 15.67 -8.74
CA PRO A 95 30.21 16.35 -9.12
C PRO A 95 28.90 15.55 -8.90
N ASN A 96 28.99 14.24 -8.68
CA ASN A 96 27.80 13.43 -8.45
C ASN A 96 27.63 13.10 -6.95
N THR A 97 28.17 13.98 -6.11
CA THR A 97 28.03 13.84 -4.66
C THR A 97 27.34 15.08 -4.15
N SER A 98 26.37 14.87 -3.27
CA SER A 98 25.57 15.92 -2.66
C SER A 98 25.85 16.05 -1.18
N VAL A 99 25.97 17.29 -0.73
CA VAL A 99 26.14 17.58 0.69
C VAL A 99 25.07 18.57 1.13
N LEU A 100 24.32 18.19 2.15
CA LEU A 100 23.38 19.12 2.77
C LEU A 100 23.78 19.45 4.21
N ILE A 101 23.96 20.74 4.49
CA ILE A 101 24.41 21.21 5.79
C ILE A 101 23.34 22.15 6.31
N ALA A 102 22.80 21.86 7.49
CA ALA A 102 21.74 22.68 8.09
C ALA A 102 22.06 22.94 9.53
N PRO A 103 21.98 24.22 9.95
CA PRO A 103 22.11 24.65 11.35
C PRO A 103 20.91 24.32 12.21
N ASN A 104 19.79 23.93 11.59
CA ASN A 104 18.57 23.59 12.31
C ASN A 104 17.70 22.57 11.56
N PHE A 105 17.72 21.33 12.01
CA PHE A 105 16.98 20.24 11.33
C PHE A 105 15.53 20.07 11.80
N ALA A 106 15.10 20.87 12.78
CA ALA A 106 13.72 20.84 13.24
C ALA A 106 12.80 21.58 12.26
N ILE A 107 12.01 20.80 11.53
CA ILE A 107 11.09 21.33 10.53
C ILE A 107 10.23 22.45 11.13
N GLY A 108 9.72 22.21 12.34
CA GLY A 108 8.90 23.21 13.02
C GLY A 108 9.63 24.53 13.20
N ALA A 109 10.90 24.46 13.63
CA ALA A 109 11.76 25.63 13.79
C ALA A 109 12.00 26.33 12.46
N VAL A 110 12.42 25.55 11.45
CA VAL A 110 12.58 26.08 10.11
C VAL A 110 11.32 26.79 9.60
N LEU A 111 10.14 26.18 9.79
CA LEU A 111 8.88 26.73 9.27
C LEU A 111 8.51 28.03 9.97
N SER A 112 8.61 28.02 11.30
CA SER A 112 8.31 29.20 12.11
C SER A 112 9.14 30.42 11.73
N MET A 113 10.42 30.24 11.46
CA MET A 113 11.29 31.33 11.00
C MET A 113 10.87 31.84 9.63
N HIS A 114 10.52 30.91 8.75
CA HIS A 114 10.04 31.26 7.43
C HIS A 114 8.73 32.05 7.56
N PHE A 115 7.77 31.54 8.35
CA PHE A 115 6.51 32.25 8.59
C PHE A 115 6.75 33.64 9.19
N ALA A 116 7.66 33.74 10.16
CA ALA A 116 7.97 35.01 10.82
C ALA A 116 8.47 36.02 9.78
N LYS A 117 9.28 35.54 8.85
CA LYS A 117 9.82 36.37 7.81
C LYS A 117 8.71 36.84 6.85
N GLN A 118 7.78 35.94 6.52
CA GLN A 118 6.66 36.28 5.64
C GLN A 118 5.66 37.27 6.28
N ALA A 119 5.51 37.19 7.60
CA ALA A 119 4.52 38.01 8.29
C ALA A 119 5.04 39.40 8.63
N ALA A 120 6.35 39.51 8.86
CA ALA A 120 6.99 40.69 9.49
C ALA A 120 6.56 42.06 8.99
N ARG A 121 6.40 42.19 7.67
CA ARG A 121 6.13 43.48 7.02
C ARG A 121 4.70 43.96 7.17
N PHE A 122 3.79 43.07 7.56
CA PHE A 122 2.40 43.42 7.46
C PHE A 122 1.88 43.87 8.79
N PHE A 123 2.79 44.08 9.75
CA PHE A 123 2.41 44.43 11.12
C PHE A 123 3.22 45.60 11.65
N ASP A 124 2.59 46.43 12.46
CA ASP A 124 3.21 47.56 13.11
C ASP A 124 4.28 47.16 14.09
N SER A 125 4.01 46.09 14.84
CA SER A 125 4.88 45.59 15.91
C SER A 125 5.29 44.13 15.73
N ALA A 126 6.54 43.81 16.09
CA ALA A 126 7.06 42.44 16.17
C ALA A 126 8.02 42.28 17.34
N GLU A 127 7.78 41.25 18.15
CA GLU A 127 8.62 40.90 19.28
C GLU A 127 8.85 39.39 19.31
N VAL A 128 9.92 38.99 19.98
CA VAL A 128 10.21 37.59 20.11
C VAL A 128 10.33 37.32 21.60
N ILE A 129 9.68 36.26 22.06
CA ILE A 129 9.85 35.72 23.39
C ILE A 129 10.38 34.32 23.24
N GLU A 130 11.48 34.02 23.90
CA GLU A 130 11.93 32.64 23.92
C GLU A 130 12.01 32.20 25.38
N LEU A 131 11.79 30.91 25.60
CA LEU A 131 11.74 30.31 26.93
C LEU A 131 12.51 28.99 26.93
N HIS A 132 13.51 28.86 27.80
CA HIS A 132 14.31 27.64 27.89
C HIS A 132 14.46 27.15 29.34
N HIS A 133 14.85 25.88 29.48
CA HIS A 133 15.27 25.29 30.73
C HIS A 133 16.34 26.21 31.36
N PRO A 134 16.50 26.14 32.69
CA PRO A 134 17.42 27.08 33.32
C PRO A 134 18.91 26.65 33.37
N HIS A 135 19.31 25.69 32.55
CA HIS A 135 20.72 25.30 32.43
C HIS A 135 21.35 25.87 31.16
N LYS A 136 20.64 26.80 30.51
CA LYS A 136 21.12 27.41 29.28
C LYS A 136 22.03 28.59 29.58
N ALA A 137 23.21 28.60 28.94
CA ALA A 137 24.24 29.59 29.22
C ALA A 137 24.04 30.93 28.52
N ASP A 138 23.39 30.92 27.37
CA ASP A 138 23.34 32.11 26.51
C ASP A 138 21.94 32.66 26.32
N ALA A 139 21.80 33.97 26.50
CA ALA A 139 20.52 34.64 26.40
C ALA A 139 20.67 35.90 25.57
N PRO A 140 19.86 36.06 24.49
CA PRO A 140 18.88 35.08 23.97
C PRO A 140 19.53 33.91 23.26
N SER A 141 18.76 32.87 22.97
CA SER A 141 19.21 31.75 22.13
C SER A 141 19.61 32.23 20.74
N GLY A 142 20.47 31.45 20.08
CA GLY A 142 20.87 31.71 18.69
C GLY A 142 19.67 31.79 17.76
N THR A 143 18.72 30.85 17.88
CA THR A 143 17.50 30.86 17.09
C THR A 143 16.71 32.16 17.26
N ALA A 144 16.49 32.60 18.50
CA ALA A 144 15.75 33.86 18.77
C ALA A 144 16.44 35.09 18.15
N ALA A 145 17.74 35.22 18.41
CA ALA A 145 18.53 36.30 17.82
C ALA A 145 18.42 36.23 16.30
N ARG A 146 18.63 35.05 15.74
CA ARG A 146 18.54 34.88 14.30
C ARG A 146 17.12 35.17 13.76
N THR A 147 16.09 34.83 14.51
CA THR A 147 14.72 35.12 14.09
C THR A 147 14.47 36.63 14.14
N ALA A 148 14.98 37.30 15.18
CA ALA A 148 14.85 38.75 15.27
C ALA A 148 15.58 39.49 14.13
N LYS A 149 16.73 39.00 13.69
CA LYS A 149 17.45 39.61 12.57
C LYS A 149 16.76 39.44 11.21
N LEU A 150 16.16 38.28 10.98
CA LEU A 150 15.33 38.01 9.79
C LEU A 150 14.10 38.91 9.70
N ILE A 151 13.43 39.07 10.82
CA ILE A 151 12.29 39.93 11.00
C ILE A 151 12.67 41.40 10.75
N ALA A 152 13.79 41.85 11.31
CA ALA A 152 14.30 43.20 11.06
C ALA A 152 14.65 43.42 9.59
N GLU A 153 15.36 42.46 8.99
CA GLU A 153 15.71 42.62 7.57
C GLU A 153 14.45 42.79 6.72
N ALA A 154 13.45 41.94 6.96
CA ALA A 154 12.18 41.98 6.27
C ALA A 154 11.44 43.31 6.46
N ARG A 155 11.68 43.96 7.59
CA ARG A 155 11.00 45.20 7.99
C ARG A 155 11.79 46.45 7.63
N LYS A 156 12.89 46.27 6.91
CA LYS A 156 13.67 47.41 6.42
C LYS A 156 12.74 48.43 5.75
N GLY A 157 12.92 49.69 6.10
CA GLY A 157 12.17 50.78 5.49
C GLY A 157 10.79 51.02 6.06
N LEU A 158 10.44 50.24 7.07
CA LEU A 158 9.21 50.45 7.82
C LEU A 158 9.53 51.19 9.12
N PRO A 159 8.53 51.87 9.72
CA PRO A 159 8.82 52.58 10.96
C PRO A 159 9.30 51.57 12.01
N PRO A 160 10.03 52.03 13.04
CA PRO A 160 10.34 51.08 14.14
C PRO A 160 9.08 50.68 14.90
N ASN A 161 9.16 49.60 15.68
CA ASN A 161 8.05 49.26 16.56
C ASN A 161 7.62 50.52 17.30
N PRO A 162 6.32 50.83 17.32
CA PRO A 162 5.92 51.96 18.16
C PRO A 162 6.12 51.59 19.62
N ASP A 163 6.48 52.57 20.43
CA ASP A 163 6.78 52.32 21.84
C ASP A 163 6.89 53.67 22.56
N ALA A 164 5.91 53.97 23.41
CA ALA A 164 5.88 55.24 24.15
C ALA A 164 6.55 55.18 25.53
N THR A 165 7.28 54.07 25.80
CA THR A 165 8.03 53.91 27.04
C THR A 165 8.87 55.16 27.34
N SER A 166 8.56 55.78 28.47
CA SER A 166 9.28 56.97 28.90
C SER A 166 10.00 56.72 30.22
N THR A 167 9.46 55.80 31.02
CA THR A 167 10.12 55.38 32.27
C THR A 167 10.11 53.86 32.41
N SER A 168 11.28 53.29 32.63
CA SER A 168 11.40 51.85 32.75
C SER A 168 12.51 51.40 33.69
N LEU A 169 12.39 50.16 34.16
CA LEU A 169 13.48 49.49 34.82
C LEU A 169 14.33 48.90 33.71
N PRO A 170 15.67 48.94 33.86
CA PRO A 170 16.52 48.40 32.78
C PRO A 170 16.29 46.91 32.52
N GLY A 171 16.15 46.57 31.24
CA GLY A 171 15.94 45.19 30.85
C GLY A 171 14.50 44.81 30.61
N ALA A 172 13.56 45.65 31.05
CA ALA A 172 12.13 45.33 30.94
C ALA A 172 11.70 45.10 29.50
N ARG A 173 12.29 45.90 28.60
CA ARG A 173 11.91 45.88 27.20
C ARG A 173 12.70 44.85 26.36
N GLY A 174 13.49 44.01 27.03
CA GLY A 174 14.21 42.91 26.39
C GLY A 174 15.51 43.30 25.72
N ALA A 175 16.13 42.34 25.03
CA ALA A 175 17.32 42.63 24.22
C ALA A 175 16.87 43.24 22.89
N ASP A 176 17.52 44.31 22.51
CA ASP A 176 17.27 44.91 21.20
C ASP A 176 18.17 44.24 20.16
N VAL A 177 17.57 43.39 19.34
CA VAL A 177 18.26 42.72 18.26
C VAL A 177 17.77 43.34 16.95
N ASP A 178 18.58 44.29 16.44
CA ASP A 178 18.29 45.02 15.21
C ASP A 178 16.91 45.74 15.29
N GLY A 179 16.57 46.25 16.46
CA GLY A 179 15.30 46.96 16.61
C GLY A 179 14.15 46.05 17.02
N ILE A 180 14.42 44.76 17.14
CA ILE A 180 13.37 43.80 17.53
C ILE A 180 13.61 43.34 18.97
N PRO A 181 12.69 43.68 19.88
CA PRO A 181 12.86 43.19 21.27
C PRO A 181 12.84 41.67 21.31
N VAL A 182 13.73 41.12 22.14
CA VAL A 182 13.82 39.71 22.38
C VAL A 182 13.91 39.50 23.89
N HIS A 183 12.96 38.73 24.42
CA HIS A 183 12.82 38.43 25.84
C HIS A 183 13.13 36.95 26.03
N ALA A 184 13.95 36.65 27.03
CA ALA A 184 14.46 35.31 27.30
C ALA A 184 14.02 34.83 28.70
N VAL A 185 13.16 33.84 28.73
CA VAL A 185 12.64 33.27 29.98
C VAL A 185 13.48 32.02 30.26
N ARG A 186 13.88 31.85 31.52
CA ARG A 186 14.67 30.71 31.93
C ARG A 186 13.93 30.11 33.08
N LEU A 187 13.25 29.00 32.81
CA LEU A 187 12.29 28.43 33.75
C LEU A 187 12.47 26.93 33.86
N ALA A 188 12.62 26.45 35.09
CA ALA A 188 12.65 25.02 35.31
C ALA A 188 11.37 24.39 34.76
N GLY A 189 11.52 23.19 34.19
CA GLY A 189 10.40 22.46 33.64
C GLY A 189 10.15 22.75 32.16
N LEU A 190 10.89 23.70 31.57
CA LEU A 190 10.76 23.98 30.15
C LEU A 190 11.87 23.23 29.41
N VAL A 191 11.80 23.22 28.08
CA VAL A 191 12.88 22.69 27.25
C VAL A 191 13.38 23.82 26.36
N ALA A 192 12.85 23.90 25.13
CA ALA A 192 13.15 24.96 24.19
C ALA A 192 11.85 25.43 23.58
N HIS A 193 11.55 26.72 23.73
CA HIS A 193 10.28 27.28 23.25
C HIS A 193 10.54 28.68 22.69
N GLN A 194 9.82 29.00 21.61
CA GLN A 194 9.91 30.30 21.01
C GLN A 194 8.55 30.79 20.51
N GLU A 195 8.25 32.06 20.78
CA GLU A 195 7.02 32.73 20.38
C GLU A 195 7.38 34.02 19.64
N VAL A 196 6.88 34.20 18.43
CA VAL A 196 7.01 35.45 17.69
C VAL A 196 5.65 36.14 17.67
N LEU A 197 5.60 37.39 18.12
CA LEU A 197 4.36 38.16 18.27
C LEU A 197 4.30 39.28 17.26
N PHE A 198 3.21 39.32 16.50
CA PHE A 198 2.99 40.38 15.55
C PHE A 198 1.68 41.06 15.91
N GLY A 199 1.67 42.39 15.80
CA GLY A 199 0.49 43.15 16.15
C GLY A 199 0.36 44.41 15.34
N THR A 200 -0.86 44.65 14.90
CA THR A 200 -1.30 45.99 14.50
C THR A 200 -2.70 46.21 15.05
N GLU A 201 -3.15 47.45 15.13
CA GLU A 201 -4.48 47.77 15.62
C GLU A 201 -5.50 46.83 14.93
N GLY A 202 -6.34 46.16 15.71
CA GLY A 202 -7.36 45.29 15.13
C GLY A 202 -6.97 43.80 14.99
N GLU A 203 -5.67 43.48 15.05
CA GLU A 203 -5.26 42.06 15.03
C GLU A 203 -3.83 41.72 15.49
N THR A 204 -3.68 40.50 16.00
CA THR A 204 -2.39 39.99 16.36
C THR A 204 -2.24 38.59 15.82
N LEU A 205 -0.98 38.24 15.57
CA LEU A 205 -0.64 36.95 15.01
C LEU A 205 0.54 36.44 15.81
N THR A 206 0.44 35.21 16.29
CA THR A 206 1.50 34.61 17.10
C THR A 206 1.93 33.27 16.50
N ILE A 207 3.24 33.05 16.44
CA ILE A 207 3.76 31.78 15.98
C ILE A 207 4.57 31.21 17.14
N ARG A 208 4.16 30.06 17.63
CA ARG A 208 4.78 29.45 18.78
C ARG A 208 5.36 28.10 18.36
N HIS A 209 6.64 27.94 18.63
CA HIS A 209 7.32 26.67 18.38
C HIS A 209 7.79 26.08 19.71
N ASP A 210 7.48 24.80 19.95
CA ASP A 210 7.83 24.15 21.18
C ASP A 210 8.65 22.93 20.81
N SER A 211 9.86 22.87 21.35
CA SER A 211 10.78 21.79 21.04
C SER A 211 11.01 20.95 22.31
N LEU A 212 10.50 19.71 22.33
CA LEU A 212 10.47 18.90 23.57
C LEU A 212 11.55 17.83 23.67
N ASP A 213 12.09 17.46 22.52
CA ASP A 213 12.91 16.25 22.36
C ASP A 213 13.90 16.47 21.25
N ARG A 214 14.96 15.66 21.23
CA ARG A 214 15.85 15.62 20.08
C ARG A 214 15.25 14.90 18.86
N THR A 215 14.14 14.18 19.10
CA THR A 215 13.39 13.59 18.00
C THR A 215 12.76 14.66 17.13
N SER A 216 12.62 15.88 17.67
CA SER A 216 12.27 17.05 16.85
C SER A 216 13.15 17.19 15.59
N PHE A 217 14.39 16.71 15.64
CA PHE A 217 15.30 16.77 14.50
C PHE A 217 15.16 15.62 13.51
N VAL A 218 14.42 14.59 13.88
CA VAL A 218 14.30 13.36 13.07
C VAL A 218 13.67 13.53 11.67
N PRO A 219 12.42 14.02 11.59
CA PRO A 219 11.85 14.19 10.24
C PRO A 219 12.67 15.08 9.28
N GLY A 220 13.30 16.12 9.80
CA GLY A 220 14.09 17.02 8.96
C GLY A 220 15.26 16.26 8.36
N VAL A 221 15.99 15.51 9.19
CA VAL A 221 17.14 14.74 8.74
C VAL A 221 16.73 13.64 7.74
N LEU A 222 15.63 12.94 8.02
CA LEU A 222 15.22 11.84 7.18
C LEU A 222 14.74 12.33 5.82
N LEU A 223 14.08 13.48 5.81
CA LEU A 223 13.66 14.13 4.60
C LEU A 223 14.90 14.51 3.81
N ALA A 224 15.89 15.04 4.51
CA ALA A 224 17.14 15.40 3.84
C ALA A 224 17.80 14.15 3.26
N VAL A 225 17.77 13.05 4.03
CA VAL A 225 18.35 11.77 3.58
C VAL A 225 17.67 11.24 2.33
N ARG A 226 16.34 11.24 2.36
CA ARG A 226 15.56 10.79 1.22
C ARG A 226 15.68 11.69 -0.02
N ARG A 227 16.05 12.95 0.17
CA ARG A 227 16.10 13.88 -0.95
C ARG A 227 17.50 14.37 -1.34
N ILE A 228 18.53 13.85 -0.67
CA ILE A 228 19.87 14.38 -0.89
C ILE A 228 20.46 14.19 -2.29
N ALA A 229 20.24 13.03 -2.89
CA ALA A 229 20.68 12.80 -4.26
C ALA A 229 19.96 13.67 -5.33
N GLU A 230 18.88 14.34 -4.92
CA GLU A 230 18.10 15.17 -5.83
C GLU A 230 18.70 16.56 -6.05
N ARG A 231 19.83 16.84 -5.42
CA ARG A 231 20.51 18.10 -5.67
C ARG A 231 22.02 17.98 -5.55
N PRO A 232 22.72 18.08 -6.70
CA PRO A 232 24.18 18.01 -6.74
C PRO A 232 24.80 19.16 -5.96
N GLY A 233 26.03 18.92 -5.52
CA GLY A 233 26.77 19.92 -4.80
C GLY A 233 26.28 20.07 -3.39
N LEU A 234 26.30 21.32 -2.95
CA LEU A 234 26.09 21.70 -1.60
C LEU A 234 24.77 22.44 -1.48
N THR A 235 23.91 21.95 -0.59
CA THR A 235 22.73 22.66 -0.14
C THR A 235 22.96 23.12 1.29
N VAL A 236 22.70 24.40 1.53
CA VAL A 236 22.80 24.96 2.85
C VAL A 236 21.39 25.23 3.34
N GLY A 237 21.02 24.57 4.43
CA GLY A 237 19.74 24.79 5.05
C GLY A 237 18.77 23.68 4.74
N LEU A 238 17.79 23.52 5.60
CA LEU A 238 16.72 22.61 5.31
C LEU A 238 15.61 23.27 4.49
N GLU A 239 15.49 24.60 4.54
CA GLU A 239 14.36 25.34 3.89
C GLU A 239 14.08 24.93 2.44
N PRO A 240 15.14 24.74 1.64
CA PRO A 240 14.89 24.39 0.22
C PRO A 240 14.24 23.02 -0.01
N LEU A 241 14.22 22.16 1.00
CA LEU A 241 13.58 20.85 0.85
C LEU A 241 12.10 20.90 1.15
N LEU A 242 11.66 21.99 1.76
CA LEU A 242 10.30 22.10 2.25
C LEU A 242 9.39 22.69 1.20
N ASP A 243 9.97 23.07 0.07
CA ASP A 243 9.21 23.57 -1.07
C ASP A 243 8.23 24.65 -0.61
N LEU A 244 8.78 25.77 -0.12
CA LEU A 244 7.98 26.81 0.51
C LEU A 244 7.48 27.93 -0.42
N HIS A 245 7.76 27.78 -1.72
CA HIS A 245 7.21 28.67 -2.73
C HIS A 245 6.11 27.97 -3.57
N ALA B 1 -6.11 57.63 -5.30
CA ALA B 1 -7.34 57.22 -6.03
C ALA B 1 -8.64 57.69 -5.40
N ARG B 2 -9.64 57.93 -6.27
CA ARG B 2 -11.01 58.22 -5.87
C ARG B 2 -11.73 56.92 -5.59
N VAL B 3 -12.08 56.72 -4.32
CA VAL B 3 -12.62 55.45 -3.86
C VAL B 3 -14.02 55.63 -3.35
N GLY B 4 -14.93 54.78 -3.85
CA GLY B 4 -16.31 54.73 -3.34
C GLY B 4 -16.55 53.46 -2.50
N VAL B 5 -17.38 53.61 -1.47
CA VAL B 5 -17.83 52.44 -0.72
C VAL B 5 -19.29 52.12 -1.07
N LEU B 6 -19.51 50.90 -1.56
CA LEU B 6 -20.84 50.29 -1.63
C LEU B 6 -21.09 49.48 -0.34
N GLY B 7 -22.22 49.78 0.31
CA GLY B 7 -22.57 49.19 1.61
C GLY B 7 -22.12 50.06 2.79
N ALA B 8 -22.05 51.36 2.53
CA ALA B 8 -21.44 52.36 3.44
C ALA B 8 -22.06 52.53 4.84
N LYS B 9 -23.27 52.02 5.04
CA LYS B 9 -23.93 52.09 6.34
C LYS B 9 -23.77 50.81 7.17
N GLY B 10 -23.30 49.75 6.50
CA GLY B 10 -23.10 48.43 7.11
C GLY B 10 -21.94 48.31 8.09
N LYS B 11 -21.88 47.20 8.80
CA LYS B 11 -20.87 46.97 9.84
C LYS B 11 -19.51 47.32 9.26
N VAL B 12 -19.14 46.60 8.20
CA VAL B 12 -17.83 46.69 7.56
C VAL B 12 -17.71 47.92 6.68
N GLY B 13 -18.80 48.25 5.96
CA GLY B 13 -18.81 49.36 5.01
C GLY B 13 -18.48 50.69 5.68
N ALA B 14 -19.17 50.98 6.79
CA ALA B 14 -18.90 52.14 7.65
C ALA B 14 -17.46 52.22 8.18
N THR B 15 -16.89 51.05 8.45
CA THR B 15 -15.49 50.92 8.85
C THR B 15 -14.58 51.30 7.67
N MET B 16 -14.99 50.89 6.47
CA MET B 16 -14.24 51.27 5.28
C MET B 16 -14.32 52.74 4.99
N VAL B 17 -15.49 53.36 5.22
CA VAL B 17 -15.66 54.79 4.94
C VAL B 17 -14.69 55.57 5.81
N ARG B 18 -14.73 55.32 7.11
CA ARG B 18 -13.75 55.89 8.04
C ARG B 18 -12.29 55.69 7.58
N ALA B 19 -11.96 54.47 7.14
CA ALA B 19 -10.58 54.14 6.74
C ALA B 19 -10.16 54.90 5.51
N VAL B 20 -11.04 54.95 4.50
CA VAL B 20 -10.77 55.67 3.27
C VAL B 20 -10.62 57.17 3.53
N ALA B 21 -11.49 57.73 4.36
CA ALA B 21 -11.33 59.14 4.82
C ALA B 21 -9.98 59.37 5.46
N ALA B 22 -9.58 58.54 6.42
CA ALA B 22 -8.34 58.77 7.17
C ALA B 22 -7.09 58.48 6.34
N ALA B 23 -7.24 57.67 5.29
CA ALA B 23 -6.14 57.35 4.36
C ALA B 23 -5.72 58.58 3.55
N ASP B 24 -4.45 58.98 3.67
CA ASP B 24 -3.93 60.18 3.03
C ASP B 24 -3.90 60.13 1.51
N ASP B 25 -3.71 58.94 0.95
CA ASP B 25 -3.53 58.73 -0.48
C ASP B 25 -4.86 58.49 -1.23
N LEU B 26 -5.92 58.21 -0.49
CA LEU B 26 -7.20 57.89 -1.11
C LEU B 26 -8.26 58.94 -0.86
N THR B 27 -9.05 59.24 -1.90
CA THR B 27 -10.12 60.23 -1.82
C THR B 27 -11.50 59.58 -1.83
N LEU B 28 -12.20 59.64 -0.69
CA LEU B 28 -13.56 59.16 -0.59
C LEU B 28 -14.47 59.93 -1.56
N SER B 29 -15.00 59.22 -2.55
CA SER B 29 -15.72 59.87 -3.68
C SER B 29 -17.23 59.62 -3.66
N ALA B 30 -17.64 58.58 -2.94
CA ALA B 30 -19.04 58.18 -2.81
C ALA B 30 -19.24 57.27 -1.61
N GLU B 31 -20.40 57.42 -0.97
CA GLU B 31 -20.87 56.58 0.11
C GLU B 31 -22.28 56.08 -0.25
N LEU B 32 -22.38 54.84 -0.71
CA LEU B 32 -23.67 54.27 -1.11
C LEU B 32 -24.14 53.13 -0.21
N ASP B 33 -25.40 53.19 0.16
CA ASP B 33 -26.09 52.07 0.77
C ASP B 33 -27.33 51.70 -0.06
N ALA B 34 -28.23 50.89 0.51
CA ALA B 34 -29.46 50.46 -0.15
C ALA B 34 -30.33 51.64 -0.64
N GLY B 35 -30.79 51.55 -1.89
CA GLY B 35 -31.64 52.59 -2.46
C GLY B 35 -30.90 53.77 -3.08
N ASP B 36 -29.57 53.76 -3.02
CA ASP B 36 -28.76 54.77 -3.71
C ASP B 36 -28.43 54.27 -5.13
N PRO B 37 -28.72 55.10 -6.16
CA PRO B 37 -28.44 54.65 -7.52
C PRO B 37 -26.93 54.63 -7.80
N LEU B 38 -26.49 53.71 -8.64
CA LEU B 38 -25.08 53.43 -8.89
C LEU B 38 -24.39 54.56 -9.67
N SER B 39 -25.22 55.38 -10.31
CA SER B 39 -24.80 56.57 -11.01
C SER B 39 -24.14 57.60 -10.09
N LEU B 40 -24.37 57.51 -8.78
CA LEU B 40 -23.64 58.38 -7.84
C LEU B 40 -22.14 58.09 -7.86
N LEU B 41 -21.78 56.87 -8.23
CA LEU B 41 -20.37 56.48 -8.36
C LEU B 41 -19.76 57.22 -9.54
N THR B 42 -20.43 57.16 -10.69
CA THR B 42 -19.97 57.88 -11.88
C THR B 42 -20.04 59.39 -11.70
N ASP B 43 -20.99 59.85 -10.87
CA ASP B 43 -21.17 61.30 -10.62
C ASP B 43 -19.98 61.88 -9.87
N GLY B 44 -19.44 61.08 -8.95
CA GLY B 44 -18.28 61.44 -8.15
C GLY B 44 -16.96 61.09 -8.78
N ASN B 45 -17.01 60.62 -10.03
CA ASN B 45 -15.82 60.24 -10.81
C ASN B 45 -14.98 59.19 -10.05
N THR B 46 -15.70 58.24 -9.45
CA THR B 46 -15.10 57.13 -8.72
C THR B 46 -14.26 56.23 -9.61
N GLU B 47 -13.05 55.93 -9.14
CA GLU B 47 -12.10 55.11 -9.87
C GLU B 47 -12.01 53.65 -9.36
N VAL B 48 -12.18 53.47 -8.04
CA VAL B 48 -12.16 52.15 -7.39
C VAL B 48 -13.34 52.03 -6.41
N VAL B 49 -13.93 50.85 -6.32
CA VAL B 49 -15.01 50.62 -5.35
C VAL B 49 -14.67 49.51 -4.37
N ILE B 50 -15.03 49.74 -3.11
CA ILE B 50 -15.03 48.72 -2.05
C ILE B 50 -16.47 48.27 -1.88
N ASP B 51 -16.71 46.96 -1.96
CA ASP B 51 -18.07 46.41 -1.94
C ASP B 51 -18.22 45.44 -0.77
N PHE B 52 -18.96 45.87 0.23
CA PHE B 52 -19.33 45.02 1.37
C PHE B 52 -20.82 45.19 1.55
N THR B 53 -21.57 44.56 0.63
CA THR B 53 -23.02 44.68 0.56
C THR B 53 -23.71 43.34 0.87
N HIS B 54 -24.10 42.63 -0.19
CA HIS B 54 -24.92 41.41 -0.08
C HIS B 54 -24.83 40.56 -1.36
N PRO B 55 -24.76 39.21 -1.21
CA PRO B 55 -24.72 38.26 -2.33
C PRO B 55 -25.79 38.45 -3.41
N ASP B 56 -26.91 39.07 -3.03
CA ASP B 56 -27.98 39.28 -3.99
C ASP B 56 -27.73 40.56 -4.83
N VAL B 57 -27.03 41.54 -4.27
CA VAL B 57 -26.82 42.77 -5.04
C VAL B 57 -25.46 42.85 -5.73
N VAL B 58 -24.49 42.08 -5.25
CA VAL B 58 -23.12 42.25 -5.70
C VAL B 58 -22.83 42.09 -7.21
N MET B 59 -23.52 41.14 -7.87
CA MET B 59 -23.33 40.89 -9.30
C MET B 59 -23.86 42.03 -10.18
N GLY B 60 -25.00 42.59 -9.78
CA GLY B 60 -25.52 43.81 -10.39
C GLY B 60 -24.53 44.95 -10.18
N ASN B 61 -24.04 45.08 -8.95
CA ASN B 61 -23.01 46.06 -8.65
C ASN B 61 -21.82 45.85 -9.57
N LEU B 62 -21.31 44.62 -9.62
CA LEU B 62 -20.16 44.30 -10.48
C LEU B 62 -20.38 44.62 -11.94
N GLU B 63 -21.57 44.27 -12.46
CA GLU B 63 -21.96 44.51 -13.86
C GLU B 63 -21.81 45.99 -14.19
N PHE B 64 -22.40 46.83 -13.34
CA PHE B 64 -22.32 48.27 -13.49
C PHE B 64 -20.87 48.75 -13.44
N LEU B 65 -20.11 48.25 -12.47
CA LEU B 65 -18.74 48.69 -12.27
C LEU B 65 -17.88 48.35 -13.47
N ILE B 66 -17.97 47.09 -13.94
CA ILE B 66 -17.18 46.64 -15.09
C ILE B 66 -17.51 47.45 -16.36
N ASP B 67 -18.80 47.61 -16.61
CA ASP B 67 -19.32 48.48 -17.68
C ASP B 67 -18.75 49.90 -17.68
N ASN B 68 -18.55 50.45 -16.48
CA ASN B 68 -18.06 51.81 -16.35
C ASN B 68 -16.57 51.88 -16.06
N GLY B 69 -15.88 50.75 -16.23
CA GLY B 69 -14.43 50.69 -16.06
C GLY B 69 -13.92 50.97 -14.65
N ILE B 70 -14.83 50.83 -13.68
CA ILE B 70 -14.51 51.04 -12.26
C ILE B 70 -14.03 49.75 -11.62
N HIS B 71 -12.82 49.81 -11.05
CA HIS B 71 -12.19 48.67 -10.37
C HIS B 71 -12.94 48.34 -9.12
N ALA B 72 -12.90 47.07 -8.74
CA ALA B 72 -13.71 46.58 -7.65
C ALA B 72 -12.86 45.80 -6.69
N VAL B 73 -13.00 46.17 -5.42
CA VAL B 73 -12.45 45.38 -4.31
C VAL B 73 -13.68 44.88 -3.58
N VAL B 74 -13.89 43.57 -3.65
CA VAL B 74 -15.12 42.97 -3.16
C VAL B 74 -14.93 41.98 -2.03
N GLY B 75 -15.51 42.31 -0.89
CA GLY B 75 -15.50 41.45 0.28
C GLY B 75 -16.78 40.68 0.42
N THR B 76 -17.87 41.26 -0.07
CA THR B 76 -19.16 40.55 -0.13
C THR B 76 -18.91 39.09 -0.49
N THR B 77 -19.59 38.19 0.21
CA THR B 77 -19.38 36.76 0.02
C THR B 77 -20.46 36.16 -0.91
N GLY B 78 -20.61 34.84 -0.89
CA GLY B 78 -21.62 34.17 -1.71
C GLY B 78 -21.20 33.89 -3.14
N PHE B 79 -19.91 33.99 -3.44
CA PHE B 79 -19.43 33.75 -4.80
C PHE B 79 -19.25 32.28 -5.11
N THR B 80 -19.60 31.92 -6.34
CA THR B 80 -19.52 30.53 -6.78
C THR B 80 -18.62 30.45 -8.01
N ALA B 81 -18.17 29.23 -8.33
CA ALA B 81 -17.45 28.95 -9.58
C ALA B 81 -18.17 29.59 -10.77
N GLU B 82 -19.49 29.43 -10.79
CA GLU B 82 -20.36 30.06 -11.80
C GLU B 82 -20.25 31.60 -11.76
N ARG B 83 -20.32 32.19 -10.57
CA ARG B 83 -20.22 33.65 -10.43
C ARG B 83 -18.87 34.19 -10.83
N PHE B 84 -17.79 33.46 -10.52
CA PHE B 84 -16.46 33.84 -10.96
C PHE B 84 -16.32 33.83 -12.49
N GLN B 85 -16.94 32.85 -13.14
CA GLN B 85 -16.90 32.70 -14.60
C GLN B 85 -17.71 33.80 -15.29
N GLN B 86 -18.82 34.19 -14.68
CA GLN B 86 -19.58 35.34 -15.17
C GLN B 86 -18.76 36.63 -15.13
N VAL B 87 -18.16 36.92 -13.98
CA VAL B 87 -17.28 38.09 -13.80
C VAL B 87 -16.13 38.08 -14.81
N GLU B 88 -15.57 36.91 -15.07
CA GLU B 88 -14.48 36.77 -16.04
C GLU B 88 -14.93 37.01 -17.47
N SER B 89 -16.17 36.60 -17.77
CA SER B 89 -16.77 36.82 -19.09
C SER B 89 -17.00 38.31 -19.33
N TRP B 90 -17.58 39.01 -18.34
CA TRP B 90 -17.74 40.47 -18.38
C TRP B 90 -16.42 41.21 -18.58
N LEU B 91 -15.36 40.66 -17.97
CA LEU B 91 -14.01 41.23 -18.04
C LEU B 91 -13.32 41.14 -19.40
N VAL B 92 -13.81 40.24 -20.27
CA VAL B 92 -13.34 40.18 -21.66
C VAL B 92 -13.74 41.47 -22.41
N ALA B 93 -14.95 41.97 -22.13
CA ALA B 93 -15.41 43.24 -22.69
C ALA B 93 -14.60 44.43 -22.19
N LYS B 94 -14.06 44.32 -20.97
CA LYS B 94 -13.31 45.42 -20.39
C LYS B 94 -11.97 44.95 -19.82
N PRO B 95 -11.01 44.59 -20.71
CA PRO B 95 -9.66 44.14 -20.33
C PRO B 95 -8.91 45.19 -19.50
N ASN B 96 -9.51 46.37 -19.43
CA ASN B 96 -8.98 47.54 -18.75
C ASN B 96 -9.26 47.54 -17.25
N THR B 97 -10.22 46.71 -16.85
CA THR B 97 -10.79 46.71 -15.51
C THR B 97 -10.30 45.51 -14.68
N SER B 98 -10.01 45.79 -13.42
CA SER B 98 -9.54 44.78 -12.49
C SER B 98 -10.59 44.57 -11.41
N VAL B 99 -10.85 43.32 -11.05
CA VAL B 99 -11.70 43.00 -9.92
C VAL B 99 -10.94 42.12 -8.95
N LEU B 100 -11.05 42.41 -7.66
CA LEU B 100 -10.46 41.55 -6.65
C LEU B 100 -11.55 41.11 -5.69
N ILE B 101 -11.72 39.79 -5.56
CA ILE B 101 -12.76 39.22 -4.70
C ILE B 101 -12.03 38.41 -3.67
N ALA B 102 -12.27 38.72 -2.40
CA ALA B 102 -11.61 37.99 -1.32
C ALA B 102 -12.56 37.57 -0.19
N PRO B 103 -12.49 36.29 0.19
CA PRO B 103 -13.34 35.75 1.25
C PRO B 103 -12.94 36.24 2.63
N ASN B 104 -11.73 36.77 2.73
CA ASN B 104 -11.20 37.24 3.99
C ASN B 104 -10.15 38.28 3.72
N PHE B 105 -10.40 39.48 4.22
CA PHE B 105 -9.49 40.61 3.99
C PHE B 105 -8.54 40.91 5.14
N ALA B 106 -8.66 40.19 6.26
CA ALA B 106 -7.75 40.36 7.38
C ALA B 106 -6.44 39.68 7.03
N ILE B 107 -5.41 40.50 6.82
CA ILE B 107 -4.13 39.98 6.36
C ILE B 107 -3.60 38.91 7.30
N GLY B 108 -3.81 39.08 8.60
CA GLY B 108 -3.27 38.15 9.59
C GLY B 108 -4.03 36.83 9.55
N ALA B 109 -5.28 36.88 9.14
CA ALA B 109 -6.07 35.66 9.01
C ALA B 109 -5.61 34.96 7.74
N VAL B 110 -5.37 35.74 6.70
CA VAL B 110 -4.92 35.20 5.43
C VAL B 110 -3.53 34.60 5.60
N LEU B 111 -2.64 35.31 6.27
CA LEU B 111 -1.35 34.73 6.66
C LEU B 111 -1.48 33.44 7.48
N SER B 112 -2.31 33.41 8.51
CA SER B 112 -2.37 32.21 9.30
C SER B 112 -2.86 31.01 8.50
N MET B 113 -3.84 31.23 7.60
CA MET B 113 -4.38 30.15 6.75
CA MET B 113 -4.35 30.14 6.78
C MET B 113 -3.29 29.66 5.79
N HIS B 114 -2.51 30.60 5.26
CA HIS B 114 -1.40 30.24 4.42
C HIS B 114 -0.33 29.39 5.17
N PHE B 115 0.04 29.85 6.36
CA PHE B 115 0.97 29.12 7.21
C PHE B 115 0.43 27.72 7.55
N ALA B 116 -0.85 27.63 7.89
CA ALA B 116 -1.49 26.33 8.19
C ALA B 116 -1.39 25.37 7.01
N LYS B 117 -1.71 25.82 5.81
CA LYS B 117 -1.62 24.98 4.62
C LYS B 117 -0.21 24.46 4.42
N GLN B 118 0.77 25.36 4.57
CA GLN B 118 2.18 25.01 4.40
C GLN B 118 2.62 23.99 5.43
N ALA B 119 2.29 24.23 6.70
CA ALA B 119 2.74 23.35 7.77
C ALA B 119 2.01 22.00 7.77
N ALA B 120 0.74 21.99 7.33
CA ALA B 120 -0.09 20.77 7.42
C ALA B 120 0.60 19.53 6.82
N ARG B 121 1.39 19.74 5.78
CA ARG B 121 2.11 18.66 5.08
C ARG B 121 3.20 18.00 5.93
N PHE B 122 3.65 18.68 7.00
CA PHE B 122 4.89 18.29 7.66
C PHE B 122 4.76 17.71 9.07
N PHE B 123 3.53 17.53 9.54
CA PHE B 123 3.29 16.98 10.88
C PHE B 123 2.31 15.84 10.91
N ASP B 124 2.43 15.01 11.94
CA ASP B 124 1.51 13.89 12.18
C ASP B 124 0.09 14.33 12.54
N SER B 125 -0.01 15.35 13.39
CA SER B 125 -1.30 15.81 13.90
C SER B 125 -1.58 17.24 13.50
N ALA B 126 -2.84 17.54 13.21
CA ALA B 126 -3.32 18.91 13.03
C ALA B 126 -4.67 19.03 13.69
N GLU B 127 -4.86 20.09 14.48
CA GLU B 127 -6.20 20.37 15.02
C GLU B 127 -6.44 21.86 14.98
N VAL B 128 -7.70 22.25 15.08
CA VAL B 128 -8.09 23.66 15.09
C VAL B 128 -8.91 23.98 16.34
N ILE B 129 -8.56 25.05 17.02
CA ILE B 129 -9.32 25.54 18.16
C ILE B 129 -9.68 26.96 17.82
N GLU B 130 -10.96 27.31 17.93
CA GLU B 130 -11.39 28.69 17.77
C GLU B 130 -12.18 29.09 18.99
N LEU B 131 -12.12 30.38 19.28
CA LEU B 131 -12.64 30.90 20.53
C LEU B 131 -13.31 32.20 20.16
N HIS B 132 -14.59 32.32 20.51
CA HIS B 132 -15.36 33.50 20.23
C HIS B 132 -16.15 33.99 21.45
N HIS B 133 -16.63 35.22 21.35
CA HIS B 133 -17.61 35.79 22.27
C HIS B 133 -18.86 34.91 22.27
N PRO B 134 -19.64 34.94 23.37
CA PRO B 134 -20.79 34.05 23.53
C PRO B 134 -22.09 34.56 22.87
N HIS B 135 -21.98 35.51 21.94
CA HIS B 135 -23.14 35.89 21.15
C HIS B 135 -22.95 35.38 19.71
N LYS B 136 -21.96 34.52 19.49
CA LYS B 136 -21.75 33.98 18.13
C LYS B 136 -22.76 32.88 17.81
N ALA B 137 -23.35 32.95 16.61
CA ALA B 137 -24.42 32.01 16.25
C ALA B 137 -23.91 30.64 15.83
N ASP B 138 -22.76 30.60 15.14
CA ASP B 138 -22.27 29.36 14.49
C ASP B 138 -21.02 28.73 15.11
N ALA B 139 -21.05 27.42 15.23
CA ALA B 139 -19.93 26.68 15.81
C ALA B 139 -19.68 25.46 14.96
N PRO B 140 -18.47 25.29 14.45
CA PRO B 140 -17.38 26.25 14.50
C PRO B 140 -17.62 27.43 13.56
N SER B 141 -16.77 28.45 13.65
CA SER B 141 -16.84 29.60 12.76
C SER B 141 -16.66 29.20 11.28
N GLY B 142 -17.08 30.10 10.38
CA GLY B 142 -16.81 29.96 8.96
C GLY B 142 -15.31 29.86 8.71
N THR B 143 -14.53 30.74 9.30
CA THR B 143 -13.07 30.71 9.14
C THR B 143 -12.41 29.42 9.60
N ALA B 144 -12.91 28.88 10.72
CA ALA B 144 -12.35 27.66 11.32
C ALA B 144 -12.68 26.44 10.46
N ALA B 145 -13.93 26.39 9.96
CA ALA B 145 -14.33 25.35 9.02
C ALA B 145 -13.53 25.42 7.73
N ARG B 146 -13.37 26.63 7.19
CA ARG B 146 -12.59 26.84 5.97
CA ARG B 146 -12.60 26.80 5.95
C ARG B 146 -11.14 26.36 6.17
N THR B 147 -10.57 26.71 7.31
CA THR B 147 -9.19 26.33 7.66
C THR B 147 -8.98 24.81 7.76
N ALA B 148 -9.88 24.14 8.48
CA ALA B 148 -9.84 22.68 8.64
C ALA B 148 -9.95 21.94 7.30
N LYS B 149 -10.80 22.45 6.40
CA LYS B 149 -10.96 21.92 5.05
C LYS B 149 -9.68 22.08 4.21
N LEU B 150 -9.04 23.24 4.34
CA LEU B 150 -7.80 23.50 3.62
C LEU B 150 -6.65 22.69 4.19
N ILE B 151 -6.64 22.50 5.51
CA ILE B 151 -5.64 21.65 6.16
C ILE B 151 -5.83 20.21 5.71
N ALA B 152 -7.06 19.71 5.71
CA ALA B 152 -7.39 18.38 5.19
C ALA B 152 -6.88 18.13 3.76
N GLU B 153 -7.09 19.12 2.90
CA GLU B 153 -6.71 19.03 1.51
C GLU B 153 -5.21 18.96 1.37
N ALA B 154 -4.49 19.68 2.21
CA ALA B 154 -3.01 19.67 2.21
C ALA B 154 -2.46 18.32 2.66
N ARG B 155 -3.27 17.58 3.43
CA ARG B 155 -2.85 16.35 4.07
C ARG B 155 -3.36 15.09 3.36
N LYS B 156 -3.91 15.26 2.16
CA LYS B 156 -4.25 14.13 1.31
C LYS B 156 -2.95 13.41 0.99
N GLY B 157 -2.93 12.09 1.22
CA GLY B 157 -1.70 11.36 1.00
C GLY B 157 -0.82 11.23 2.22
N LEU B 158 -1.27 11.76 3.36
CA LEU B 158 -0.58 11.53 4.62
C LEU B 158 -1.51 10.63 5.39
N PRO B 159 -0.97 9.89 6.38
CA PRO B 159 -1.87 9.08 7.25
C PRO B 159 -2.78 10.03 8.00
N PRO B 160 -3.97 9.56 8.46
CA PRO B 160 -4.88 10.43 9.27
C PRO B 160 -4.23 10.82 10.61
N ASN B 161 -4.79 11.82 11.31
CA ASN B 161 -4.30 12.19 12.66
C ASN B 161 -4.28 10.94 13.53
N PRO B 162 -3.14 10.65 14.19
CA PRO B 162 -3.16 9.48 15.11
C PRO B 162 -4.11 9.78 16.25
N ASP B 163 -4.75 8.76 16.79
CA ASP B 163 -5.67 8.96 17.90
C ASP B 163 -6.15 7.62 18.43
N ALA B 164 -5.74 7.32 19.66
CA ALA B 164 -6.06 6.05 20.29
C ALA B 164 -7.36 6.09 21.10
N THR B 165 -8.07 7.21 21.04
CA THR B 165 -9.30 7.39 21.83
C THR B 165 -10.16 6.15 21.69
N SER B 166 -10.39 5.45 22.80
CA SER B 166 -11.27 4.25 22.78
C SER B 166 -12.49 4.43 23.68
N THR B 167 -12.45 5.48 24.50
CA THR B 167 -13.59 5.87 25.35
C THR B 167 -13.69 7.40 25.34
N SER B 168 -14.85 7.93 24.95
CA SER B 168 -15.06 9.37 25.04
C SER B 168 -16.45 9.78 25.48
N LEU B 169 -16.56 10.99 26.02
CA LEU B 169 -17.86 11.63 26.10
C LEU B 169 -18.17 12.22 24.74
N PRO B 170 -19.46 12.27 24.35
CA PRO B 170 -19.84 12.93 23.08
C PRO B 170 -19.37 14.38 23.04
N GLY B 171 -18.75 14.78 21.93
CA GLY B 171 -18.28 16.15 21.74
C GLY B 171 -16.85 16.47 22.17
N ALA B 172 -16.26 15.61 23.00
CA ALA B 172 -14.97 15.97 23.62
C ALA B 172 -13.90 16.23 22.57
N ARG B 173 -13.97 15.50 21.47
CA ARG B 173 -12.98 15.52 20.41
C ARG B 173 -13.30 16.51 19.28
N GLY B 174 -14.29 17.38 19.49
CA GLY B 174 -14.61 18.45 18.56
C GLY B 174 -15.47 18.01 17.39
N ALA B 175 -15.75 18.94 16.48
CA ALA B 175 -16.37 18.62 15.21
C ALA B 175 -15.31 18.02 14.29
N ASP B 176 -15.68 16.97 13.59
CA ASP B 176 -14.82 16.38 12.58
C ASP B 176 -15.09 17.16 11.28
N VAL B 177 -14.10 17.94 10.85
CA VAL B 177 -14.18 18.59 9.54
C VAL B 177 -13.14 17.98 8.64
N ASP B 178 -13.59 17.15 7.70
CA ASP B 178 -12.70 16.45 6.76
C ASP B 178 -11.51 15.73 7.44
N GLY B 179 -11.75 15.16 8.62
CA GLY B 179 -10.71 14.49 9.37
C GLY B 179 -9.90 15.39 10.30
N ILE B 180 -10.28 16.66 10.41
CA ILE B 180 -9.55 17.61 11.25
C ILE B 180 -10.43 18.03 12.40
N PRO B 181 -10.04 17.68 13.63
CA PRO B 181 -10.79 18.15 14.81
C PRO B 181 -10.85 19.68 14.89
N VAL B 182 -12.04 20.19 15.17
CA VAL B 182 -12.25 21.60 15.36
C VAL B 182 -13.08 21.80 16.61
N HIS B 183 -12.49 22.53 17.56
CA HIS B 183 -13.10 22.80 18.86
C HIS B 183 -13.52 24.28 18.91
N ALA B 184 -14.74 24.53 19.36
CA ALA B 184 -15.31 25.90 19.44
C ALA B 184 -15.55 26.33 20.90
N VAL B 185 -14.70 27.22 21.39
CA VAL B 185 -14.87 27.74 22.75
C VAL B 185 -15.75 28.99 22.66
N ARG B 186 -16.74 29.10 23.55
CA ARG B 186 -17.58 30.32 23.57
C ARG B 186 -17.51 30.98 24.94
N LEU B 187 -16.83 32.12 25.01
CA LEU B 187 -16.48 32.68 26.31
C LEU B 187 -16.71 34.19 26.38
N ALA B 188 -17.39 34.64 27.43
CA ALA B 188 -17.55 36.06 27.64
C ALA B 188 -16.16 36.67 27.79
N GLY B 189 -15.98 37.90 27.29
CA GLY B 189 -14.70 38.57 27.40
C GLY B 189 -13.79 38.46 26.20
N LEU B 190 -14.04 37.47 25.35
CA LEU B 190 -13.28 37.23 24.13
C LEU B 190 -13.95 37.95 22.98
N VAL B 191 -13.26 37.99 21.83
CA VAL B 191 -13.82 38.51 20.56
C VAL B 191 -13.80 37.40 19.49
N ALA B 192 -12.73 37.32 18.69
CA ALA B 192 -12.58 36.26 17.67
C ALA B 192 -11.13 35.77 17.60
N HIS B 193 -10.90 34.50 17.87
CA HIS B 193 -9.56 33.95 18.06
C HIS B 193 -9.54 32.59 17.40
N GLN B 194 -8.42 32.23 16.81
CA GLN B 194 -8.26 30.89 16.25
C GLN B 194 -6.82 30.42 16.37
N GLU B 195 -6.68 29.18 16.82
CA GLU B 195 -5.37 28.53 16.98
C GLU B 195 -5.27 27.27 16.09
N VAL B 196 -4.18 27.15 15.32
CA VAL B 196 -3.93 25.94 14.55
C VAL B 196 -2.71 25.19 15.11
N LEU B 197 -2.93 23.96 15.55
CA LEU B 197 -1.93 23.17 16.25
C LEU B 197 -1.46 22.03 15.37
N PHE B 198 -0.15 21.98 15.16
CA PHE B 198 0.50 20.88 14.44
C PHE B 198 1.49 20.25 15.37
N GLY B 199 1.71 18.95 15.23
CA GLY B 199 2.70 18.32 16.08
C GLY B 199 3.09 16.95 15.59
N THR B 200 4.34 16.59 15.92
CA THR B 200 4.93 15.30 15.64
C THR B 200 5.73 15.04 16.89
N GLU B 201 5.96 13.79 17.28
CA GLU B 201 6.83 13.49 18.42
C GLU B 201 8.06 14.38 18.35
N GLY B 202 8.35 15.05 19.45
CA GLY B 202 9.48 15.95 19.48
C GLY B 202 9.15 17.44 19.46
N GLU B 203 8.07 17.85 18.78
CA GLU B 203 7.84 19.27 18.59
C GLU B 203 6.43 19.64 18.19
N THR B 204 5.95 20.79 18.66
CA THR B 204 4.71 21.34 18.14
C THR B 204 4.90 22.71 17.50
N LEU B 205 3.95 23.08 16.65
CA LEU B 205 3.93 24.38 16.00
C LEU B 205 2.51 24.93 16.09
N THR B 206 2.36 26.10 16.69
CA THR B 206 1.04 26.71 16.85
C THR B 206 1.00 28.07 16.17
N ILE B 207 -0.10 28.32 15.46
CA ILE B 207 -0.38 29.62 14.87
C ILE B 207 -1.70 30.17 15.40
N ARG B 208 -1.61 31.30 16.11
CA ARG B 208 -2.75 31.96 16.73
C ARG B 208 -3.09 33.32 16.09
N HIS B 209 -4.31 33.45 15.60
CA HIS B 209 -4.84 34.73 15.14
C HIS B 209 -5.92 35.27 16.05
N ASP B 210 -5.82 36.54 16.42
CA ASP B 210 -6.79 37.21 17.28
C ASP B 210 -7.27 38.48 16.58
N SER B 211 -8.57 38.54 16.26
CA SER B 211 -9.18 39.79 15.74
C SER B 211 -9.78 40.58 16.89
N LEU B 212 -9.58 41.87 16.89
CA LEU B 212 -9.93 42.66 18.08
C LEU B 212 -11.16 43.51 17.86
N ASP B 213 -11.39 43.82 16.58
CA ASP B 213 -12.58 44.51 16.08
C ASP B 213 -12.62 44.47 14.54
N ARG B 214 -13.55 45.23 13.97
CA ARG B 214 -13.76 45.26 12.54
C ARG B 214 -12.61 45.88 11.77
N THR B 215 -11.64 46.45 12.47
CA THR B 215 -10.56 47.11 11.74
C THR B 215 -9.50 46.11 11.30
N SER B 216 -9.74 44.83 11.56
CA SER B 216 -8.81 43.79 11.16
C SER B 216 -8.79 43.63 9.65
N PHE B 217 -9.86 44.06 8.98
CA PHE B 217 -9.98 43.87 7.52
C PHE B 217 -9.45 45.07 6.78
N VAL B 218 -9.35 46.20 7.47
CA VAL B 218 -8.95 47.47 6.86
C VAL B 218 -7.64 47.42 6.05
N PRO B 219 -6.52 47.03 6.67
CA PRO B 219 -5.29 47.05 5.87
C PRO B 219 -5.34 46.18 4.61
N GLY B 220 -5.99 45.03 4.70
CA GLY B 220 -6.15 44.12 3.54
C GLY B 220 -7.00 44.71 2.45
N VAL B 221 -8.12 45.30 2.81
CA VAL B 221 -8.94 46.03 1.84
C VAL B 221 -8.16 47.22 1.20
N LEU B 222 -7.50 48.03 2.04
CA LEU B 222 -6.80 49.21 1.53
C LEU B 222 -5.64 48.84 0.62
N LEU B 223 -4.95 47.75 0.98
CA LEU B 223 -3.89 47.19 0.15
C LEU B 223 -4.45 46.76 -1.20
N ALA B 224 -5.56 46.05 -1.18
CA ALA B 224 -6.21 45.63 -2.43
C ALA B 224 -6.57 46.84 -3.31
N VAL B 225 -7.13 47.87 -2.69
CA VAL B 225 -7.51 49.12 -3.34
C VAL B 225 -6.30 49.78 -4.02
N ARG B 226 -5.17 49.78 -3.29
CA ARG B 226 -3.95 50.41 -3.74
C ARG B 226 -3.30 49.67 -4.90
N ARG B 227 -3.40 48.36 -4.89
CA ARG B 227 -2.70 47.53 -5.85
C ARG B 227 -3.58 46.96 -6.97
N ILE B 228 -4.88 47.27 -6.90
CA ILE B 228 -5.87 46.64 -7.79
C ILE B 228 -5.54 46.61 -9.29
N ALA B 229 -5.03 47.72 -9.84
CA ALA B 229 -4.81 47.78 -11.29
C ALA B 229 -3.52 47.09 -11.76
N GLU B 230 -2.74 46.54 -10.83
CA GLU B 230 -1.52 45.80 -11.19
C GLU B 230 -1.85 44.59 -12.02
N ARG B 231 -2.94 43.92 -11.65
CA ARG B 231 -3.39 42.72 -12.31
C ARG B 231 -4.69 43.03 -13.00
N PRO B 232 -4.67 43.08 -14.35
CA PRO B 232 -5.90 43.22 -15.12
C PRO B 232 -6.79 41.98 -14.97
N GLY B 233 -8.09 42.23 -14.96
CA GLY B 233 -9.05 41.14 -14.81
C GLY B 233 -9.30 40.80 -13.36
N LEU B 234 -9.59 39.51 -13.14
CA LEU B 234 -10.07 39.00 -11.87
C LEU B 234 -8.97 38.30 -11.09
N THR B 235 -8.82 38.74 -9.85
CA THR B 235 -7.95 38.08 -8.91
C THR B 235 -8.83 37.57 -7.77
N VAL B 236 -8.67 36.30 -7.43
CA VAL B 236 -9.38 35.73 -6.29
C VAL B 236 -8.45 35.53 -5.09
N GLY B 237 -8.79 36.20 -4.00
CA GLY B 237 -8.00 36.09 -2.80
C GLY B 237 -6.97 37.20 -2.67
N LEU B 238 -6.48 37.37 -1.44
CA LEU B 238 -5.62 38.47 -1.08
C LEU B 238 -4.21 37.98 -1.15
N GLU B 239 -4.09 36.66 -0.99
CA GLU B 239 -2.81 35.96 -1.00
CA GLU B 239 -2.80 35.95 -1.02
C GLU B 239 -1.84 36.48 -2.09
N PRO B 240 -2.33 36.64 -3.35
CA PRO B 240 -1.42 37.18 -4.36
C PRO B 240 -0.79 38.52 -3.97
N LEU B 241 -1.55 39.39 -3.30
CA LEU B 241 -1.03 40.70 -2.89
C LEU B 241 -0.05 40.70 -1.71
N LEU B 242 0.11 39.55 -1.09
CA LEU B 242 0.93 39.46 0.10
C LEU B 242 2.28 38.94 -0.34
N ASP B 243 2.45 38.95 -1.66
CA ASP B 243 3.71 38.63 -2.32
C ASP B 243 4.43 37.52 -1.55
N LEU B 244 3.69 36.42 -1.37
CA LEU B 244 4.14 35.28 -0.59
C LEU B 244 5.09 34.42 -1.39
N HIS B 245 6.39 34.54 -1.08
N ALA C 1 15.13 13.00 55.63
CA ALA C 1 15.18 11.78 56.48
C ALA C 1 15.41 10.51 55.65
N ARG C 2 15.18 9.35 56.30
CA ARG C 2 15.42 8.03 55.70
C ARG C 2 14.11 7.51 55.11
N VAL C 3 14.18 7.20 53.80
CA VAL C 3 12.97 7.01 52.99
C VAL C 3 12.88 5.60 52.37
N GLY C 4 11.69 5.02 52.46
CA GLY C 4 11.38 3.75 51.79
C GLY C 4 10.34 3.97 50.70
N VAL C 5 10.34 3.07 49.71
CA VAL C 5 9.38 3.15 48.60
C VAL C 5 8.72 1.79 48.35
N LEU C 6 7.40 1.76 48.44
CA LEU C 6 6.61 0.57 48.08
C LEU C 6 6.10 0.72 46.66
N GLY C 7 6.06 -0.40 45.93
CA GLY C 7 5.86 -0.38 44.49
C GLY C 7 7.04 0.30 43.84
N ALA C 8 8.23 -0.18 44.20
CA ALA C 8 9.50 0.52 43.95
C ALA C 8 10.07 0.39 42.54
N LYS C 9 9.35 -0.33 41.68
CA LYS C 9 9.74 -0.42 40.29
C LYS C 9 8.57 -0.21 39.34
N GLY C 10 7.48 0.34 39.88
CA GLY C 10 6.34 0.75 39.08
C GLY C 10 6.59 2.10 38.46
N LYS C 11 5.73 2.49 37.51
CA LYS C 11 5.83 3.76 36.82
C LYS C 11 6.20 4.92 37.76
N VAL C 12 5.40 5.12 38.81
CA VAL C 12 5.64 6.22 39.76
C VAL C 12 6.71 5.83 40.79
N GLY C 13 6.68 4.58 41.25
CA GLY C 13 7.61 4.08 42.26
C GLY C 13 9.07 4.19 41.86
N ALA C 14 9.36 3.75 40.63
CA ALA C 14 10.72 3.79 40.09
C ALA C 14 11.24 5.23 39.94
N THR C 15 10.32 6.14 39.66
CA THR C 15 10.60 7.57 39.58
C THR C 15 10.95 8.15 40.96
N MET C 16 10.26 7.67 41.99
CA MET C 16 10.47 8.12 43.37
C MET C 16 11.77 7.58 43.95
N VAL C 17 12.22 6.45 43.40
CA VAL C 17 13.49 5.86 43.79
C VAL C 17 14.64 6.79 43.42
N ARG C 18 14.65 7.24 42.17
CA ARG C 18 15.72 8.12 41.67
C ARG C 18 15.70 9.48 42.38
N ALA C 19 14.51 9.95 42.73
CA ALA C 19 14.29 11.28 43.30
C ALA C 19 14.79 11.44 44.73
N VAL C 20 14.59 10.41 45.55
CA VAL C 20 15.02 10.41 46.94
C VAL C 20 16.56 10.47 47.07
N ALA C 21 17.26 9.67 46.26
CA ALA C 21 18.72 9.68 46.22
C ALA C 21 19.27 11.01 45.71
N ALA C 22 18.60 11.58 44.72
CA ALA C 22 18.96 12.88 44.13
C ALA C 22 18.76 14.07 45.09
N ALA C 23 18.05 13.83 46.20
CA ALA C 23 17.83 14.86 47.21
C ALA C 23 18.95 14.88 48.26
N ASP C 24 19.32 16.08 48.71
CA ASP C 24 20.36 16.25 49.73
C ASP C 24 19.86 15.87 51.12
N ASP C 25 18.62 16.25 51.41
CA ASP C 25 17.97 16.02 52.70
C ASP C 25 17.62 14.56 52.94
N LEU C 26 17.60 13.76 51.86
CA LEU C 26 16.94 12.47 51.87
C LEU C 26 17.82 11.28 51.46
N THR C 27 17.75 10.22 52.26
CA THR C 27 18.54 9.03 52.03
C THR C 27 17.61 7.83 51.80
N LEU C 28 17.95 7.03 50.78
CA LEU C 28 17.18 5.84 50.45
C LEU C 28 17.47 4.70 51.42
N SER C 29 16.42 4.02 51.85
CA SER C 29 16.55 2.89 52.78
C SER C 29 16.00 1.57 52.22
N ALA C 30 14.73 1.59 51.79
CA ALA C 30 14.06 0.37 51.35
C ALA C 30 13.29 0.54 50.03
N GLU C 31 13.54 -0.38 49.09
CA GLU C 31 12.86 -0.40 47.79
C GLU C 31 12.11 -1.71 47.58
N LEU C 32 10.86 -1.76 48.02
CA LEU C 32 10.07 -2.99 47.91
C LEU C 32 9.05 -2.92 46.78
N ASP C 33 8.93 -4.03 46.05
CA ASP C 33 7.99 -4.15 44.93
C ASP C 33 7.11 -5.38 45.20
N ALA C 34 6.61 -6.00 44.13
CA ALA C 34 5.78 -7.21 44.22
C ALA C 34 6.57 -8.40 44.78
N GLY C 35 5.90 -9.20 45.60
CA GLY C 35 6.49 -10.42 46.15
C GLY C 35 7.44 -10.23 47.32
N ASP C 36 7.74 -8.97 47.64
CA ASP C 36 8.70 -8.64 48.71
C ASP C 36 8.07 -8.64 50.10
N PRO C 37 8.82 -9.14 51.11
CA PRO C 37 8.42 -9.02 52.52
C PRO C 37 8.55 -7.57 52.99
N LEU C 38 7.73 -7.18 53.98
CA LEU C 38 7.77 -5.82 54.52
C LEU C 38 8.82 -5.65 55.64
N SER C 39 9.51 -6.75 55.98
CA SER C 39 10.61 -6.76 56.97
C SER C 39 11.76 -5.81 56.62
N LEU C 40 12.01 -5.74 55.25
CA LEU C 40 13.06 -4.87 54.68
C LEU C 40 12.93 -3.39 55.05
N LEU C 41 11.74 -2.99 55.53
CA LEU C 41 11.51 -1.62 56.03
C LEU C 41 12.10 -1.48 57.43
N THR C 42 11.77 -2.46 58.29
CA THR C 42 12.29 -2.50 59.67
C THR C 42 13.78 -2.84 59.69
N ASP C 43 14.23 -3.59 58.68
CA ASP C 43 15.64 -3.97 58.52
C ASP C 43 16.48 -2.83 57.87
N GLY C 44 15.81 -1.75 57.36
CA GLY C 44 16.51 -0.62 56.71
C GLY C 44 16.46 0.70 57.48
N ASN C 45 15.88 0.61 58.69
CA ASN C 45 15.79 1.77 59.63
C ASN C 45 15.07 2.97 59.02
N THR C 46 14.01 2.68 58.28
CA THR C 46 13.27 3.69 57.53
C THR C 46 12.44 4.60 58.45
N GLU C 47 12.44 5.89 58.14
CA GLU C 47 11.58 6.85 58.85
C GLU C 47 10.28 7.13 58.09
N VAL C 48 10.36 7.21 56.76
CA VAL C 48 9.20 7.61 55.94
C VAL C 48 9.00 6.71 54.71
N VAL C 49 7.79 6.19 54.53
CA VAL C 49 7.44 5.35 53.36
C VAL C 49 6.47 6.00 52.35
N ILE C 50 6.84 5.88 51.07
CA ILE C 50 6.05 6.35 49.93
C ILE C 50 5.37 5.14 49.29
N ASP C 51 4.07 5.27 49.00
CA ASP C 51 3.32 4.14 48.45
C ASP C 51 2.58 4.48 47.16
N PHE C 52 3.07 3.90 46.05
CA PHE C 52 2.38 3.93 44.77
C PHE C 52 2.23 2.50 44.23
N THR C 53 1.32 1.73 44.83
CA THR C 53 1.15 0.31 44.48
C THR C 53 -0.16 0.00 43.72
N HIS C 54 -1.16 -0.49 44.44
CA HIS C 54 -2.41 -0.97 43.85
C HIS C 54 -3.51 -1.02 44.91
N PRO C 55 -4.74 -0.62 44.55
CA PRO C 55 -5.87 -0.63 45.50
C PRO C 55 -6.04 -1.94 46.29
N ASP C 56 -5.68 -3.07 45.67
CA ASP C 56 -5.88 -4.40 46.27
C ASP C 56 -4.87 -4.76 47.37
N VAL C 57 -3.76 -4.02 47.43
CA VAL C 57 -2.70 -4.32 48.40
C VAL C 57 -2.46 -3.22 49.44
N VAL C 58 -2.82 -1.98 49.11
CA VAL C 58 -2.45 -0.81 49.92
C VAL C 58 -2.97 -0.85 51.37
N MET C 59 -4.17 -1.38 51.56
CA MET C 59 -4.77 -1.47 52.89
C MET C 59 -3.95 -2.33 53.84
N GLY C 60 -3.42 -3.44 53.31
CA GLY C 60 -2.51 -4.31 54.05
C GLY C 60 -1.19 -3.62 54.37
N ASN C 61 -0.73 -2.77 53.46
CA ASN C 61 0.49 -1.96 53.64
C ASN C 61 0.39 -1.00 54.82
N LEU C 62 -0.76 -0.35 54.93
CA LEU C 62 -1.00 0.69 55.92
C LEU C 62 -1.15 0.12 57.33
N GLU C 63 -1.94 -0.96 57.45
CA GLU C 63 -2.08 -1.69 58.72
C GLU C 63 -0.71 -2.01 59.33
N PHE C 64 0.25 -2.31 58.47
CA PHE C 64 1.63 -2.58 58.89
C PHE C 64 2.35 -1.31 59.38
N LEU C 65 2.46 -0.30 58.50
CA LEU C 65 3.26 0.90 58.77
C LEU C 65 2.83 1.65 60.03
N ILE C 66 1.51 1.64 60.29
CA ILE C 66 0.94 2.26 61.48
C ILE C 66 1.33 1.48 62.74
N ASP C 67 1.09 0.17 62.72
CA ASP C 67 1.46 -0.73 63.83
C ASP C 67 2.99 -0.81 63.99
N ASN C 68 3.71 -0.09 63.14
CA ASN C 68 5.17 -0.05 63.21
C ASN C 68 5.70 1.25 63.82
N GLY C 69 5.92 2.24 62.96
CA GLY C 69 6.41 3.56 63.33
C GLY C 69 6.69 4.44 62.10
N ILE C 70 6.65 3.80 60.95
CA ILE C 70 7.05 4.51 59.72
C ILE C 70 5.87 5.33 59.14
N HIS C 71 6.13 6.60 58.86
CA HIS C 71 5.13 7.50 58.29
C HIS C 71 4.81 7.07 56.85
N ALA C 72 3.56 7.31 56.42
CA ALA C 72 3.10 6.88 55.10
C ALA C 72 2.52 7.98 54.19
N VAL C 73 3.14 8.12 53.03
CA VAL C 73 2.70 9.05 51.98
C VAL C 73 2.14 8.19 50.83
N VAL C 74 0.82 8.21 50.66
CA VAL C 74 0.16 7.27 49.76
C VAL C 74 -0.50 7.92 48.54
N GLY C 75 -0.04 7.54 47.36
CA GLY C 75 -0.56 8.05 46.11
C GLY C 75 -1.53 7.10 45.44
N THR C 76 -1.38 5.81 45.76
CA THR C 76 -2.26 4.75 45.28
C THR C 76 -3.75 5.16 45.34
N THR C 77 -4.46 4.94 44.23
CA THR C 77 -5.87 5.34 44.14
C THR C 77 -6.84 4.24 44.59
N GLY C 78 -8.13 4.44 44.32
CA GLY C 78 -9.19 3.55 44.77
C GLY C 78 -9.41 3.70 46.27
N PHE C 79 -10.17 4.73 46.64
CA PHE C 79 -10.46 5.02 48.04
C PHE C 79 -11.92 5.44 48.27
N THR C 80 -12.54 4.85 49.28
CA THR C 80 -13.92 5.21 49.67
C THR C 80 -13.95 5.77 51.09
N ALA C 81 -15.11 6.32 51.48
CA ALA C 81 -15.31 6.91 52.81
C ALA C 81 -15.13 5.90 53.95
N GLU C 82 -15.61 4.68 53.73
CA GLU C 82 -15.44 3.58 54.69
C GLU C 82 -13.98 3.13 54.78
N ARG C 83 -13.19 3.41 53.75
CA ARG C 83 -11.77 3.05 53.72
C ARG C 83 -10.92 3.95 54.59
N PHE C 84 -11.27 5.24 54.65
CA PHE C 84 -10.54 6.21 55.46
C PHE C 84 -10.78 5.99 56.96
N GLN C 85 -12.02 5.65 57.30
CA GLN C 85 -12.37 5.32 58.68
C GLN C 85 -11.47 4.23 59.25
N GLN C 86 -11.04 3.31 58.38
CA GLN C 86 -10.14 2.23 58.77
C GLN C 86 -8.75 2.74 59.07
N VAL C 87 -8.29 3.71 58.27
CA VAL C 87 -6.99 4.33 58.48
C VAL C 87 -7.00 5.17 59.76
N GLU C 88 -8.01 6.04 59.90
CA GLU C 88 -8.26 6.81 61.13
C GLU C 88 -8.33 5.90 62.37
N SER C 89 -9.02 4.76 62.24
CA SER C 89 -9.21 3.79 63.32
C SER C 89 -7.90 3.19 63.83
N TRP C 90 -6.98 2.88 62.91
CA TRP C 90 -5.66 2.36 63.25
C TRP C 90 -4.81 3.44 63.94
N LEU C 91 -5.07 4.70 63.58
CA LEU C 91 -4.33 5.85 64.11
C LEU C 91 -4.88 6.33 65.46
N VAL C 92 -6.09 5.92 65.80
CA VAL C 92 -6.68 6.24 67.10
C VAL C 92 -5.78 5.72 68.21
N ALA C 93 -5.45 4.42 68.15
CA ALA C 93 -4.61 3.77 69.14
C ALA C 93 -3.13 4.13 68.99
N LYS C 94 -2.72 4.54 67.79
CA LYS C 94 -1.33 4.92 67.50
C LYS C 94 -1.26 6.38 67.05
N PRO C 95 -1.16 7.31 68.03
CA PRO C 95 -1.30 8.76 67.79
C PRO C 95 0.02 9.48 67.49
N ASN C 96 1.05 8.70 67.16
CA ASN C 96 2.41 9.23 66.99
C ASN C 96 2.85 9.23 65.53
N THR C 97 2.28 8.31 64.73
CA THR C 97 2.63 8.19 63.31
C THR C 97 1.66 8.99 62.45
N SER C 98 2.20 9.67 61.44
CA SER C 98 1.42 10.49 60.51
C SER C 98 1.23 9.80 59.17
N VAL C 99 0.03 9.96 58.60
CA VAL C 99 -0.29 9.43 57.26
C VAL C 99 -0.92 10.51 56.36
N LEU C 100 -0.63 10.43 55.06
CA LEU C 100 -1.22 11.31 54.06
C LEU C 100 -1.62 10.48 52.84
N ILE C 101 -2.82 10.75 52.32
CA ILE C 101 -3.28 10.11 51.08
C ILE C 101 -3.70 11.19 50.10
N ALA C 102 -3.15 11.15 48.88
CA ALA C 102 -3.48 12.12 47.86
C ALA C 102 -3.80 11.49 46.50
N PRO C 103 -4.93 11.90 45.90
CA PRO C 103 -5.37 11.52 44.55
C PRO C 103 -4.53 12.16 43.46
N ASN C 104 -3.84 13.25 43.82
CA ASN C 104 -2.95 13.95 42.89
C ASN C 104 -1.80 14.58 43.66
N PHE C 105 -0.60 14.05 43.51
CA PHE C 105 0.59 14.66 44.11
C PHE C 105 1.31 15.70 43.22
N ALA C 106 0.68 16.13 42.13
CA ALA C 106 1.31 17.10 41.28
C ALA C 106 0.88 18.45 41.79
N ILE C 107 1.83 19.19 42.33
CA ILE C 107 1.55 20.48 42.98
C ILE C 107 0.81 21.47 42.05
N GLY C 108 1.31 21.62 40.82
CA GLY C 108 0.69 22.52 39.84
C GLY C 108 -0.71 22.06 39.50
N ALA C 109 -0.94 20.75 39.51
CA ALA C 109 -2.28 20.22 39.23
C ALA C 109 -3.26 20.56 40.39
N VAL C 110 -2.75 20.46 41.61
CA VAL C 110 -3.52 20.74 42.80
C VAL C 110 -3.78 22.24 42.89
N LEU C 111 -2.77 23.03 42.55
CA LEU C 111 -2.93 24.47 42.52
C LEU C 111 -3.93 24.89 41.45
N SER C 112 -3.81 24.37 40.22
CA SER C 112 -4.79 24.68 39.16
C SER C 112 -6.22 24.46 39.62
N MET C 113 -6.46 23.28 40.21
CA MET C 113 -7.82 22.92 40.58
CA MET C 113 -7.81 22.89 40.62
C MET C 113 -8.36 23.87 41.62
N HIS C 114 -7.50 24.23 42.58
CA HIS C 114 -7.91 25.10 43.65
C HIS C 114 -8.23 26.51 43.10
N PHE C 115 -7.36 27.03 42.24
CA PHE C 115 -7.56 28.34 41.63
C PHE C 115 -8.83 28.36 40.80
N ALA C 116 -9.04 27.30 40.01
CA ALA C 116 -10.28 27.14 39.22
C ALA C 116 -11.51 27.22 40.13
N LYS C 117 -11.45 26.54 41.28
CA LYS C 117 -12.52 26.51 42.25
C LYS C 117 -12.75 27.91 42.83
N GLN C 118 -11.67 28.65 43.08
CA GLN C 118 -11.82 29.99 43.64
C GLN C 118 -12.33 30.96 42.60
N ALA C 119 -11.92 30.75 41.35
CA ALA C 119 -12.21 31.69 40.26
C ALA C 119 -13.63 31.50 39.71
N ALA C 120 -14.09 30.25 39.74
CA ALA C 120 -15.36 29.87 39.13
C ALA C 120 -16.51 30.83 39.43
N ARG C 121 -16.55 31.30 40.66
CA ARG C 121 -17.61 32.13 41.22
C ARG C 121 -17.76 33.51 40.55
N PHE C 122 -16.69 33.97 39.91
CA PHE C 122 -16.56 35.38 39.54
C PHE C 122 -16.63 35.64 38.05
N PHE C 123 -16.93 34.63 37.25
CA PHE C 123 -16.94 34.79 35.79
C PHE C 123 -18.20 34.23 35.16
N ASP C 124 -18.66 34.87 34.09
CA ASP C 124 -19.84 34.42 33.38
C ASP C 124 -19.60 33.09 32.68
N SER C 125 -18.41 32.90 32.13
CA SER C 125 -18.10 31.68 31.36
C SER C 125 -16.94 30.90 31.95
N ALA C 126 -17.03 29.56 31.86
CA ALA C 126 -15.93 28.63 32.19
C ALA C 126 -15.90 27.52 31.17
N GLU C 127 -14.72 27.23 30.62
CA GLU C 127 -14.50 26.01 29.80
C GLU C 127 -13.14 25.40 30.08
N VAL C 128 -13.03 24.11 29.80
CA VAL C 128 -11.78 23.36 29.96
C VAL C 128 -11.31 22.89 28.58
N ILE C 129 -10.02 23.07 28.35
CA ILE C 129 -9.33 22.47 27.23
C ILE C 129 -8.20 21.63 27.84
N GLU C 130 -8.15 20.38 27.43
CA GLU C 130 -7.05 19.53 27.81
C GLU C 130 -6.43 18.99 26.53
N LEU C 131 -5.11 18.83 26.58
CA LEU C 131 -4.36 18.47 25.41
C LEU C 131 -3.39 17.37 25.80
N HIS C 132 -3.44 16.25 25.08
CA HIS C 132 -2.63 15.09 25.42
C HIS C 132 -2.00 14.50 24.18
N HIS C 133 -1.00 13.67 24.38
CA HIS C 133 -0.42 12.82 23.34
C HIS C 133 -1.53 11.95 22.71
N PRO C 134 -1.26 11.41 21.50
CA PRO C 134 -2.31 10.70 20.77
C PRO C 134 -2.47 9.21 21.14
N HIS C 135 -1.84 8.77 22.24
CA HIS C 135 -1.98 7.39 22.72
C HIS C 135 -2.95 7.29 23.89
N LYS C 136 -3.59 8.41 24.21
CA LYS C 136 -4.52 8.42 25.31
C LYS C 136 -5.86 7.82 24.89
N ALA C 137 -6.32 6.86 25.69
CA ALA C 137 -7.53 6.09 25.42
C ALA C 137 -8.78 6.86 25.77
N ASP C 138 -8.72 7.64 26.84
CA ASP C 138 -9.91 8.29 27.41
C ASP C 138 -10.05 9.75 27.02
N ALA C 139 -11.22 10.16 26.56
CA ALA C 139 -11.49 11.57 26.26
C ALA C 139 -12.82 12.02 26.83
N PRO C 140 -12.82 13.07 27.68
CA PRO C 140 -11.65 13.80 28.19
C PRO C 140 -10.90 13.02 29.25
N SER C 141 -9.75 13.56 29.67
CA SER C 141 -8.95 12.96 30.76
C SER C 141 -9.69 12.95 32.08
N GLY C 142 -9.17 12.16 33.03
CA GLY C 142 -9.79 12.09 34.34
C GLY C 142 -9.71 13.43 35.03
N THR C 143 -8.55 14.07 34.85
CA THR C 143 -8.27 15.37 35.42
C THR C 143 -9.19 16.46 34.88
N ALA C 144 -9.49 16.42 33.59
CA ALA C 144 -10.34 17.44 32.98
C ALA C 144 -11.81 17.26 33.37
N ALA C 145 -12.28 16.01 33.39
CA ALA C 145 -13.62 15.64 33.86
C ALA C 145 -13.84 16.03 35.32
N ARG C 146 -12.83 15.76 36.13
CA ARG C 146 -12.87 16.14 37.54
C ARG C 146 -12.84 17.66 37.70
N THR C 147 -11.93 18.35 37.02
CA THR C 147 -11.91 19.81 37.04
C THR C 147 -13.27 20.41 36.62
N ALA C 148 -13.81 19.97 35.50
CA ALA C 148 -15.11 20.40 35.05
C ALA C 148 -16.19 20.21 36.15
N LYS C 149 -16.21 19.02 36.76
CA LYS C 149 -17.21 18.75 37.79
C LYS C 149 -17.07 19.66 38.99
N LEU C 150 -15.84 20.01 39.31
CA LEU C 150 -15.57 20.84 40.47
C LEU C 150 -15.93 22.30 40.22
N ILE C 151 -15.63 22.77 39.03
CA ILE C 151 -15.96 24.15 38.62
C ILE C 151 -17.47 24.29 38.59
N ALA C 152 -18.15 23.28 38.05
CA ALA C 152 -19.60 23.26 37.99
C ALA C 152 -20.21 23.30 39.38
N GLU C 153 -19.60 22.61 40.34
CA GLU C 153 -20.10 22.66 41.71
C GLU C 153 -19.89 24.06 42.28
N ALA C 154 -18.73 24.65 41.98
CA ALA C 154 -18.43 25.99 42.46
C ALA C 154 -19.42 27.03 41.86
N ARG C 155 -20.07 26.64 40.77
CA ARG C 155 -20.95 27.53 40.01
C ARG C 155 -22.43 27.27 40.19
N LYS C 156 -22.79 26.40 41.13
CA LYS C 156 -24.18 25.95 41.22
C LYS C 156 -25.18 27.05 41.56
N GLY C 157 -24.67 28.19 42.04
CA GLY C 157 -25.48 29.34 42.37
C GLY C 157 -25.45 30.42 41.31
N LEU C 158 -24.90 30.11 40.13
CA LEU C 158 -24.83 31.06 39.01
C LEU C 158 -25.57 30.55 37.76
N PRO C 159 -25.93 31.47 36.83
CA PRO C 159 -26.61 31.04 35.65
C PRO C 159 -25.66 30.16 34.84
N PRO C 160 -26.19 29.41 33.87
CA PRO C 160 -25.29 28.65 33.00
C PRO C 160 -24.38 29.56 32.16
N ASN C 161 -23.35 28.97 31.52
CA ASN C 161 -22.51 29.70 30.58
C ASN C 161 -23.41 30.29 29.51
N PRO C 162 -23.24 31.60 29.19
CA PRO C 162 -23.97 32.19 28.06
C PRO C 162 -23.50 31.56 26.75
N ASP C 163 -24.42 31.39 25.80
CA ASP C 163 -24.10 30.73 24.56
C ASP C 163 -25.26 30.89 23.61
N ALA C 164 -25.06 31.77 22.62
CA ALA C 164 -26.06 31.98 21.56
C ALA C 164 -25.95 30.99 20.40
N THR C 165 -25.09 29.98 20.48
CA THR C 165 -25.00 29.00 19.38
C THR C 165 -26.43 28.64 18.92
N SER C 166 -26.72 28.81 17.64
CA SER C 166 -28.00 28.39 17.07
C SER C 166 -27.84 27.43 15.88
N THR C 167 -26.58 27.26 15.47
CA THR C 167 -26.22 26.35 14.40
C THR C 167 -24.83 25.81 14.71
N SER C 168 -24.69 24.49 14.82
CA SER C 168 -23.38 23.91 15.02
C SER C 168 -23.24 22.54 14.42
N LEU C 169 -22.00 22.17 14.14
CA LEU C 169 -21.66 20.82 13.77
C LEU C 169 -21.51 19.99 15.04
N PRO C 170 -21.94 18.72 15.01
CA PRO C 170 -21.82 17.85 16.21
C PRO C 170 -20.43 17.85 16.79
N GLY C 171 -20.34 18.04 18.10
CA GLY C 171 -19.06 17.99 18.80
C GLY C 171 -18.28 19.29 18.90
N ALA C 172 -18.68 20.32 18.15
CA ALA C 172 -17.91 21.57 18.08
C ALA C 172 -17.72 22.22 19.45
N ARG C 173 -18.76 22.13 20.29
CA ARG C 173 -18.84 22.78 21.61
C ARG C 173 -18.31 21.93 22.76
N GLY C 174 -17.69 20.81 22.43
CA GLY C 174 -17.04 19.99 23.44
C GLY C 174 -17.96 19.00 24.11
N ALA C 175 -17.44 18.28 25.09
CA ALA C 175 -18.24 17.45 25.99
C ALA C 175 -18.87 18.35 27.02
N ASP C 176 -20.14 18.15 27.28
CA ASP C 176 -20.81 18.89 28.34
C ASP C 176 -20.71 18.11 29.65
N VAL C 177 -19.86 18.58 30.55
CA VAL C 177 -19.63 17.90 31.81
C VAL C 177 -20.21 18.74 32.94
N ASP C 178 -21.45 18.43 33.31
CA ASP C 178 -22.19 19.20 34.34
C ASP C 178 -22.30 20.67 33.91
N GLY C 179 -22.53 20.92 32.61
CA GLY C 179 -22.69 22.27 32.10
C GLY C 179 -21.39 22.98 31.73
N ILE C 180 -20.24 22.32 31.90
CA ILE C 180 -18.94 22.95 31.55
C ILE C 180 -18.44 22.27 30.28
N PRO C 181 -18.23 23.03 29.20
CA PRO C 181 -17.59 22.45 28.02
C PRO C 181 -16.14 21.98 28.27
N VAL C 182 -15.86 20.74 27.88
CA VAL C 182 -14.52 20.19 27.95
C VAL C 182 -14.17 19.75 26.53
N HIS C 183 -13.05 20.28 26.03
CA HIS C 183 -12.50 19.96 24.71
C HIS C 183 -11.23 19.13 24.92
N ALA C 184 -10.99 18.15 24.05
CA ALA C 184 -9.87 17.23 24.19
C ALA C 184 -9.02 17.17 22.90
N VAL C 185 -7.79 17.66 22.99
CA VAL C 185 -6.91 17.72 21.84
C VAL C 185 -5.98 16.49 21.97
N ARG C 186 -5.69 15.83 20.86
CA ARG C 186 -4.81 14.66 20.82
C ARG C 186 -3.83 14.93 19.69
N LEU C 187 -2.61 15.26 20.07
CA LEU C 187 -1.63 15.79 19.12
C LEU C 187 -0.29 15.18 19.38
N ALA C 188 0.29 14.54 18.37
CA ALA C 188 1.65 14.06 18.43
C ALA C 188 2.55 15.23 18.83
N GLY C 189 3.59 14.97 19.63
CA GLY C 189 4.45 16.03 20.11
C GLY C 189 4.03 16.57 21.48
N LEU C 190 2.79 16.34 21.88
CA LEU C 190 2.34 16.77 23.21
C LEU C 190 2.49 15.66 24.24
N VAL C 191 2.33 16.01 25.52
CA VAL C 191 2.33 15.03 26.60
C VAL C 191 1.02 15.13 27.40
N ALA C 192 0.94 16.02 28.40
CA ALA C 192 -0.27 16.20 29.22
C ALA C 192 -0.44 17.65 29.63
N HIS C 193 -1.52 18.26 29.18
CA HIS C 193 -1.71 19.71 29.30
C HIS C 193 -3.17 20.01 29.61
N GLN C 194 -3.40 20.98 30.46
CA GLN C 194 -4.77 21.41 30.70
C GLN C 194 -4.82 22.90 30.93
N GLU C 195 -5.74 23.53 30.22
CA GLU C 195 -6.08 24.94 30.39
C GLU C 195 -7.49 25.05 30.96
N VAL C 196 -7.66 25.93 31.94
CA VAL C 196 -8.98 26.30 32.43
C VAL C 196 -9.21 27.77 32.04
N LEU C 197 -10.28 28.03 31.30
CA LEU C 197 -10.60 29.33 30.73
C LEU C 197 -11.81 29.94 31.40
N PHE C 198 -11.62 31.11 31.98
CA PHE C 198 -12.71 31.91 32.56
C PHE C 198 -12.88 33.20 31.80
N GLY C 199 -14.12 33.66 31.65
CA GLY C 199 -14.35 34.89 30.95
C GLY C 199 -15.60 35.59 31.41
N THR C 200 -15.55 36.91 31.36
CA THR C 200 -16.66 37.74 31.76
C THR C 200 -16.50 39.01 30.94
N GLU C 201 -17.48 39.90 31.01
CA GLU C 201 -17.45 41.10 30.20
C GLU C 201 -16.15 41.88 30.49
N GLY C 202 -15.36 42.14 29.44
CA GLY C 202 -14.14 42.95 29.53
C GLY C 202 -12.85 42.31 30.05
N GLU C 203 -12.89 41.02 30.40
CA GLU C 203 -11.67 40.33 30.84
C GLU C 203 -11.74 38.78 30.82
N THR C 204 -10.58 38.14 30.69
CA THR C 204 -10.49 36.69 30.81
C THR C 204 -9.36 36.27 31.73
N LEU C 205 -9.48 35.07 32.27
CA LEU C 205 -8.48 34.55 33.18
C LEU C 205 -8.25 33.10 32.81
N THR C 206 -6.99 32.73 32.59
CA THR C 206 -6.63 31.40 32.11
C THR C 206 -5.57 30.79 33.01
N ILE C 207 -5.76 29.52 33.33
CA ILE C 207 -4.85 28.76 34.16
C ILE C 207 -4.35 27.55 33.37
N ARG C 208 -3.04 27.47 33.19
CA ARG C 208 -2.51 26.37 32.42
C ARG C 208 -1.53 25.52 33.23
N HIS C 209 -1.78 24.22 33.27
CA HIS C 209 -0.85 23.25 33.84
C HIS C 209 -0.27 22.37 32.75
N ASP C 210 1.06 22.32 32.68
CA ASP C 210 1.77 21.49 31.72
C ASP C 210 2.64 20.44 32.44
N SER C 211 2.40 19.16 32.18
CA SER C 211 3.30 18.09 32.64
C SER C 211 4.07 17.50 31.46
N LEU C 212 5.39 17.47 31.58
CA LEU C 212 6.21 16.94 30.49
C LEU C 212 6.72 15.52 30.74
N ASP C 213 6.44 14.96 31.92
CA ASP C 213 6.79 13.57 32.27
C ASP C 213 6.29 13.21 33.69
N ARG C 214 6.53 11.97 34.10
CA ARG C 214 6.06 11.44 35.40
C ARG C 214 6.82 11.98 36.62
N THR C 215 7.62 13.03 36.41
CA THR C 215 8.28 13.70 37.54
C THR C 215 7.45 14.88 38.04
N SER C 216 6.33 15.14 37.38
CA SER C 216 5.37 16.13 37.85
C SER C 216 4.90 15.83 39.25
N PHE C 217 4.85 14.54 39.60
CA PHE C 217 4.43 14.10 40.92
C PHE C 217 5.51 14.30 42.00
N VAL C 218 6.77 14.34 41.57
CA VAL C 218 7.92 14.20 42.50
C VAL C 218 7.98 15.26 43.64
N PRO C 219 8.01 16.56 43.29
CA PRO C 219 8.05 17.59 44.32
C PRO C 219 6.88 17.49 45.30
N GLY C 220 5.65 17.30 44.80
CA GLY C 220 4.47 17.05 45.65
C GLY C 220 4.68 15.98 46.69
N VAL C 221 5.15 14.80 46.25
CA VAL C 221 5.42 13.65 47.12
C VAL C 221 6.56 13.95 48.10
N LEU C 222 7.66 14.49 47.56
CA LEU C 222 8.82 14.87 48.39
C LEU C 222 8.48 15.97 49.39
N LEU C 223 7.64 16.92 48.98
CA LEU C 223 7.07 17.87 49.92
C LEU C 223 6.36 17.11 51.04
N ALA C 224 5.50 16.16 50.68
CA ALA C 224 4.70 15.40 51.64
C ALA C 224 5.54 14.49 52.52
N VAL C 225 6.79 14.27 52.11
CA VAL C 225 7.71 13.43 52.89
C VAL C 225 8.48 14.32 53.86
N ARG C 226 9.05 15.40 53.31
CA ARG C 226 9.80 16.39 54.08
C ARG C 226 8.95 17.02 55.18
N ARG C 227 7.64 16.81 55.10
CA ARG C 227 6.70 17.57 55.92
C ARG C 227 5.69 16.68 56.69
N ILE C 228 5.72 15.37 56.44
CA ILE C 228 4.78 14.47 57.11
C ILE C 228 4.98 14.38 58.63
N ALA C 229 6.18 14.73 59.10
CA ALA C 229 6.48 14.74 60.53
C ALA C 229 5.74 15.85 61.28
N GLU C 230 5.36 16.91 60.56
CA GLU C 230 4.68 18.06 61.16
C GLU C 230 3.30 17.72 61.74
N ARG C 231 2.33 17.44 60.87
CA ARG C 231 0.98 17.10 61.35
C ARG C 231 0.78 15.60 61.57
N PRO C 232 0.27 15.23 62.77
CA PRO C 232 -0.05 13.84 63.14
C PRO C 232 -1.41 13.38 62.64
N GLY C 233 -1.67 12.08 62.78
CA GLY C 233 -2.91 11.45 62.30
C GLY C 233 -2.98 11.38 60.78
N LEU C 234 -4.20 11.17 60.28
CA LEU C 234 -4.46 11.17 58.83
C LEU C 234 -4.69 12.58 58.28
N THR C 235 -4.11 12.84 57.10
CA THR C 235 -4.41 14.04 56.31
C THR C 235 -4.69 13.63 54.86
N VAL C 236 -5.86 14.04 54.35
CA VAL C 236 -6.28 13.72 52.99
C VAL C 236 -5.99 14.90 52.07
N GLY C 237 -5.29 14.62 50.97
CA GLY C 237 -4.97 15.62 49.96
C GLY C 237 -3.67 16.35 50.22
N LEU C 238 -3.15 16.98 49.18
CA LEU C 238 -1.94 17.80 49.29
C LEU C 238 -2.24 19.26 49.73
N GLU C 239 -3.51 19.69 49.62
CA GLU C 239 -3.93 21.09 49.87
C GLU C 239 -3.65 21.70 51.26
N PRO C 240 -3.86 20.95 52.36
CA PRO C 240 -3.39 21.38 53.68
C PRO C 240 -1.91 21.84 53.71
N LEU C 241 -1.03 21.11 53.02
CA LEU C 241 0.40 21.42 53.01
C LEU C 241 0.74 22.60 52.12
N LEU C 242 -0.18 22.96 51.25
CA LEU C 242 0.03 24.07 50.33
C LEU C 242 -0.53 25.37 50.89
N ASP C 243 -0.93 25.34 52.16
CA ASP C 243 -1.52 26.49 52.85
C ASP C 243 -2.62 27.14 52.02
N LEU C 244 -3.46 26.27 51.45
CA LEU C 244 -4.52 26.64 50.52
C LEU C 244 -5.82 26.65 51.30
N HIS C 245 -6.38 25.43 51.39
CA HIS C 245 -7.43 25.08 52.32
C HIS C 245 -6.76 24.25 53.44
N ALA D 1 -29.58 50.93 47.42
CA ALA D 1 -28.92 52.20 47.90
C ALA D 1 -28.93 53.24 46.82
N ARG D 2 -28.90 54.49 47.24
CA ARG D 2 -28.83 55.61 46.30
C ARG D 2 -27.37 55.91 46.04
N VAL D 3 -27.01 55.81 44.76
CA VAL D 3 -25.64 55.87 44.36
C VAL D 3 -25.43 57.02 43.41
N GLY D 4 -24.38 57.80 43.70
CA GLY D 4 -23.95 58.87 42.83
C GLY D 4 -22.65 58.47 42.20
N VAL D 5 -22.36 59.07 41.06
CA VAL D 5 -21.09 58.86 40.38
C VAL D 5 -20.35 60.20 40.22
N LEU D 6 -19.10 60.24 40.65
CA LEU D 6 -18.24 61.39 40.43
C LEU D 6 -17.32 61.01 39.31
N GLY D 7 -17.20 61.90 38.31
CA GLY D 7 -16.53 61.59 37.07
C GLY D 7 -17.51 60.93 36.10
N ALA D 8 -18.79 61.33 36.18
CA ALA D 8 -19.89 60.68 35.42
C ALA D 8 -19.74 60.63 33.90
N LYS D 9 -18.97 61.56 33.33
CA LYS D 9 -18.75 61.64 31.89
C LYS D 9 -17.43 61.06 31.41
N GLY D 10 -16.60 60.60 32.37
CA GLY D 10 -15.30 60.03 32.04
C GLY D 10 -15.38 58.65 31.43
N LYS D 11 -14.24 58.12 31.01
CA LYS D 11 -14.19 56.80 30.37
C LYS D 11 -14.73 55.69 31.26
N VAL D 12 -14.29 55.65 32.52
CA VAL D 12 -14.80 54.64 33.45
C VAL D 12 -16.12 55.08 34.10
N GLY D 13 -16.19 56.38 34.42
CA GLY D 13 -17.35 56.96 35.10
C GLY D 13 -18.65 56.77 34.33
N ALA D 14 -18.60 56.94 33.01
CA ALA D 14 -19.80 56.78 32.17
C ALA D 14 -20.24 55.33 32.20
N THR D 15 -19.25 54.44 32.23
CA THR D 15 -19.47 53.01 32.33
C THR D 15 -20.20 52.69 33.63
N MET D 16 -19.80 53.36 34.70
CA MET D 16 -20.36 53.11 36.02
C MET D 16 -21.76 53.66 36.14
N VAL D 17 -22.01 54.87 35.60
CA VAL D 17 -23.36 55.41 35.51
C VAL D 17 -24.35 54.38 34.90
N ARG D 18 -24.02 53.87 33.72
CA ARG D 18 -24.80 52.84 33.04
C ARG D 18 -25.06 51.59 33.87
N ALA D 19 -24.02 51.09 34.56
CA ALA D 19 -24.13 49.90 35.40
C ALA D 19 -24.95 50.16 36.67
N VAL D 20 -24.80 51.34 37.29
CA VAL D 20 -25.61 51.67 38.46
C VAL D 20 -27.06 51.79 38.03
N ALA D 21 -27.28 52.38 36.84
CA ALA D 21 -28.64 52.50 36.28
C ALA D 21 -29.25 51.13 35.99
N ALA D 22 -28.49 50.26 35.33
CA ALA D 22 -28.97 48.92 34.95
C ALA D 22 -29.14 48.00 36.16
N ALA D 23 -28.40 48.25 37.24
CA ALA D 23 -28.49 47.43 38.46
C ALA D 23 -29.81 47.69 39.18
N ASP D 24 -30.64 46.66 39.32
CA ASP D 24 -31.97 46.81 39.94
C ASP D 24 -32.00 47.11 41.45
N ASP D 25 -30.89 46.81 42.14
CA ASP D 25 -30.81 47.03 43.57
C ASP D 25 -30.25 48.40 43.92
N LEU D 26 -29.77 49.12 42.90
CA LEU D 26 -29.13 50.42 43.12
C LEU D 26 -29.91 51.48 42.38
N THR D 27 -30.04 52.64 43.02
CA THR D 27 -30.76 53.75 42.42
C THR D 27 -29.76 54.85 42.12
N LEU D 28 -29.53 55.12 40.83
CA LEU D 28 -28.65 56.22 40.43
C LEU D 28 -29.25 57.56 40.89
N SER D 29 -28.55 58.26 41.77
CA SER D 29 -29.12 59.47 42.42
C SER D 29 -28.42 60.76 42.00
N ALA D 30 -27.26 60.63 41.36
CA ALA D 30 -26.45 61.80 40.97
C ALA D 30 -25.37 61.45 39.97
N GLU D 31 -25.15 62.35 39.01
CA GLU D 31 -24.11 62.20 38.02
C GLU D 31 -23.39 63.53 37.93
N LEU D 32 -22.21 63.60 38.55
CA LEU D 32 -21.44 64.84 38.60
C LEU D 32 -20.19 64.70 37.77
N ASP D 33 -19.88 65.74 37.00
CA ASP D 33 -18.60 65.82 36.34
C ASP D 33 -17.95 67.18 36.67
N ALA D 34 -17.00 67.61 35.84
CA ALA D 34 -16.30 68.88 36.00
C ALA D 34 -17.26 70.07 36.05
N GLY D 35 -17.10 70.90 37.07
CA GLY D 35 -17.94 72.10 37.23
C GLY D 35 -19.26 71.86 37.94
N ASP D 36 -19.55 70.62 38.30
CA ASP D 36 -20.75 70.31 39.07
C ASP D 36 -20.44 70.46 40.54
N PRO D 37 -21.29 71.20 41.27
CA PRO D 37 -21.04 71.37 42.70
C PRO D 37 -21.35 70.08 43.46
N LEU D 38 -20.59 69.80 44.51
CA LEU D 38 -20.76 68.58 45.29
C LEU D 38 -22.12 68.55 46.00
N SER D 39 -22.73 69.74 46.13
CA SER D 39 -24.04 69.91 46.71
C SER D 39 -25.09 69.08 45.95
N LEU D 40 -24.80 68.73 44.70
CA LEU D 40 -25.72 67.90 43.91
C LEU D 40 -25.88 66.52 44.53
N LEU D 41 -24.84 66.05 45.22
CA LEU D 41 -24.85 64.72 45.83
C LEU D 41 -25.87 64.70 46.94
N THR D 42 -25.83 65.74 47.77
CA THR D 42 -26.71 65.81 48.92
C THR D 42 -28.14 66.17 48.54
N ASP D 43 -28.33 66.94 47.46
CA ASP D 43 -29.66 67.25 46.93
C ASP D 43 -30.36 65.97 46.48
N GLY D 44 -29.57 65.04 45.92
CA GLY D 44 -30.10 63.73 45.51
C GLY D 44 -30.27 62.69 46.60
N ASN D 45 -29.92 63.02 47.85
CA ASN D 45 -29.90 62.07 48.95
C ASN D 45 -29.05 60.83 48.64
N THR D 46 -27.89 61.09 48.07
CA THR D 46 -26.91 60.07 47.75
C THR D 46 -26.38 59.45 49.04
N GLU D 47 -26.27 58.14 49.01
CA GLU D 47 -25.83 57.34 50.14
C GLU D 47 -24.41 56.83 49.94
N VAL D 48 -24.05 56.57 48.67
CA VAL D 48 -22.76 56.02 48.27
C VAL D 48 -22.36 56.67 46.96
N VAL D 49 -21.07 56.94 46.81
CA VAL D 49 -20.51 57.47 45.58
C VAL D 49 -19.38 56.59 45.05
N ILE D 50 -19.38 56.45 43.74
CA ILE D 50 -18.30 55.89 42.96
C ILE D 50 -17.51 57.06 42.41
N ASP D 51 -16.21 57.09 42.69
CA ASP D 51 -15.35 58.18 42.22
C ASP D 51 -14.30 57.64 41.25
N PHE D 52 -14.41 58.08 39.99
CA PHE D 52 -13.40 57.83 38.96
C PHE D 52 -13.12 59.16 38.32
N THR D 53 -12.25 59.96 38.93
CA THR D 53 -11.98 61.32 38.47
C THR D 53 -10.51 61.47 38.14
N HIS D 54 -9.76 62.08 39.05
CA HIS D 54 -8.36 62.43 38.84
C HIS D 54 -7.74 62.63 40.19
N PRO D 55 -6.48 62.19 40.36
CA PRO D 55 -5.73 62.37 41.60
C PRO D 55 -5.71 63.81 42.13
N ASP D 56 -5.84 64.78 41.23
CA ASP D 56 -5.78 66.19 41.57
C ASP D 56 -7.03 66.66 42.31
N VAL D 57 -8.13 65.93 42.21
CA VAL D 57 -9.41 66.40 42.79
C VAL D 57 -10.03 65.48 43.85
N VAL D 58 -9.52 64.25 43.91
CA VAL D 58 -10.19 63.20 44.69
C VAL D 58 -10.15 63.46 46.21
N MET D 59 -9.09 64.10 46.70
CA MET D 59 -8.99 64.37 48.14
C MET D 59 -10.06 65.34 48.60
N GLY D 60 -10.25 66.44 47.86
CA GLY D 60 -11.37 67.37 48.10
C GLY D 60 -12.75 66.76 47.96
N ASN D 61 -12.96 65.93 46.94
CA ASN D 61 -14.19 65.12 46.84
C ASN D 61 -14.41 64.26 48.09
N LEU D 62 -13.36 63.51 48.47
CA LEU D 62 -13.42 62.61 49.62
C LEU D 62 -13.67 63.33 50.93
N GLU D 63 -13.07 64.50 51.11
CA GLU D 63 -13.33 65.33 52.26
C GLU D 63 -14.82 65.68 52.37
N PHE D 64 -15.40 66.14 51.26
CA PHE D 64 -16.83 66.45 51.26
C PHE D 64 -17.69 65.23 51.56
N LEU D 65 -17.36 64.10 50.94
CA LEU D 65 -18.19 62.88 51.10
C LEU D 65 -18.18 62.43 52.55
N ILE D 66 -16.98 62.34 53.11
CA ILE D 66 -16.80 61.94 54.50
C ILE D 66 -17.52 62.93 55.44
N ASP D 67 -17.31 64.22 55.24
CA ASP D 67 -17.94 65.20 56.10
C ASP D 67 -19.46 65.03 56.11
N ASN D 68 -20.01 64.57 55.00
CA ASN D 68 -21.44 64.48 54.83
C ASN D 68 -21.97 63.10 55.07
N GLY D 69 -21.08 62.19 55.45
CA GLY D 69 -21.47 60.83 55.83
C GLY D 69 -21.83 59.94 54.65
N ILE D 70 -21.30 60.27 53.48
CA ILE D 70 -21.61 59.51 52.27
C ILE D 70 -20.48 58.53 52.03
N HIS D 71 -20.81 57.25 52.00
CA HIS D 71 -19.84 56.23 51.67
C HIS D 71 -19.17 56.46 50.30
N ALA D 72 -17.94 55.98 50.18
CA ALA D 72 -17.18 56.24 48.97
C ALA D 72 -16.44 55.02 48.51
N VAL D 73 -16.56 54.73 47.22
CA VAL D 73 -15.89 53.64 46.55
C VAL D 73 -15.04 54.34 45.52
N VAL D 74 -13.74 54.32 45.73
CA VAL D 74 -12.83 55.14 44.93
C VAL D 74 -11.96 54.29 44.02
N GLY D 75 -12.07 54.51 42.70
CA GLY D 75 -11.15 53.86 41.76
C GLY D 75 -10.00 54.78 41.36
N THR D 76 -10.19 56.08 41.56
CA THR D 76 -9.20 57.06 41.23
C THR D 76 -7.88 56.65 41.88
N THR D 77 -6.80 56.82 41.11
CA THR D 77 -5.48 56.33 41.52
C THR D 77 -4.68 57.47 42.11
N GLY D 78 -3.38 57.25 42.31
CA GLY D 78 -2.52 58.25 42.94
C GLY D 78 -2.52 58.21 44.47
N PHE D 79 -3.14 57.20 45.07
CA PHE D 79 -3.17 57.13 46.53
C PHE D 79 -1.86 56.68 47.17
N THR D 80 -1.37 57.49 48.09
CA THR D 80 -0.13 57.26 48.79
C THR D 80 -0.46 57.02 50.25
N ALA D 81 0.56 56.64 51.02
CA ALA D 81 0.40 56.36 52.45
C ALA D 81 -0.12 57.61 53.14
N GLU D 82 0.42 58.76 52.76
CA GLU D 82 0.00 60.04 53.30
C GLU D 82 -1.48 60.34 52.98
N ARG D 83 -1.89 60.03 51.75
CA ARG D 83 -3.29 60.22 51.38
C ARG D 83 -4.20 59.27 52.12
N PHE D 84 -3.78 58.02 52.28
CA PHE D 84 -4.53 57.05 53.07
C PHE D 84 -4.68 57.50 54.51
N GLN D 85 -3.58 58.03 55.10
CA GLN D 85 -3.57 58.54 56.48
C GLN D 85 -4.52 59.71 56.64
N GLN D 86 -4.60 60.55 55.62
CA GLN D 86 -5.47 61.72 55.67
C GLN D 86 -6.94 61.29 55.62
N VAL D 87 -7.21 60.26 54.81
CA VAL D 87 -8.55 59.71 54.72
C VAL D 87 -8.97 59.16 56.08
N GLU D 88 -8.08 58.41 56.73
CA GLU D 88 -8.34 57.88 58.07
C GLU D 88 -8.56 58.95 59.14
N SER D 89 -7.80 60.06 59.08
CA SER D 89 -8.05 61.19 59.95
C SER D 89 -9.46 61.75 59.78
N TRP D 90 -9.91 61.89 58.55
CA TRP D 90 -11.22 62.44 58.27
C TRP D 90 -12.32 61.53 58.79
N LEU D 91 -12.09 60.22 58.68
CA LEU D 91 -13.07 59.22 59.06
C LEU D 91 -13.27 59.09 60.57
N VAL D 92 -12.27 59.52 61.33
CA VAL D 92 -12.32 59.59 62.79
C VAL D 92 -13.56 60.36 63.24
N ALA D 93 -13.93 61.41 62.50
CA ALA D 93 -15.07 62.25 62.81
C ALA D 93 -16.41 61.66 62.34
N LYS D 94 -16.36 60.58 61.57
CA LYS D 94 -17.57 60.01 60.93
C LYS D 94 -17.53 58.50 61.08
N PRO D 95 -17.68 58.01 62.33
CA PRO D 95 -17.43 56.59 62.62
C PRO D 95 -18.35 55.61 61.90
N ASN D 96 -19.37 56.11 61.23
CA ASN D 96 -20.32 55.24 60.52
C ASN D 96 -20.16 55.27 59.02
N THR D 97 -19.22 56.09 58.56
CA THR D 97 -18.97 56.24 57.14
C THR D 97 -17.86 55.29 56.72
N SER D 98 -18.01 54.72 55.54
CA SER D 98 -17.05 53.77 55.00
C SER D 98 -16.44 54.26 53.72
N VAL D 99 -15.17 53.96 53.55
CA VAL D 99 -14.47 54.31 52.32
C VAL D 99 -13.70 53.08 51.86
N LEU D 100 -13.87 52.70 50.59
CA LEU D 100 -13.05 51.66 49.98
C LEU D 100 -12.32 52.20 48.77
N ILE D 101 -10.99 52.10 48.83
CA ILE D 101 -10.12 52.60 47.77
C ILE D 101 -9.43 51.39 47.20
N ALA D 102 -9.59 51.17 45.89
CA ALA D 102 -8.88 50.06 45.22
C ALA D 102 -8.04 50.52 44.03
N PRO D 103 -6.76 50.12 44.00
CA PRO D 103 -5.87 50.45 42.88
C PRO D 103 -6.16 49.59 41.64
N ASN D 104 -6.82 48.46 41.85
CA ASN D 104 -7.24 47.62 40.73
C ASN D 104 -8.62 47.02 41.00
N PHE D 105 -9.59 47.46 40.21
CA PHE D 105 -10.96 46.99 40.39
C PHE D 105 -11.32 45.82 39.52
N ALA D 106 -10.38 45.29 38.74
CA ALA D 106 -10.68 44.10 37.94
C ALA D 106 -10.51 42.90 38.82
N ILE D 107 -11.63 42.24 39.14
CA ILE D 107 -11.61 41.01 39.91
C ILE D 107 -10.62 39.96 39.36
N GLY D 108 -10.54 39.85 38.03
CA GLY D 108 -9.66 38.85 37.44
C GLY D 108 -8.20 39.18 37.70
N ALA D 109 -7.89 40.46 37.82
CA ALA D 109 -6.51 40.90 38.12
C ALA D 109 -6.17 40.58 39.57
N VAL D 110 -7.12 40.89 40.46
CA VAL D 110 -6.97 40.66 41.89
C VAL D 110 -6.83 39.15 42.18
N LEU D 111 -7.67 38.33 41.57
CA LEU D 111 -7.56 36.90 41.66
C LEU D 111 -6.18 36.43 41.17
N SER D 112 -5.76 36.92 40.02
CA SER D 112 -4.51 36.42 39.47
C SER D 112 -3.34 36.80 40.35
N MET D 113 -3.38 37.96 40.99
CA MET D 113 -2.35 38.32 41.98
CA MET D 113 -2.36 38.32 41.97
C MET D 113 -2.38 37.38 43.19
N HIS D 114 -3.57 37.15 43.73
CA HIS D 114 -3.74 36.18 44.82
C HIS D 114 -3.17 34.79 44.47
N PHE D 115 -3.45 34.34 43.25
CA PHE D 115 -3.05 33.01 42.86
C PHE D 115 -1.53 32.94 42.72
N ALA D 116 -0.93 34.00 42.17
CA ALA D 116 0.51 34.04 42.02
C ALA D 116 1.21 33.92 43.37
N LYS D 117 0.68 34.65 44.35
CA LYS D 117 1.17 34.66 45.71
C LYS D 117 1.08 33.26 46.30
N GLN D 118 -0.03 32.57 46.05
CA GLN D 118 -0.26 31.23 46.64
C GLN D 118 0.59 30.12 46.01
N ALA D 119 0.94 30.31 44.73
CA ALA D 119 1.70 29.32 44.01
C ALA D 119 3.18 29.49 44.24
N ALA D 120 3.60 30.71 44.55
CA ALA D 120 5.01 31.13 44.46
C ALA D 120 6.02 30.26 45.23
N ARG D 121 5.64 29.77 46.42
CA ARG D 121 6.59 28.98 47.23
C ARG D 121 6.81 27.55 46.75
N PHE D 122 6.05 27.10 45.74
CA PHE D 122 6.03 25.67 45.44
C PHE D 122 6.60 25.29 44.09
N PHE D 123 7.36 26.21 43.50
CA PHE D 123 8.08 25.97 42.24
C PHE D 123 9.50 26.53 42.33
N ASP D 124 10.41 25.95 41.53
CA ASP D 124 11.80 26.40 41.48
C ASP D 124 11.93 27.80 40.87
N SER D 125 11.15 28.06 39.81
CA SER D 125 11.28 29.25 38.98
C SER D 125 9.99 30.05 38.93
N ALA D 126 10.15 31.38 38.82
CA ALA D 126 9.04 32.28 38.64
C ALA D 126 9.48 33.51 37.82
N GLU D 127 8.69 33.83 36.78
CA GLU D 127 8.85 35.06 36.00
C GLU D 127 7.49 35.62 35.61
N VAL D 128 7.52 36.88 35.20
CA VAL D 128 6.33 37.57 34.81
C VAL D 128 6.57 38.08 33.40
N ILE D 129 5.63 37.82 32.50
CA ILE D 129 5.54 38.49 31.23
C ILE D 129 4.28 39.37 31.23
N GLU D 130 4.46 40.64 30.94
CA GLU D 130 3.33 41.52 30.76
C GLU D 130 3.37 42.06 29.33
N LEU D 131 2.19 42.31 28.76
CA LEU D 131 2.09 42.70 27.39
C LEU D 131 1.06 43.82 27.32
N HIS D 132 1.45 44.98 26.76
CA HIS D 132 0.53 46.10 26.61
C HIS D 132 0.61 46.74 25.24
N HIS D 133 -0.41 47.54 24.95
CA HIS D 133 -0.46 48.46 23.81
C HIS D 133 0.79 49.37 23.79
N PRO D 134 1.21 49.81 22.59
CA PRO D 134 2.47 50.52 22.45
C PRO D 134 2.41 52.01 22.85
N HIS D 135 1.31 52.44 23.49
CA HIS D 135 1.21 53.79 24.08
C HIS D 135 1.47 53.82 25.60
N LYS D 136 1.86 52.69 26.17
CA LYS D 136 2.13 52.56 27.60
C LYS D 136 3.43 53.26 27.97
N ALA D 137 3.37 54.19 28.90
CA ALA D 137 4.55 54.96 29.30
C ALA D 137 5.54 54.20 30.19
N ASP D 138 5.03 53.33 31.05
CA ASP D 138 5.89 52.64 32.03
C ASP D 138 6.12 51.15 31.77
N ALA D 139 7.39 50.76 31.81
CA ALA D 139 7.80 49.36 31.69
C ALA D 139 8.73 48.93 32.84
N PRO D 140 8.32 47.92 33.62
CA PRO D 140 7.06 47.17 33.50
C PRO D 140 5.88 47.93 34.07
N SER D 141 4.68 47.46 33.78
CA SER D 141 3.48 48.08 34.33
C SER D 141 3.53 48.04 35.84
N GLY D 142 2.72 48.87 36.48
CA GLY D 142 2.59 48.89 37.93
C GLY D 142 2.22 47.52 38.46
N THR D 143 1.25 46.90 37.81
CA THR D 143 0.72 45.60 38.19
C THR D 143 1.76 44.47 38.14
N ALA D 144 2.60 44.48 37.10
CA ALA D 144 3.63 43.46 36.95
C ALA D 144 4.72 43.64 38.02
N ALA D 145 5.11 44.90 38.24
CA ALA D 145 6.09 45.23 39.26
C ALA D 145 5.55 44.83 40.63
N ARG D 146 4.27 45.09 40.86
CA ARG D 146 3.64 44.73 42.14
C ARG D 146 3.62 43.21 42.30
N THR D 147 3.27 42.51 41.22
CA THR D 147 3.23 41.06 41.18
C THR D 147 4.58 40.42 41.47
N ALA D 148 5.63 40.97 40.89
CA ALA D 148 6.96 40.41 41.07
C ALA D 148 7.44 40.63 42.49
N LYS D 149 7.11 41.78 43.07
CA LYS D 149 7.40 42.10 44.47
C LYS D 149 6.67 41.15 45.42
N LEU D 150 5.39 40.92 45.18
CA LEU D 150 4.63 39.91 45.93
C LEU D 150 5.22 38.50 45.84
N ILE D 151 5.51 38.06 44.63
CA ILE D 151 6.09 36.74 44.39
C ILE D 151 7.41 36.57 45.14
N ALA D 152 8.28 37.58 45.05
CA ALA D 152 9.57 37.60 45.79
C ALA D 152 9.39 37.53 47.32
N GLU D 153 8.40 38.27 47.81
CA GLU D 153 8.13 38.29 49.25
C GLU D 153 7.63 36.90 49.65
N ALA D 154 6.70 36.36 48.85
CA ALA D 154 6.19 35.02 49.08
C ALA D 154 7.32 33.99 49.16
N ARG D 155 8.35 34.13 48.33
CA ARG D 155 9.46 33.17 48.21
C ARG D 155 10.61 33.43 49.19
N LYS D 156 10.41 34.34 50.15
CA LYS D 156 11.47 34.66 51.11
C LYS D 156 11.92 33.40 51.87
N GLY D 157 13.23 33.19 51.94
CA GLY D 157 13.77 32.00 52.59
C GLY D 157 14.06 30.84 51.65
N LEU D 158 13.57 30.96 50.41
CA LEU D 158 13.74 29.91 49.40
C LEU D 158 14.84 30.29 48.40
N PRO D 159 15.43 29.28 47.70
CA PRO D 159 16.48 29.54 46.73
C PRO D 159 16.04 30.43 45.57
N PRO D 160 16.94 31.32 45.10
CA PRO D 160 16.61 32.14 43.94
C PRO D 160 16.28 31.28 42.74
N ASN D 161 15.57 31.84 41.77
CA ASN D 161 15.42 31.20 40.47
C ASN D 161 16.76 30.62 39.98
N PRO D 162 16.76 29.33 39.59
CA PRO D 162 17.94 28.74 38.90
C PRO D 162 18.17 29.41 37.56
N ASP D 163 19.42 29.71 37.24
CA ASP D 163 19.74 30.36 35.98
C ASP D 163 21.23 30.27 35.71
N ALA D 164 21.58 29.51 34.66
CA ALA D 164 22.97 29.32 34.26
C ALA D 164 23.47 30.36 33.25
N THR D 165 22.64 31.35 32.89
CA THR D 165 23.08 32.40 31.96
C THR D 165 24.49 32.93 32.30
N SER D 166 25.42 32.80 31.33
CA SER D 166 26.77 33.34 31.47
C SER D 166 27.15 34.32 30.35
N THR D 167 26.43 34.25 29.23
CA THR D 167 26.58 35.22 28.15
C THR D 167 25.19 35.75 27.73
N SER D 168 25.01 37.07 27.72
CA SER D 168 23.73 37.63 27.33
C SER D 168 23.87 38.99 26.72
N LEU D 169 22.94 39.33 25.83
CA LEU D 169 22.81 40.67 25.34
C LEU D 169 22.13 41.46 26.46
N PRO D 170 22.48 42.76 26.58
CA PRO D 170 21.81 43.56 27.61
C PRO D 170 20.29 43.54 27.48
N GLY D 171 19.62 43.15 28.56
CA GLY D 171 18.17 43.22 28.67
C GLY D 171 17.39 41.96 28.38
N ALA D 172 18.08 40.94 27.86
CA ALA D 172 17.42 39.68 27.48
C ALA D 172 16.61 39.03 28.62
N ARG D 173 17.16 39.05 29.83
CA ARG D 173 16.58 38.35 30.95
C ARG D 173 15.59 39.23 31.70
N GLY D 174 15.18 40.33 31.08
CA GLY D 174 14.11 41.17 31.63
C GLY D 174 14.55 42.12 32.71
N ALA D 175 13.57 42.84 33.27
CA ALA D 175 13.84 43.64 34.48
C ALA D 175 13.87 42.70 35.68
N ASP D 176 14.86 42.92 36.54
CA ASP D 176 14.94 42.24 37.84
C ASP D 176 14.19 43.04 38.92
N VAL D 177 13.06 42.48 39.38
CA VAL D 177 12.33 43.01 40.53
C VAL D 177 12.50 42.00 41.67
N ASP D 178 13.37 42.35 42.61
CA ASP D 178 13.67 41.51 43.77
C ASP D 178 13.97 40.05 43.42
N GLY D 179 14.70 39.85 42.33
CA GLY D 179 15.09 38.52 41.92
C GLY D 179 14.09 37.80 41.01
N ILE D 180 13.03 38.50 40.60
CA ILE D 180 11.99 37.92 39.73
C ILE D 180 12.02 38.64 38.38
N PRO D 181 12.42 37.93 37.31
CA PRO D 181 12.44 38.53 35.96
C PRO D 181 11.06 39.00 35.48
N VAL D 182 10.99 40.23 34.99
CA VAL D 182 9.76 40.80 34.41
C VAL D 182 10.02 41.29 33.00
N HIS D 183 9.29 40.71 32.04
CA HIS D 183 9.45 41.01 30.61
C HIS D 183 8.24 41.83 30.16
N ALA D 184 8.50 42.91 29.42
CA ALA D 184 7.46 43.85 28.99
C ALA D 184 7.40 43.97 27.46
N VAL D 185 6.30 43.49 26.92
CA VAL D 185 6.03 43.48 25.49
C VAL D 185 5.10 44.67 25.18
N ARG D 186 5.48 45.44 24.16
CA ARG D 186 4.73 46.56 23.67
C ARG D 186 4.28 46.26 22.25
N LEU D 187 2.99 46.05 22.06
CA LEU D 187 2.56 45.55 20.78
C LEU D 187 1.26 46.20 20.37
N ALA D 188 1.27 46.83 19.20
CA ALA D 188 0.04 47.31 18.58
C ALA D 188 -1.04 46.21 18.63
N GLY D 189 -2.29 46.60 18.88
CA GLY D 189 -3.35 45.61 18.92
C GLY D 189 -3.58 44.96 20.27
N LEU D 190 -2.60 45.03 21.17
CA LEU D 190 -2.83 44.54 22.54
C LEU D 190 -3.57 45.58 23.38
N VAL D 191 -4.08 45.16 24.55
CA VAL D 191 -4.61 46.09 25.53
C VAL D 191 -3.73 46.00 26.79
N ALA D 192 -4.11 45.15 27.74
CA ALA D 192 -3.36 44.91 28.96
C ALA D 192 -3.46 43.41 29.32
N HIS D 193 -2.30 42.80 29.47
CA HIS D 193 -2.13 41.36 29.57
C HIS D 193 -0.93 41.05 30.47
N GLN D 194 -1.04 40.00 31.25
CA GLN D 194 0.02 39.59 32.13
C GLN D 194 -0.09 38.10 32.35
N GLU D 195 1.05 37.44 32.24
CA GLU D 195 1.19 36.03 32.40
C GLU D 195 2.25 35.82 33.50
N VAL D 196 1.88 35.10 34.53
CA VAL D 196 2.85 34.65 35.52
C VAL D 196 3.24 33.18 35.26
N LEU D 197 4.53 32.92 35.19
CA LEU D 197 5.02 31.58 34.88
C LEU D 197 5.72 31.00 36.11
N PHE D 198 5.35 29.77 36.43
CA PHE D 198 6.00 28.99 37.49
C PHE D 198 6.42 27.65 36.90
N GLY D 199 7.61 27.18 37.30
CA GLY D 199 8.15 25.93 36.84
C GLY D 199 9.08 25.20 37.81
N THR D 200 9.04 23.87 37.71
CA THR D 200 10.01 22.94 38.30
C THR D 200 10.17 21.84 37.25
N GLU D 201 11.31 21.15 37.30
CA GLU D 201 11.49 19.97 36.47
C GLU D 201 10.20 19.12 36.52
N GLY D 202 9.69 18.79 35.35
CA GLY D 202 8.50 17.97 35.27
C GLY D 202 7.14 18.67 35.25
N GLU D 203 7.11 20.01 35.37
CA GLU D 203 5.80 20.70 35.32
C GLU D 203 5.86 22.21 35.39
N THR D 204 4.93 22.86 34.71
CA THR D 204 4.87 24.30 34.78
C THR D 204 3.44 24.70 35.04
N LEU D 205 3.27 25.88 35.62
CA LEU D 205 1.97 26.44 35.89
C LEU D 205 1.97 27.88 35.44
N THR D 206 0.92 28.28 34.74
CA THR D 206 0.81 29.60 34.15
C THR D 206 -0.57 30.23 34.47
N ILE D 207 -0.56 31.48 34.87
CA ILE D 207 -1.77 32.25 35.12
C ILE D 207 -1.76 33.47 34.19
N ARG D 208 -2.73 33.51 33.27
CA ARG D 208 -2.80 34.54 32.25
C ARG D 208 -4.03 35.38 32.50
N HIS D 209 -3.83 36.66 32.74
CA HIS D 209 -4.91 37.61 32.79
C HIS D 209 -4.90 38.48 31.54
N ASP D 210 -6.04 38.54 30.86
CA ASP D 210 -6.22 39.43 29.73
C ASP D 210 -7.31 40.46 30.02
N SER D 211 -6.94 41.73 29.91
CA SER D 211 -7.85 42.80 30.19
C SER D 211 -8.17 43.42 28.84
N LEU D 212 -9.39 43.22 28.36
CA LEU D 212 -9.79 43.72 27.05
C LEU D 212 -10.55 45.07 27.09
N ASP D 213 -11.21 45.32 28.22
CA ASP D 213 -12.14 46.40 28.23
C ASP D 213 -12.52 46.87 29.65
N ARG D 214 -12.98 48.12 29.77
CA ARG D 214 -13.24 48.77 31.06
C ARG D 214 -14.49 48.27 31.76
N THR D 215 -15.31 47.50 31.05
CA THR D 215 -16.47 46.86 31.63
C THR D 215 -16.00 45.82 32.64
N SER D 216 -14.74 45.41 32.53
CA SER D 216 -14.13 44.50 33.49
C SER D 216 -14.09 45.05 34.91
N PHE D 217 -14.06 46.38 35.05
CA PHE D 217 -14.02 47.02 36.37
C PHE D 217 -15.35 47.03 37.07
N VAL D 218 -16.42 46.86 36.32
CA VAL D 218 -17.78 46.98 36.87
C VAL D 218 -18.13 46.03 38.04
N PRO D 219 -17.91 44.71 37.88
CA PRO D 219 -18.27 43.82 39.01
C PRO D 219 -17.54 44.13 40.31
N GLY D 220 -16.28 44.56 40.20
CA GLY D 220 -15.46 44.91 41.35
C GLY D 220 -16.03 46.11 42.06
N VAL D 221 -16.31 47.15 41.29
CA VAL D 221 -16.89 48.38 41.84
C VAL D 221 -18.25 48.15 42.52
N LEU D 222 -19.20 47.53 41.79
CA LEU D 222 -20.52 47.21 42.32
C LEU D 222 -20.49 46.29 43.53
N LEU D 223 -19.53 45.38 43.58
CA LEU D 223 -19.36 44.54 44.78
C LEU D 223 -18.98 45.42 45.97
N ALA D 224 -18.11 46.39 45.74
CA ALA D 224 -17.69 47.31 46.79
C ALA D 224 -18.84 48.24 47.21
N VAL D 225 -19.61 48.74 46.23
CA VAL D 225 -20.78 49.56 46.54
C VAL D 225 -21.78 48.81 47.45
N ARG D 226 -22.07 47.55 47.12
CA ARG D 226 -23.06 46.74 47.81
C ARG D 226 -22.62 46.35 49.20
N ARG D 227 -21.30 46.20 49.35
CA ARG D 227 -20.72 45.74 50.62
C ARG D 227 -20.11 46.86 51.44
N ILE D 228 -20.26 48.10 50.98
CA ILE D 228 -19.45 49.21 51.50
C ILE D 228 -19.54 49.37 53.03
N ALA D 229 -20.75 49.32 53.56
CA ALA D 229 -21.02 49.60 54.97
C ALA D 229 -20.63 48.45 55.93
N GLU D 230 -20.11 47.35 55.40
CA GLU D 230 -19.76 46.19 56.21
C GLU D 230 -18.56 46.48 57.09
N ARG D 231 -17.65 47.30 56.56
CA ARG D 231 -16.44 47.72 57.26
C ARG D 231 -16.45 49.24 57.39
N PRO D 232 -16.69 49.77 58.61
CA PRO D 232 -16.56 51.19 58.88
C PRO D 232 -15.10 51.61 58.70
N GLY D 233 -14.88 52.89 58.42
CA GLY D 233 -13.53 53.33 58.15
C GLY D 233 -13.07 52.97 56.74
N LEU D 234 -11.75 52.98 56.58
CA LEU D 234 -11.09 52.83 55.30
C LEU D 234 -10.74 51.38 55.02
N THR D 235 -11.12 50.90 53.84
CA THR D 235 -10.59 49.62 53.38
C THR D 235 -9.77 49.90 52.13
N VAL D 236 -8.55 49.38 52.10
CA VAL D 236 -7.71 49.47 50.90
C VAL D 236 -7.66 48.14 50.15
N GLY D 237 -8.11 48.15 48.90
CA GLY D 237 -8.09 46.97 48.06
C GLY D 237 -9.42 46.26 47.98
N LEU D 238 -9.56 45.45 46.92
CA LEU D 238 -10.77 44.67 46.68
C LEU D 238 -10.71 43.27 47.33
N GLU D 239 -9.49 42.79 47.55
CA GLU D 239 -9.22 41.44 48.08
C GLU D 239 -10.18 40.96 49.18
N PRO D 240 -10.42 41.79 50.24
CA PRO D 240 -11.26 41.38 51.37
C PRO D 240 -12.73 41.07 51.02
N LEU D 241 -13.25 41.70 49.96
CA LEU D 241 -14.63 41.48 49.53
C LEU D 241 -14.77 40.22 48.70
N LEU D 242 -13.65 39.63 48.32
CA LEU D 242 -13.67 38.44 47.47
C LEU D 242 -13.74 37.17 48.31
N ASP D 243 -13.54 37.30 49.61
CA ASP D 243 -13.67 36.19 50.57
C ASP D 243 -12.81 35.02 50.14
N LEU D 244 -11.50 35.24 50.11
CA LEU D 244 -10.57 34.26 49.58
C LEU D 244 -9.89 33.41 50.66
N HIS D 245 -10.32 33.59 51.91
CA HIS D 245 -9.75 32.82 53.02
C HIS D 245 -10.85 32.07 53.77
N ALA E 1 30.81 -39.36 2.95
CA ALA E 1 29.89 -40.26 3.73
C ALA E 1 29.88 -41.66 3.15
N ARG E 2 29.70 -42.64 4.05
CA ARG E 2 29.58 -44.03 3.64
C ARG E 2 28.12 -44.40 3.35
N VAL E 3 27.85 -44.65 2.08
CA VAL E 3 26.48 -44.80 1.60
C VAL E 3 26.23 -46.21 1.07
N GLY E 4 25.17 -46.85 1.54
CA GLY E 4 24.69 -48.11 0.99
C GLY E 4 23.43 -47.96 0.15
N VAL E 5 23.20 -48.89 -0.77
CA VAL E 5 21.93 -48.89 -1.49
C VAL E 5 21.12 -50.16 -1.16
N LEU E 6 19.86 -49.96 -0.78
CA LEU E 6 18.90 -51.04 -0.67
C LEU E 6 18.14 -51.08 -1.99
N GLY E 7 18.14 -52.24 -2.64
CA GLY E 7 17.49 -52.34 -3.94
C GLY E 7 18.52 -52.15 -5.02
N ALA E 8 19.76 -52.48 -4.69
CA ALA E 8 20.94 -52.17 -5.49
C ALA E 8 20.88 -52.76 -6.90
N LYS E 9 20.11 -53.83 -7.08
CA LYS E 9 19.97 -54.45 -8.39
C LYS E 9 18.64 -54.06 -9.06
N GLY E 10 17.94 -53.11 -8.45
CA GLY E 10 16.66 -52.66 -8.96
C GLY E 10 16.82 -51.62 -10.04
N LYS E 11 15.74 -51.34 -10.76
CA LYS E 11 15.83 -50.38 -11.87
C LYS E 11 16.39 -49.05 -11.41
N VAL E 12 15.86 -48.52 -10.32
CA VAL E 12 16.33 -47.24 -9.81
C VAL E 12 17.60 -47.41 -8.95
N GLY E 13 17.65 -48.44 -8.11
CA GLY E 13 18.79 -48.70 -7.26
C GLY E 13 20.10 -48.87 -8.02
N ALA E 14 20.04 -49.56 -9.16
CA ALA E 14 21.22 -49.76 -9.99
C ALA E 14 21.77 -48.40 -10.42
N THR E 15 20.86 -47.49 -10.77
CA THR E 15 21.20 -46.11 -11.11
C THR E 15 21.85 -45.35 -9.96
N MET E 16 21.34 -45.56 -8.75
CA MET E 16 21.84 -44.89 -7.56
C MET E 16 23.19 -45.44 -7.18
N VAL E 17 23.37 -46.75 -7.32
CA VAL E 17 24.67 -47.40 -7.10
C VAL E 17 25.74 -46.75 -7.98
N ARG E 18 25.52 -46.71 -9.28
CA ARG E 18 26.43 -46.05 -10.21
C ARG E 18 26.70 -44.60 -9.82
N ALA E 19 25.67 -43.86 -9.44
CA ALA E 19 25.84 -42.45 -9.15
C ALA E 19 26.67 -42.24 -7.87
N VAL E 20 26.47 -43.10 -6.86
CA VAL E 20 27.20 -42.99 -5.60
C VAL E 20 28.64 -43.40 -5.79
N ALA E 21 28.88 -44.52 -6.48
CA ALA E 21 30.24 -44.93 -6.84
C ALA E 21 30.98 -43.81 -7.61
N ALA E 22 30.31 -43.18 -8.58
CA ALA E 22 30.88 -42.10 -9.38
C ALA E 22 31.14 -40.84 -8.57
N ALA E 23 30.31 -40.58 -7.56
CA ALA E 23 30.48 -39.43 -6.66
C ALA E 23 31.80 -39.57 -5.91
N ASP E 24 32.69 -38.58 -6.07
CA ASP E 24 33.99 -38.59 -5.38
C ASP E 24 33.90 -38.37 -3.86
N ASP E 25 32.82 -37.70 -3.42
CA ASP E 25 32.63 -37.38 -1.99
C ASP E 25 31.90 -38.48 -1.23
N LEU E 26 31.32 -39.42 -1.96
CA LEU E 26 30.54 -40.47 -1.35
C LEU E 26 31.25 -41.81 -1.47
N THR E 27 31.32 -42.56 -0.37
CA THR E 27 31.88 -43.92 -0.44
C THR E 27 30.80 -45.00 -0.45
N LEU E 28 30.59 -45.64 -1.60
CA LEU E 28 29.64 -46.75 -1.69
C LEU E 28 30.10 -47.90 -0.77
N SER E 29 29.39 -48.09 0.35
CA SER E 29 29.85 -49.02 1.39
C SER E 29 29.13 -50.36 1.38
N ALA E 30 27.98 -50.42 0.70
CA ALA E 30 27.15 -51.62 0.61
C ALA E 30 26.15 -51.56 -0.56
N GLU E 31 25.84 -52.72 -1.12
CA GLU E 31 24.95 -52.85 -2.25
C GLU E 31 24.07 -54.04 -1.97
N LEU E 32 22.92 -53.79 -1.34
CA LEU E 32 22.04 -54.89 -0.95
C LEU E 32 20.85 -55.01 -1.89
N ASP E 33 20.54 -56.24 -2.26
CA ASP E 33 19.29 -56.54 -2.94
C ASP E 33 18.54 -57.66 -2.20
N ALA E 34 17.65 -58.36 -2.88
CA ALA E 34 16.81 -59.36 -2.24
C ALA E 34 17.63 -60.52 -1.70
N GLY E 35 17.39 -60.87 -0.44
CA GLY E 35 18.13 -61.95 0.19
C GLY E 35 19.46 -61.58 0.81
N ASP E 36 19.89 -60.33 0.67
CA ASP E 36 21.11 -59.87 1.32
C ASP E 36 20.77 -59.47 2.75
N PRO E 37 21.42 -60.12 3.74
CA PRO E 37 21.12 -59.77 5.14
C PRO E 37 21.44 -58.31 5.41
N LEU E 38 20.60 -57.63 6.18
CA LEU E 38 20.80 -56.19 6.47
C LEU E 38 22.12 -55.93 7.23
N SER E 39 22.65 -57.00 7.80
CA SER E 39 23.89 -56.96 8.58
CA SER E 39 23.88 -56.94 8.59
C SER E 39 25.07 -56.46 7.76
N LEU E 40 25.02 -56.69 6.46
CA LEU E 40 26.02 -56.16 5.52
C LEU E 40 26.17 -54.63 5.66
N LEU E 41 25.07 -53.94 5.96
CA LEU E 41 25.10 -52.48 6.16
C LEU E 41 26.00 -52.10 7.32
N THR E 42 25.77 -52.74 8.47
CA THR E 42 26.57 -52.50 9.66
C THR E 42 27.99 -53.02 9.49
N ASP E 43 28.16 -54.09 8.72
CA ASP E 43 29.49 -54.64 8.43
C ASP E 43 30.36 -53.63 7.67
N GLY E 44 29.77 -52.97 6.70
CA GLY E 44 30.48 -51.96 5.91
C GLY E 44 30.54 -50.57 6.53
N ASN E 45 30.18 -50.46 7.82
CA ASN E 45 30.12 -49.18 8.52
C ASN E 45 29.34 -48.10 7.73
N THR E 46 28.14 -48.49 7.29
CA THR E 46 27.29 -47.63 6.47
C THR E 46 26.66 -46.51 7.31
N GLU E 47 26.72 -45.29 6.81
CA GLU E 47 26.25 -44.13 7.58
C GLU E 47 24.90 -43.66 7.07
N VAL E 48 24.71 -43.77 5.75
CA VAL E 48 23.48 -43.36 5.10
C VAL E 48 23.09 -44.42 4.10
N VAL E 49 21.80 -44.68 3.98
CA VAL E 49 21.33 -45.62 2.98
C VAL E 49 20.33 -44.98 1.99
N ILE E 50 20.44 -45.35 0.72
CA ILE E 50 19.42 -45.04 -0.26
C ILE E 50 18.54 -46.28 -0.48
N ASP E 51 17.22 -46.10 -0.42
CA ASP E 51 16.25 -47.20 -0.44
C ASP E 51 15.26 -47.05 -1.59
N PHE E 52 15.41 -47.92 -2.58
CA PHE E 52 14.46 -48.03 -3.69
C PHE E 52 14.17 -49.51 -3.84
N THR E 53 13.22 -49.99 -3.03
CA THR E 53 12.93 -51.41 -2.93
C THR E 53 11.48 -51.65 -3.29
N HIS E 54 10.64 -51.94 -2.28
CA HIS E 54 9.22 -52.25 -2.47
C HIS E 54 8.41 -51.85 -1.22
N PRO E 55 7.18 -51.32 -1.41
CA PRO E 55 6.29 -51.06 -0.27
C PRO E 55 6.21 -52.22 0.75
N ASP E 56 6.20 -53.46 0.26
CA ASP E 56 6.04 -54.63 1.14
C ASP E 56 7.19 -54.89 2.12
N VAL E 57 8.37 -54.35 1.79
CA VAL E 57 9.59 -54.64 2.57
C VAL E 57 10.21 -53.41 3.24
N VAL E 58 9.82 -52.22 2.79
CA VAL E 58 10.51 -50.98 3.17
C VAL E 58 10.42 -50.58 4.66
N MET E 59 9.30 -50.91 5.30
CA MET E 59 9.08 -50.55 6.71
C MET E 59 9.97 -51.38 7.64
N GLY E 60 10.06 -52.67 7.37
CA GLY E 60 11.00 -53.54 8.06
C GLY E 60 12.43 -53.07 7.89
N ASN E 61 12.78 -52.63 6.66
CA ASN E 61 14.11 -52.07 6.34
C ASN E 61 14.40 -50.82 7.14
N LEU E 62 13.45 -49.89 7.13
CA LEU E 62 13.54 -48.64 7.89
C LEU E 62 13.76 -48.89 9.37
N GLU E 63 12.93 -49.78 9.95
CA GLU E 63 13.03 -50.19 11.35
C GLU E 63 14.46 -50.59 11.71
N PHE E 64 15.09 -51.36 10.84
CA PHE E 64 16.46 -51.77 11.06
C PHE E 64 17.40 -50.56 11.05
N LEU E 65 17.23 -49.69 10.06
CA LEU E 65 18.13 -48.58 9.84
C LEU E 65 18.14 -47.65 11.03
N ILE E 66 16.93 -47.31 11.50
CA ILE E 66 16.75 -46.42 12.63
C ILE E 66 17.40 -47.03 13.85
N ASP E 67 17.05 -48.29 14.14
CA ASP E 67 17.61 -49.03 15.28
C ASP E 67 19.13 -49.03 15.27
N ASN E 68 19.72 -48.91 14.08
CA ASN E 68 21.17 -48.99 13.95
C ASN E 68 21.82 -47.63 13.74
N GLY E 69 21.01 -46.59 13.88
CA GLY E 69 21.42 -45.21 13.77
C GLY E 69 21.86 -44.82 12.37
N ILE E 70 21.34 -45.54 11.37
CA ILE E 70 21.75 -45.33 9.98
C ILE E 70 20.73 -44.41 9.27
N HIS E 71 21.22 -43.30 8.73
CA HIS E 71 20.38 -42.32 8.06
C HIS E 71 19.74 -42.92 6.83
N ALA E 72 18.52 -42.49 6.57
CA ALA E 72 17.74 -43.08 5.51
C ALA E 72 17.22 -42.05 4.52
N VAL E 73 17.58 -42.25 3.25
CA VAL E 73 17.03 -41.51 2.13
C VAL E 73 16.17 -42.52 1.33
N VAL E 74 14.87 -42.32 1.37
CA VAL E 74 13.90 -43.32 0.93
C VAL E 74 13.04 -42.78 -0.22
N GLY E 75 13.12 -43.48 -1.35
CA GLY E 75 12.29 -43.13 -2.51
C GLY E 75 11.17 -44.13 -2.70
N THR E 76 11.30 -45.29 -2.07
CA THR E 76 10.30 -46.35 -2.17
C THR E 76 8.94 -45.75 -1.84
N THR E 77 7.92 -46.16 -2.58
CA THR E 77 6.62 -45.52 -2.46
C THR E 77 5.68 -46.24 -1.46
N GLY E 78 4.43 -45.78 -1.39
CA GLY E 78 3.40 -46.42 -0.56
C GLY E 78 3.30 -45.86 0.85
N PHE E 79 3.94 -44.72 1.09
CA PHE E 79 3.92 -44.12 2.41
C PHE E 79 2.62 -43.41 2.73
N THR E 80 1.88 -44.06 3.62
CA THR E 80 0.63 -43.55 4.14
C THR E 80 0.95 -42.70 5.37
N ALA E 81 -0.07 -41.99 5.86
CA ALA E 81 0.05 -41.21 7.09
C ALA E 81 0.37 -42.10 8.29
N GLU E 82 -0.22 -43.28 8.31
CA GLU E 82 0.01 -44.25 9.37
C GLU E 82 1.42 -44.82 9.30
N ARG E 83 1.98 -44.93 8.09
CA ARG E 83 3.36 -45.39 7.92
C ARG E 83 4.36 -44.31 8.34
N PHE E 84 4.00 -43.04 8.08
CA PHE E 84 4.79 -41.89 8.54
C PHE E 84 4.83 -41.83 10.05
N GLN E 85 3.66 -42.05 10.66
CA GLN E 85 3.51 -42.10 12.12
C GLN E 85 4.41 -43.17 12.72
N GLN E 86 4.44 -44.34 12.09
CA GLN E 86 5.24 -45.45 12.56
C GLN E 86 6.73 -45.12 12.47
N VAL E 87 7.11 -44.38 11.42
CA VAL E 87 8.50 -43.94 11.26
C VAL E 87 8.86 -42.92 12.35
N GLU E 88 8.00 -41.93 12.53
CA GLU E 88 8.11 -40.98 13.62
C GLU E 88 8.22 -41.74 14.94
N SER E 89 7.35 -42.73 15.13
CA SER E 89 7.32 -43.54 16.35
C SER E 89 8.65 -44.25 16.60
N TRP E 90 9.26 -44.78 15.55
CA TRP E 90 10.57 -45.42 15.68
C TRP E 90 11.67 -44.41 16.02
N LEU E 91 11.56 -43.21 15.45
CA LEU E 91 12.61 -42.19 15.57
C LEU E 91 12.67 -41.46 16.92
N VAL E 92 11.68 -41.72 17.78
CA VAL E 92 11.63 -41.07 19.11
C VAL E 92 12.77 -41.60 20.01
N ALA E 93 13.07 -42.88 19.88
CA ALA E 93 14.22 -43.50 20.54
C ALA E 93 15.54 -43.21 19.82
N LYS E 94 15.47 -42.67 18.61
CA LYS E 94 16.68 -42.32 17.87
C LYS E 94 16.69 -40.84 17.47
N PRO E 95 17.07 -39.97 18.42
CA PRO E 95 17.03 -38.52 18.19
C PRO E 95 18.18 -38.02 17.32
N ASN E 96 19.16 -38.90 17.07
CA ASN E 96 20.36 -38.58 16.28
C ASN E 96 20.32 -39.13 14.84
N THR E 97 19.25 -39.85 14.52
CA THR E 97 19.07 -40.42 13.17
C THR E 97 18.08 -39.58 12.37
N SER E 98 18.43 -39.40 11.09
CA SER E 98 17.65 -38.63 10.12
C SER E 98 17.01 -39.48 9.00
N VAL E 99 15.73 -39.22 8.72
CA VAL E 99 15.05 -39.95 7.68
C VAL E 99 14.40 -38.98 6.69
N LEU E 100 14.77 -39.09 5.42
CA LEU E 100 14.06 -38.37 4.39
C LEU E 100 13.30 -39.33 3.45
N ILE E 101 12.01 -39.08 3.31
CA ILE E 101 11.17 -39.84 2.42
C ILE E 101 10.56 -38.86 1.45
N ALA E 102 10.78 -39.11 0.17
CA ALA E 102 10.28 -38.22 -0.86
C ALA E 102 9.37 -38.99 -1.80
N PRO E 103 8.15 -38.49 -2.00
CA PRO E 103 7.26 -39.12 -2.97
C PRO E 103 7.81 -38.98 -4.39
N ASN E 104 8.64 -37.98 -4.61
CA ASN E 104 9.27 -37.78 -5.91
C ASN E 104 10.56 -37.02 -5.68
N PHE E 105 11.66 -37.65 -6.08
CA PHE E 105 12.99 -37.13 -5.93
C PHE E 105 13.40 -36.27 -7.10
N ALA E 106 12.55 -36.18 -8.11
CA ALA E 106 12.86 -35.39 -9.28
C ALA E 106 12.56 -33.92 -8.97
N ILE E 107 13.57 -33.08 -9.13
CA ILE E 107 13.46 -31.68 -8.74
C ILE E 107 12.39 -30.99 -9.56
N GLY E 108 12.36 -31.27 -10.86
CA GLY E 108 11.29 -30.80 -11.73
C GLY E 108 9.93 -31.16 -11.19
N ALA E 109 9.75 -32.42 -10.80
CA ALA E 109 8.49 -32.85 -10.18
C ALA E 109 8.16 -32.04 -8.91
N VAL E 110 9.20 -31.75 -8.13
CA VAL E 110 9.05 -31.02 -6.89
C VAL E 110 8.71 -29.57 -7.20
N LEU E 111 9.45 -28.96 -8.11
CA LEU E 111 9.12 -27.60 -8.54
C LEU E 111 7.67 -27.52 -9.04
N SER E 112 7.26 -28.45 -9.88
CA SER E 112 5.91 -28.41 -10.47
C SER E 112 4.80 -28.54 -9.42
N MET E 113 5.07 -29.31 -8.37
CA MET E 113 4.23 -29.39 -7.18
C MET E 113 4.17 -28.07 -6.40
N HIS E 114 5.34 -27.44 -6.23
CA HIS E 114 5.44 -26.12 -5.62
C HIS E 114 4.61 -25.06 -6.39
N PHE E 115 4.79 -25.01 -7.70
CA PHE E 115 4.08 -24.07 -8.55
C PHE E 115 2.57 -24.31 -8.54
N ALA E 116 2.15 -25.58 -8.62
CA ALA E 116 0.73 -25.94 -8.54
C ALA E 116 0.06 -25.29 -7.33
N LYS E 117 0.73 -25.42 -6.19
CA LYS E 117 0.26 -24.92 -4.90
C LYS E 117 0.11 -23.40 -4.96
N GLN E 118 1.15 -22.73 -5.45
CA GLN E 118 1.15 -21.29 -5.61
C GLN E 118 0.10 -20.75 -6.57
N ALA E 119 -0.20 -21.50 -7.62
CA ALA E 119 -1.19 -21.05 -8.59
C ALA E 119 -2.61 -21.38 -8.15
N ALA E 120 -2.78 -22.44 -7.36
CA ALA E 120 -4.10 -23.03 -7.11
C ALA E 120 -5.22 -22.02 -6.81
N ARG E 121 -4.94 -21.05 -5.94
CA ARG E 121 -5.98 -20.17 -5.39
C ARG E 121 -6.50 -19.13 -6.38
N PHE E 122 -5.86 -19.02 -7.55
CA PHE E 122 -6.16 -17.99 -8.53
C PHE E 122 -7.02 -18.44 -9.72
N PHE E 123 -7.59 -19.64 -9.64
CA PHE E 123 -8.40 -20.18 -10.73
C PHE E 123 -9.68 -20.82 -10.23
N ASP E 124 -10.72 -20.81 -11.06
CA ASP E 124 -11.98 -21.43 -10.74
C ASP E 124 -11.85 -22.95 -10.70
N SER E 125 -11.08 -23.49 -11.65
CA SER E 125 -10.91 -24.95 -11.83
C SER E 125 -9.44 -25.43 -11.73
N ALA E 126 -9.27 -26.63 -11.17
CA ALA E 126 -7.99 -27.33 -11.19
C ALA E 126 -8.22 -28.82 -11.38
N GLU E 127 -7.46 -29.42 -12.28
CA GLU E 127 -7.43 -30.90 -12.43
C GLU E 127 -6.00 -31.36 -12.61
N VAL E 128 -5.77 -32.61 -12.28
CA VAL E 128 -4.49 -33.26 -12.51
C VAL E 128 -4.63 -34.41 -13.51
N ILE E 129 -3.75 -34.44 -14.51
CA ILE E 129 -3.67 -35.57 -15.41
C ILE E 129 -2.28 -36.12 -15.25
N GLU E 130 -2.20 -37.38 -14.82
CA GLU E 130 -0.92 -38.08 -14.79
C GLU E 130 -0.91 -39.19 -15.83
N LEU E 131 0.28 -39.45 -16.35
CA LEU E 131 0.44 -40.40 -17.45
C LEU E 131 1.71 -41.21 -17.17
N HIS E 132 1.52 -42.53 -17.11
CA HIS E 132 2.62 -43.44 -16.83
C HIS E 132 2.61 -44.65 -17.76
N HIS E 133 3.71 -45.41 -17.69
CA HIS E 133 3.84 -46.66 -18.43
C HIS E 133 2.82 -47.71 -17.96
N PRO E 134 2.49 -48.67 -18.83
CA PRO E 134 1.45 -49.63 -18.52
C PRO E 134 1.89 -50.78 -17.57
N HIS E 135 3.01 -50.60 -16.87
CA HIS E 135 3.44 -51.57 -15.84
C HIS E 135 3.21 -51.05 -14.42
N LYS E 136 2.73 -49.83 -14.31
CA LYS E 136 2.53 -49.20 -13.01
C LYS E 136 1.32 -49.82 -12.30
N ALA E 137 1.55 -50.25 -11.07
CA ALA E 137 0.54 -50.98 -10.30
C ALA E 137 -0.55 -50.09 -9.71
N ASP E 138 -0.17 -48.86 -9.35
CA ASP E 138 -1.05 -47.96 -8.61
CA ASP E 138 -1.02 -47.93 -8.60
C ASP E 138 -1.57 -46.79 -9.44
N ALA E 139 -2.85 -46.47 -9.27
CA ALA E 139 -3.50 -45.37 -9.99
C ALA E 139 -4.42 -44.57 -9.05
N PRO E 140 -4.18 -43.26 -8.90
CA PRO E 140 -3.13 -42.45 -9.51
C PRO E 140 -1.74 -42.70 -8.90
N SER E 141 -0.74 -42.00 -9.43
CA SER E 141 0.58 -41.97 -8.82
C SER E 141 0.52 -41.20 -7.51
N GLY E 142 1.48 -41.49 -6.62
CA GLY E 142 1.63 -40.71 -5.39
C GLY E 142 1.87 -39.23 -5.67
N THR E 143 2.61 -38.89 -6.72
CA THR E 143 2.85 -37.49 -7.06
C THR E 143 1.52 -36.79 -7.37
N ALA E 144 0.72 -37.40 -8.23
CA ALA E 144 -0.58 -36.84 -8.64
C ALA E 144 -1.52 -36.67 -7.45
N ALA E 145 -1.64 -37.72 -6.63
CA ALA E 145 -2.44 -37.66 -5.41
C ALA E 145 -1.96 -36.54 -4.48
N ARG E 146 -0.66 -36.53 -4.15
CA ARG E 146 -0.11 -35.49 -3.30
CA ARG E 146 -0.10 -35.49 -3.30
C ARG E 146 -0.31 -34.11 -3.91
N THR E 147 -0.14 -34.00 -5.23
CA THR E 147 -0.28 -32.73 -5.94
C THR E 147 -1.71 -32.22 -5.78
N ALA E 148 -2.67 -33.13 -5.96
CA ALA E 148 -4.06 -32.78 -5.88
C ALA E 148 -4.37 -32.36 -4.46
N LYS E 149 -3.81 -33.08 -3.50
CA LYS E 149 -3.97 -32.75 -2.10
C LYS E 149 -3.45 -31.35 -1.77
N LEU E 150 -2.32 -30.98 -2.37
CA LEU E 150 -1.73 -29.66 -2.20
C LEU E 150 -2.63 -28.57 -2.78
N ILE E 151 -3.08 -28.81 -4.00
CA ILE E 151 -4.00 -27.93 -4.71
C ILE E 151 -5.27 -27.74 -3.88
N ALA E 152 -5.80 -28.84 -3.36
CA ALA E 152 -6.99 -28.82 -2.52
C ALA E 152 -6.84 -27.92 -1.28
N GLU E 153 -5.70 -28.02 -0.60
CA GLU E 153 -5.47 -27.26 0.64
C GLU E 153 -5.39 -25.77 0.36
N ALA E 154 -4.71 -25.42 -0.73
CA ALA E 154 -4.54 -24.02 -1.12
C ALA E 154 -5.85 -23.40 -1.58
N ARG E 155 -6.76 -24.23 -2.08
CA ARG E 155 -8.05 -23.76 -2.55
C ARG E 155 -9.18 -23.84 -1.51
N LYS E 156 -8.83 -24.00 -0.24
CA LYS E 156 -9.87 -23.96 0.79
C LYS E 156 -10.42 -22.53 0.90
N GLY E 157 -11.71 -22.40 1.18
CA GLY E 157 -12.34 -21.10 1.14
C GLY E 157 -12.84 -20.72 -0.26
N LEU E 158 -12.33 -21.40 -1.28
CA LEU E 158 -12.84 -21.18 -2.61
C LEU E 158 -14.00 -22.13 -2.91
N PRO E 159 -14.92 -21.72 -3.81
CA PRO E 159 -15.97 -22.63 -4.27
C PRO E 159 -15.33 -23.86 -4.89
N PRO E 160 -16.01 -25.02 -4.84
CA PRO E 160 -15.50 -26.22 -5.52
C PRO E 160 -15.39 -26.01 -7.04
N ASN E 161 -14.62 -26.85 -7.73
CA ASN E 161 -14.57 -26.79 -9.20
C ASN E 161 -15.98 -26.78 -9.76
N PRO E 162 -16.32 -25.76 -10.56
CA PRO E 162 -17.59 -25.85 -11.29
C PRO E 162 -17.69 -27.11 -12.15
N ASP E 163 -18.79 -27.83 -12.02
CA ASP E 163 -19.06 -29.03 -12.81
C ASP E 163 -20.56 -29.28 -12.95
N ALA E 164 -21.07 -29.14 -14.17
CA ALA E 164 -22.48 -29.38 -14.46
C ALA E 164 -22.80 -30.80 -14.94
N THR E 165 -21.91 -31.76 -14.68
CA THR E 165 -22.12 -33.14 -15.12
C THR E 165 -23.41 -33.66 -14.50
N SER E 166 -24.34 -34.09 -15.34
CA SER E 166 -25.59 -34.68 -14.88
C SER E 166 -25.74 -36.15 -15.28
N THR E 167 -25.10 -36.55 -16.39
CA THR E 167 -24.98 -37.98 -16.71
C THR E 167 -23.56 -38.30 -17.14
N SER E 168 -23.08 -39.47 -16.72
CA SER E 168 -21.73 -39.89 -17.01
C SER E 168 -21.60 -41.40 -17.02
N LEU E 169 -20.61 -41.88 -17.76
CA LEU E 169 -20.15 -43.25 -17.62
C LEU E 169 -19.24 -43.24 -16.40
N PRO E 170 -19.35 -44.28 -15.55
CA PRO E 170 -18.47 -44.32 -14.38
C PRO E 170 -16.99 -44.10 -14.71
N GLY E 171 -16.29 -43.32 -13.89
CA GLY E 171 -14.85 -43.13 -14.07
C GLY E 171 -14.41 -42.05 -15.06
N ALA E 172 -15.34 -41.60 -15.90
CA ALA E 172 -15.00 -40.55 -16.88
C ALA E 172 -14.37 -39.31 -16.23
N ARG E 173 -14.89 -38.93 -15.07
CA ARG E 173 -14.44 -37.69 -14.41
C ARG E 173 -13.27 -37.89 -13.47
N GLY E 174 -12.68 -39.08 -13.52
CA GLY E 174 -11.44 -39.35 -12.81
C GLY E 174 -11.69 -39.78 -11.38
N ALA E 175 -10.60 -39.89 -10.63
CA ALA E 175 -10.65 -40.08 -9.20
C ALA E 175 -10.82 -38.71 -8.57
N ASP E 176 -11.56 -38.65 -7.47
CA ASP E 176 -11.74 -37.39 -6.73
C ASP E 176 -10.82 -37.42 -5.51
N VAL E 177 -9.85 -36.50 -5.52
CA VAL E 177 -8.91 -36.33 -4.43
C VAL E 177 -9.12 -34.95 -3.80
N ASP E 178 -9.81 -34.93 -2.66
CA ASP E 178 -10.17 -33.70 -1.93
C ASP E 178 -10.84 -32.65 -2.82
N GLY E 179 -11.75 -33.08 -3.68
CA GLY E 179 -12.45 -32.18 -4.58
C GLY E 179 -11.73 -31.87 -5.88
N ILE E 180 -10.51 -32.42 -6.05
CA ILE E 180 -9.73 -32.23 -7.29
C ILE E 180 -9.76 -33.51 -8.13
N PRO E 181 -10.20 -33.41 -9.39
CA PRO E 181 -10.16 -34.62 -10.23
C PRO E 181 -8.76 -35.02 -10.65
N VAL E 182 -8.52 -36.33 -10.69
CA VAL E 182 -7.21 -36.88 -11.08
C VAL E 182 -7.41 -38.00 -12.10
N HIS E 183 -6.84 -37.82 -13.28
CA HIS E 183 -7.01 -38.79 -14.36
C HIS E 183 -5.70 -39.51 -14.53
N ALA E 184 -5.74 -40.83 -14.64
CA ALA E 184 -4.52 -41.64 -14.77
C ALA E 184 -4.45 -42.34 -16.14
N VAL E 185 -3.51 -41.92 -16.97
CA VAL E 185 -3.29 -42.50 -18.28
C VAL E 185 -2.18 -43.55 -18.15
N ARG E 186 -2.43 -44.75 -18.68
CA ARG E 186 -1.42 -45.81 -18.72
C ARG E 186 -1.14 -46.13 -20.17
N LEU E 187 0.07 -45.79 -20.63
CA LEU E 187 0.35 -45.88 -22.06
C LEU E 187 1.75 -46.37 -22.32
N ALA E 188 1.87 -47.45 -23.10
CA ALA E 188 3.19 -47.94 -23.50
C ALA E 188 3.96 -46.76 -24.09
N GLY E 189 5.27 -46.72 -23.87
CA GLY E 189 6.04 -45.59 -24.40
C GLY E 189 6.30 -44.49 -23.39
N LEU E 190 5.44 -44.39 -22.38
CA LEU E 190 5.57 -43.35 -21.38
C LEU E 190 6.47 -43.81 -20.25
N VAL E 191 7.04 -42.83 -19.53
CA VAL E 191 7.67 -43.11 -18.24
C VAL E 191 6.81 -42.50 -17.12
N ALA E 192 7.02 -41.22 -16.77
CA ALA E 192 6.29 -40.61 -15.64
C ALA E 192 6.02 -39.11 -15.85
N HIS E 193 4.78 -38.80 -16.20
CA HIS E 193 4.41 -37.49 -16.71
C HIS E 193 3.26 -36.99 -15.86
N GLN E 194 3.20 -35.67 -15.68
CA GLN E 194 2.09 -35.05 -14.97
C GLN E 194 1.78 -33.68 -15.53
N GLU E 195 0.50 -33.45 -15.72
CA GLU E 195 -0.01 -32.23 -16.28
C GLU E 195 -1.01 -31.65 -15.24
N VAL E 196 -0.68 -30.49 -14.68
CA VAL E 196 -1.64 -29.76 -13.82
C VAL E 196 -2.33 -28.68 -14.66
N LEU E 197 -3.66 -28.78 -14.79
CA LEU E 197 -4.46 -27.79 -15.53
C LEU E 197 -5.21 -26.87 -14.59
N PHE E 198 -4.98 -25.56 -14.75
CA PHE E 198 -5.72 -24.51 -14.08
C PHE E 198 -6.50 -23.69 -15.08
N GLY E 199 -7.73 -23.36 -14.72
CA GLY E 199 -8.63 -22.71 -15.65
C GLY E 199 -9.57 -21.71 -14.99
N THR E 200 -9.86 -20.69 -15.77
CA THR E 200 -10.69 -19.56 -15.39
C THR E 200 -11.19 -19.06 -16.76
N GLU E 201 -12.37 -18.44 -16.84
CA GLU E 201 -12.84 -17.97 -18.14
C GLU E 201 -11.87 -16.93 -18.67
N GLY E 202 -11.48 -17.05 -19.94
CA GLY E 202 -10.46 -16.14 -20.48
C GLY E 202 -8.97 -16.42 -20.17
N GLU E 203 -8.67 -17.34 -19.25
CA GLU E 203 -7.27 -17.81 -19.15
C GLU E 203 -7.06 -19.21 -18.57
N THR E 204 -6.10 -19.93 -19.15
CA THR E 204 -5.69 -21.22 -18.65
C THR E 204 -4.19 -21.23 -18.35
N LEU E 205 -3.82 -22.01 -17.34
CA LEU E 205 -2.42 -22.17 -16.97
C LEU E 205 -2.12 -23.66 -16.72
N THR E 206 -1.08 -24.14 -17.36
CA THR E 206 -0.78 -25.54 -17.36
C THR E 206 0.68 -25.69 -16.98
N ILE E 207 0.93 -26.60 -16.02
CA ILE E 207 2.28 -27.01 -15.62
C ILE E 207 2.45 -28.48 -15.98
N ARG E 208 3.44 -28.78 -16.80
CA ARG E 208 3.66 -30.14 -17.26
C ARG E 208 5.05 -30.60 -16.81
N HIS E 209 5.11 -31.77 -16.18
CA HIS E 209 6.39 -32.39 -15.87
C HIS E 209 6.58 -33.73 -16.54
N ASP E 210 7.74 -33.93 -17.16
CA ASP E 210 8.09 -35.20 -17.81
C ASP E 210 9.39 -35.72 -17.24
N SER E 211 9.36 -36.89 -16.59
CA SER E 211 10.57 -37.69 -16.39
C SER E 211 10.70 -38.67 -17.55
N LEU E 212 11.72 -38.44 -18.39
CA LEU E 212 11.95 -39.30 -19.54
C LEU E 212 12.92 -40.41 -19.20
N ASP E 213 13.61 -40.25 -18.07
CA ASP E 213 14.68 -41.19 -17.67
C ASP E 213 14.82 -41.17 -16.15
N ARG E 214 15.15 -42.33 -15.58
CA ARG E 214 15.33 -42.50 -14.14
C ARG E 214 16.54 -41.73 -13.56
N THR E 215 17.42 -41.24 -14.45
CA THR E 215 18.56 -40.44 -14.03
C THR E 215 18.06 -39.09 -13.47
N SER E 216 16.83 -38.73 -13.81
CA SER E 216 16.23 -37.50 -13.29
C SER E 216 16.08 -37.52 -11.77
N PHE E 217 16.13 -38.72 -11.18
CA PHE E 217 15.99 -38.90 -9.74
C PHE E 217 17.29 -38.68 -8.98
N VAL E 218 18.41 -38.79 -9.70
CA VAL E 218 19.73 -38.81 -9.09
C VAL E 218 20.11 -37.54 -8.36
N PRO E 219 19.99 -36.37 -8.99
CA PRO E 219 20.37 -35.15 -8.24
C PRO E 219 19.62 -34.96 -6.91
N GLY E 220 18.33 -35.26 -6.86
CA GLY E 220 17.53 -35.10 -5.65
C GLY E 220 17.91 -36.10 -4.57
N VAL E 221 18.22 -37.32 -4.99
CA VAL E 221 18.69 -38.34 -4.08
C VAL E 221 20.01 -37.90 -3.46
N LEU E 222 20.96 -37.48 -4.31
CA LEU E 222 22.29 -37.11 -3.83
C LEU E 222 22.32 -35.85 -2.98
N LEU E 223 21.41 -34.93 -3.27
CA LEU E 223 21.18 -33.78 -2.42
C LEU E 223 20.74 -34.21 -1.02
N ALA E 224 19.75 -35.10 -0.95
CA ALA E 224 19.25 -35.60 0.31
C ALA E 224 20.34 -36.31 1.11
N VAL E 225 21.10 -37.19 0.45
CA VAL E 225 22.21 -37.90 1.08
C VAL E 225 23.19 -36.91 1.70
N ARG E 226 23.63 -35.95 0.88
CA ARG E 226 24.63 -34.99 1.32
C ARG E 226 24.17 -34.13 2.51
N ARG E 227 22.87 -33.86 2.59
CA ARG E 227 22.36 -32.96 3.59
C ARG E 227 21.46 -33.66 4.62
N ILE E 228 21.43 -34.99 4.58
CA ILE E 228 20.55 -35.78 5.45
C ILE E 228 20.61 -35.35 6.92
N ALA E 229 21.82 -35.12 7.42
CA ALA E 229 22.05 -34.89 8.84
C ALA E 229 21.70 -33.45 9.27
N GLU E 230 21.31 -32.61 8.31
CA GLU E 230 20.96 -31.24 8.61
C GLU E 230 19.68 -31.17 9.43
N ARG E 231 18.71 -32.02 9.11
CA ARG E 231 17.46 -32.07 9.86
C ARG E 231 17.19 -33.41 10.51
N PRO E 232 17.16 -33.43 11.87
CA PRO E 232 16.91 -34.67 12.62
C PRO E 232 15.48 -35.17 12.44
N GLY E 233 15.30 -36.48 12.56
CA GLY E 233 13.97 -37.07 12.50
C GLY E 233 13.47 -37.22 11.09
N LEU E 234 12.15 -37.21 10.93
CA LEU E 234 11.55 -37.42 9.63
C LEU E 234 11.38 -36.11 8.89
N THR E 235 11.93 -36.05 7.68
CA THR E 235 11.61 -35.01 6.70
C THR E 235 10.83 -35.66 5.58
N VAL E 236 9.73 -35.03 5.20
CA VAL E 236 8.91 -35.57 4.14
C VAL E 236 8.98 -34.67 2.91
N GLY E 237 9.50 -35.22 1.82
CA GLY E 237 9.64 -34.45 0.60
C GLY E 237 11.00 -33.79 0.49
N LEU E 238 11.34 -33.45 -0.75
CA LEU E 238 12.61 -32.82 -1.08
C LEU E 238 12.59 -31.30 -0.90
N GLU E 239 11.39 -30.73 -0.90
CA GLU E 239 11.17 -29.27 -0.95
CA GLU E 239 11.17 -29.27 -0.95
C GLU E 239 11.98 -28.46 0.09
N PRO E 240 11.98 -28.92 1.37
CA PRO E 240 12.83 -28.21 2.35
C PRO E 240 14.28 -28.03 1.95
N LEU E 241 14.79 -28.88 1.06
CA LEU E 241 16.20 -28.82 0.66
C LEU E 241 16.47 -27.91 -0.54
N LEU E 242 15.41 -27.28 -1.06
CA LEU E 242 15.54 -26.59 -2.34
C LEU E 242 15.64 -25.08 -2.24
N ASP E 243 15.34 -24.52 -1.07
CA ASP E 243 15.45 -23.07 -0.83
C ASP E 243 14.36 -22.28 -1.57
N LEU E 244 13.14 -22.80 -1.57
CA LEU E 244 12.07 -22.22 -2.40
C LEU E 244 11.34 -20.98 -1.83
N HIS E 245 11.67 -20.62 -0.60
N ALA F 1 -15.28 0.90 -2.67
CA ALA F 1 -14.17 1.83 -3.03
C ALA F 1 -14.50 2.61 -4.29
N ARG F 2 -14.14 3.89 -4.29
CA ARG F 2 -14.41 4.79 -5.40
C ARG F 2 -13.28 4.74 -6.40
N VAL F 3 -13.60 4.31 -7.62
CA VAL F 3 -12.58 4.01 -8.61
C VAL F 3 -12.80 4.73 -9.93
N GLY F 4 -11.78 5.50 -10.31
CA GLY F 4 -11.78 6.23 -11.55
C GLY F 4 -10.94 5.47 -12.55
N VAL F 5 -11.28 5.65 -13.82
CA VAL F 5 -10.52 5.09 -14.91
C VAL F 5 -10.01 6.24 -15.77
N LEU F 6 -8.69 6.28 -15.92
CA LEU F 6 -8.06 7.13 -16.91
C LEU F 6 -7.88 6.31 -18.19
N GLY F 7 -8.09 6.96 -19.33
CA GLY F 7 -8.08 6.31 -20.63
C GLY F 7 -9.35 5.52 -20.89
N ALA F 8 -10.48 6.09 -20.44
CA ALA F 8 -11.79 5.41 -20.44
C ALA F 8 -12.27 4.95 -21.80
N LYS F 9 -12.06 5.76 -22.82
CA LYS F 9 -12.45 5.40 -24.19
C LYS F 9 -11.36 4.58 -24.89
N GLY F 10 -10.26 4.31 -24.19
CA GLY F 10 -9.21 3.43 -24.69
C GLY F 10 -9.59 1.97 -24.68
N LYS F 11 -8.80 1.16 -25.40
CA LYS F 11 -9.04 -0.28 -25.49
C LYS F 11 -9.16 -0.95 -24.12
N VAL F 12 -8.14 -0.76 -23.28
CA VAL F 12 -8.16 -1.32 -21.93
C VAL F 12 -9.12 -0.54 -21.02
N GLY F 13 -9.04 0.79 -21.07
CA GLY F 13 -9.88 1.67 -20.25
C GLY F 13 -11.37 1.31 -20.26
N ALA F 14 -11.95 1.24 -21.47
CA ALA F 14 -13.35 0.89 -21.67
C ALA F 14 -13.70 -0.48 -21.10
N THR F 15 -12.81 -1.46 -21.30
CA THR F 15 -12.95 -2.77 -20.67
C THR F 15 -13.08 -2.63 -19.15
N MET F 16 -12.18 -1.83 -18.55
CA MET F 16 -12.15 -1.57 -17.10
C MET F 16 -13.35 -0.79 -16.59
N VAL F 17 -13.72 0.26 -17.32
CA VAL F 17 -14.97 0.98 -17.03
C VAL F 17 -16.09 -0.03 -16.81
N ARG F 18 -16.27 -0.95 -17.76
CA ARG F 18 -17.27 -2.02 -17.65
C ARG F 18 -17.10 -2.86 -16.37
N ALA F 19 -15.88 -3.34 -16.14
CA ALA F 19 -15.56 -4.19 -14.99
C ALA F 19 -15.80 -3.51 -13.64
N VAL F 20 -15.39 -2.25 -13.51
CA VAL F 20 -15.64 -1.47 -12.31
C VAL F 20 -17.15 -1.28 -12.10
N ALA F 21 -17.90 -1.18 -13.20
CA ALA F 21 -19.34 -0.97 -13.09
C ALA F 21 -20.08 -2.25 -12.71
N ALA F 22 -19.47 -3.40 -13.04
CA ALA F 22 -20.09 -4.72 -12.78
C ALA F 22 -19.71 -5.28 -11.41
N ALA F 23 -18.58 -4.82 -10.88
CA ALA F 23 -18.21 -5.07 -9.49
C ALA F 23 -19.15 -4.28 -8.58
N ASP F 24 -19.68 -4.95 -7.57
CA ASP F 24 -20.60 -4.32 -6.61
C ASP F 24 -19.96 -4.05 -5.23
N ASP F 25 -18.63 -4.25 -5.17
CA ASP F 25 -17.82 -3.81 -4.03
C ASP F 25 -16.95 -2.63 -4.46
N LEU F 26 -17.13 -2.21 -5.71
CA LEU F 26 -16.45 -1.04 -6.26
C LEU F 26 -17.48 -0.07 -6.86
N THR F 27 -17.09 1.20 -6.93
CA THR F 27 -17.98 2.26 -7.38
C THR F 27 -17.23 3.12 -8.40
N LEU F 28 -17.75 3.17 -9.62
CA LEU F 28 -17.13 3.96 -10.69
C LEU F 28 -17.35 5.44 -10.41
N SER F 29 -16.25 6.18 -10.30
CA SER F 29 -16.29 7.58 -9.88
C SER F 29 -15.79 8.55 -10.96
N ALA F 30 -15.16 8.01 -12.01
CA ALA F 30 -14.78 8.80 -13.18
C ALA F 30 -14.42 7.96 -14.42
N GLU F 31 -15.04 8.30 -15.54
CA GLU F 31 -14.61 7.86 -16.87
C GLU F 31 -13.87 9.04 -17.49
N LEU F 32 -12.54 8.97 -17.61
CA LEU F 32 -11.80 10.05 -18.28
C LEU F 32 -11.01 9.57 -19.48
N ASP F 33 -11.03 10.35 -20.56
CA ASP F 33 -10.12 10.12 -21.69
C ASP F 33 -9.28 11.37 -21.97
N ALA F 34 -8.57 11.38 -23.10
CA ALA F 34 -7.74 12.51 -23.48
C ALA F 34 -8.62 13.74 -23.74
N GLY F 35 -8.18 14.87 -23.20
CA GLY F 35 -8.94 16.13 -23.32
C GLY F 35 -9.77 16.41 -22.09
N ASP F 36 -9.88 15.43 -21.19
CA ASP F 36 -10.63 15.58 -19.95
C ASP F 36 -9.72 16.00 -18.77
N PRO F 37 -10.14 17.05 -18.02
CA PRO F 37 -9.34 17.57 -16.90
C PRO F 37 -9.31 16.67 -15.65
N LEU F 38 -8.12 16.52 -15.08
CA LEU F 38 -7.86 15.68 -13.90
C LEU F 38 -8.72 16.03 -12.67
N SER F 39 -9.27 17.25 -12.71
CA SER F 39 -10.13 17.78 -11.64
CA SER F 39 -10.12 17.78 -11.63
C SER F 39 -11.40 16.95 -11.47
N LEU F 40 -11.75 16.20 -12.51
CA LEU F 40 -12.95 15.36 -12.49
C LEU F 40 -12.83 14.18 -11.55
N LEU F 41 -11.59 13.72 -11.31
CA LEU F 41 -11.33 12.64 -10.36
C LEU F 41 -11.59 13.09 -8.93
N THR F 42 -11.18 14.32 -8.63
CA THR F 42 -11.41 14.92 -7.31
C THR F 42 -12.89 15.26 -7.08
N ASP F 43 -13.58 15.71 -8.12
CA ASP F 43 -15.02 15.90 -8.08
C ASP F 43 -15.70 14.58 -7.73
N GLY F 44 -15.33 13.53 -8.46
CA GLY F 44 -15.89 12.19 -8.26
C GLY F 44 -15.52 11.55 -6.94
N ASN F 45 -14.72 12.27 -6.14
CA ASN F 45 -14.31 11.83 -4.80
C ASN F 45 -13.52 10.51 -4.85
N THR F 46 -12.83 10.32 -5.97
CA THR F 46 -12.10 9.07 -6.27
C THR F 46 -11.06 8.71 -5.18
N GLU F 47 -10.94 7.42 -4.91
CA GLU F 47 -9.99 6.90 -3.93
C GLU F 47 -8.83 6.18 -4.63
N VAL F 48 -9.16 5.50 -5.73
CA VAL F 48 -8.22 4.70 -6.52
C VAL F 48 -8.45 4.91 -8.01
N VAL F 49 -7.36 4.97 -8.77
CA VAL F 49 -7.41 5.18 -10.22
C VAL F 49 -6.74 4.05 -11.01
N ILE F 50 -7.40 3.61 -12.08
CA ILE F 50 -6.81 2.73 -13.09
C ILE F 50 -6.31 3.59 -14.27
N ASP F 51 -5.05 3.43 -14.62
CA ASP F 51 -4.43 4.19 -15.71
C ASP F 51 -3.82 3.30 -16.78
N PHE F 52 -4.53 3.19 -17.90
CA PHE F 52 -4.03 2.60 -19.13
C PHE F 52 -4.14 3.66 -20.22
N THR F 53 -3.18 4.58 -20.23
CA THR F 53 -3.23 5.75 -21.11
C THR F 53 -2.04 5.74 -22.09
N HIS F 54 -1.12 6.69 -21.94
CA HIS F 54 0.03 6.77 -22.83
C HIS F 54 1.30 7.28 -22.11
N PRO F 55 2.46 6.63 -22.37
CA PRO F 55 3.77 7.07 -21.92
C PRO F 55 3.91 8.58 -21.81
N ASP F 56 3.45 9.29 -22.83
CA ASP F 56 3.64 10.74 -22.96
C ASP F 56 2.76 11.53 -22.01
N VAL F 57 1.74 10.88 -21.45
CA VAL F 57 0.83 11.55 -20.48
C VAL F 57 0.90 10.97 -19.05
N VAL F 58 1.32 9.72 -18.91
CA VAL F 58 1.25 9.00 -17.65
C VAL F 58 2.01 9.67 -16.48
N MET F 59 3.18 10.23 -16.75
CA MET F 59 3.92 10.93 -15.68
C MET F 59 3.14 12.08 -15.05
N GLY F 60 2.51 12.91 -15.88
CA GLY F 60 1.59 13.96 -15.46
C GLY F 60 0.36 13.42 -14.73
N ASN F 61 -0.18 12.31 -15.21
CA ASN F 61 -1.26 11.64 -14.50
C ASN F 61 -0.82 11.29 -13.09
N LEU F 62 0.26 10.52 -13.01
CA LEU F 62 0.81 10.09 -11.74
C LEU F 62 1.14 11.23 -10.78
N GLU F 63 1.78 12.28 -11.30
CA GLU F 63 2.09 13.46 -10.50
C GLU F 63 0.83 13.96 -9.82
N PHE F 64 -0.26 14.06 -10.59
CA PHE F 64 -1.51 14.60 -10.07
C PHE F 64 -2.12 13.72 -8.98
N LEU F 65 -2.16 12.41 -9.23
CA LEU F 65 -2.81 11.46 -8.35
C LEU F 65 -2.12 11.39 -7.00
N ILE F 66 -0.79 11.47 -7.05
CA ILE F 66 0.04 11.37 -5.85
C ILE F 66 -0.18 12.61 -4.97
N ASP F 67 -0.10 13.80 -5.57
CA ASP F 67 -0.35 15.07 -4.88
C ASP F 67 -1.72 15.07 -4.19
N ASN F 68 -2.70 14.43 -4.81
CA ASN F 68 -4.03 14.34 -4.22
C ASN F 68 -4.27 13.10 -3.36
N GLY F 69 -3.26 12.24 -3.26
CA GLY F 69 -3.35 11.05 -2.41
C GLY F 69 -4.33 10.01 -2.94
N ILE F 70 -4.46 9.96 -4.25
CA ILE F 70 -5.33 8.97 -4.89
C ILE F 70 -4.39 7.85 -5.30
N HIS F 71 -4.67 6.65 -4.79
CA HIS F 71 -3.90 5.46 -5.10
C HIS F 71 -4.03 5.14 -6.58
N ALA F 72 -2.99 4.57 -7.18
CA ALA F 72 -2.99 4.37 -8.61
C ALA F 72 -2.58 2.96 -8.99
N VAL F 73 -3.31 2.41 -9.96
CA VAL F 73 -3.01 1.13 -10.57
C VAL F 73 -2.73 1.45 -12.03
N VAL F 74 -1.45 1.33 -12.38
CA VAL F 74 -0.98 1.79 -13.68
C VAL F 74 -0.53 0.62 -14.54
N GLY F 75 -1.13 0.53 -15.73
CA GLY F 75 -0.77 -0.49 -16.69
C GLY F 75 -0.05 0.10 -17.87
N THR F 76 -0.11 1.41 -17.98
CA THR F 76 0.60 2.14 -19.03
C THR F 76 2.08 1.79 -18.98
N THR F 77 2.69 1.64 -20.16
CA THR F 77 4.11 1.30 -20.24
C THR F 77 5.00 2.54 -20.39
N GLY F 78 6.26 2.30 -20.77
CA GLY F 78 7.26 3.34 -20.91
C GLY F 78 7.95 3.65 -19.60
N PHE F 79 7.96 2.69 -18.67
CA PHE F 79 8.53 2.94 -17.34
C PHE F 79 10.02 2.62 -17.17
N THR F 80 10.82 3.67 -17.24
CA THR F 80 12.27 3.58 -17.15
C THR F 80 12.73 3.76 -15.69
N ALA F 81 14.01 3.47 -15.44
CA ALA F 81 14.61 3.65 -14.11
C ALA F 81 14.39 5.06 -13.57
N GLU F 82 14.60 6.06 -14.43
CA GLU F 82 14.40 7.47 -14.04
C GLU F 82 12.92 7.82 -13.85
N ARG F 83 12.04 7.17 -14.60
CA ARG F 83 10.60 7.30 -14.37
C ARG F 83 10.20 6.79 -12.98
N PHE F 84 10.66 5.58 -12.63
CA PHE F 84 10.47 5.03 -11.28
C PHE F 84 11.03 5.93 -10.18
N GLN F 85 12.27 6.38 -10.37
CA GLN F 85 12.90 7.36 -9.49
C GLN F 85 11.95 8.53 -9.25
N GLN F 86 11.45 9.10 -10.34
CA GLN F 86 10.58 10.28 -10.25
C GLN F 86 9.33 10.00 -9.42
N VAL F 87 8.75 8.82 -9.63
CA VAL F 87 7.54 8.42 -8.92
C VAL F 87 7.79 8.29 -7.42
N GLU F 88 8.88 7.61 -7.06
CA GLU F 88 9.31 7.48 -5.67
C GLU F 88 9.59 8.84 -5.03
N SER F 89 10.13 9.77 -5.83
CA SER F 89 10.44 11.11 -5.36
C SER F 89 9.15 11.91 -5.08
N TRP F 90 8.13 11.71 -5.91
CA TRP F 90 6.82 12.29 -5.62
C TRP F 90 6.22 11.66 -4.36
N LEU F 91 6.49 10.37 -4.17
CA LEU F 91 5.88 9.61 -3.08
C LEU F 91 6.48 9.88 -1.71
N VAL F 92 7.68 10.46 -1.68
CA VAL F 92 8.32 10.93 -0.45
C VAL F 92 7.48 12.04 0.18
N ALA F 93 6.91 12.91 -0.65
CA ALA F 93 6.06 13.99 -0.16
C ALA F 93 4.69 13.50 0.33
N LYS F 94 4.26 12.34 -0.20
CA LYS F 94 2.94 11.78 0.05
C LYS F 94 3.04 10.31 0.49
N PRO F 95 3.49 10.08 1.74
CA PRO F 95 3.82 8.72 2.22
C PRO F 95 2.68 7.72 2.22
N ASN F 96 1.43 8.18 2.39
CA ASN F 96 0.32 7.25 2.48
C ASN F 96 -0.36 6.94 1.16
N THR F 97 0.24 7.37 0.06
CA THR F 97 -0.29 7.06 -1.25
C THR F 97 0.33 5.77 -1.81
N SER F 98 -0.50 4.94 -2.42
CA SER F 98 -0.05 3.67 -3.02
C SER F 98 -0.03 3.75 -4.52
N VAL F 99 1.12 3.43 -5.12
CA VAL F 99 1.22 3.30 -6.56
C VAL F 99 1.70 1.91 -6.91
N LEU F 100 0.93 1.24 -7.77
CA LEU F 100 1.33 -0.03 -8.35
C LEU F 100 1.52 0.16 -9.84
N ILE F 101 2.70 -0.19 -10.35
CA ILE F 101 2.98 -0.09 -11.78
C ILE F 101 3.42 -1.48 -12.26
N ALA F 102 2.63 -2.05 -13.18
CA ALA F 102 2.89 -3.42 -13.68
C ALA F 102 2.85 -3.49 -15.21
N PRO F 103 3.78 -4.27 -15.80
CA PRO F 103 3.82 -4.51 -17.22
C PRO F 103 2.81 -5.55 -17.69
N ASN F 104 2.04 -6.10 -16.76
CA ASN F 104 1.18 -7.24 -17.02
C ASN F 104 0.23 -7.52 -15.86
N PHE F 105 -1.06 -7.59 -16.19
CA PHE F 105 -2.10 -7.78 -15.20
C PHE F 105 -2.84 -9.13 -15.35
N ALA F 106 -2.45 -9.96 -16.32
CA ALA F 106 -3.02 -11.32 -16.38
C ALA F 106 -2.33 -12.17 -15.32
N ILE F 107 -3.09 -12.61 -14.33
CA ILE F 107 -2.52 -13.34 -13.18
C ILE F 107 -1.72 -14.57 -13.63
N GLY F 108 -2.26 -15.32 -14.59
CA GLY F 108 -1.59 -16.47 -15.15
C GLY F 108 -0.25 -16.15 -15.81
N ALA F 109 -0.19 -15.01 -16.50
CA ALA F 109 1.07 -14.57 -17.11
C ALA F 109 2.06 -14.21 -16.01
N VAL F 110 1.57 -13.50 -15.01
CA VAL F 110 2.38 -13.08 -13.87
C VAL F 110 2.93 -14.31 -13.10
N LEU F 111 2.07 -15.29 -12.85
CA LEU F 111 2.43 -16.55 -12.18
C LEU F 111 3.46 -17.34 -12.96
N SER F 112 3.21 -17.47 -14.26
CA SER F 112 4.11 -18.17 -15.17
C SER F 112 5.51 -17.58 -15.17
N MET F 113 5.57 -16.24 -15.14
CA MET F 113 6.85 -15.56 -15.17
CA MET F 113 6.81 -15.51 -15.13
C MET F 113 7.60 -15.77 -13.85
N HIS F 114 6.86 -15.76 -12.74
CA HIS F 114 7.45 -15.98 -11.42
C HIS F 114 7.93 -17.42 -11.34
N PHE F 115 7.14 -18.35 -11.91
CA PHE F 115 7.53 -19.76 -11.97
C PHE F 115 8.80 -19.96 -12.80
N ALA F 116 8.87 -19.28 -13.94
CA ALA F 116 10.08 -19.36 -14.78
C ALA F 116 11.31 -18.82 -14.05
N LYS F 117 11.14 -17.67 -13.41
CA LYS F 117 12.20 -17.09 -12.59
C LYS F 117 12.71 -18.14 -11.59
N GLN F 118 11.78 -18.77 -10.87
CA GLN F 118 12.10 -19.73 -9.83
C GLN F 118 12.75 -21.01 -10.34
N ALA F 119 12.26 -21.52 -11.47
CA ALA F 119 12.75 -22.78 -12.03
C ALA F 119 14.15 -22.68 -12.66
N ALA F 120 14.50 -21.50 -13.17
CA ALA F 120 15.63 -21.33 -14.11
C ALA F 120 16.97 -21.99 -13.71
N ARG F 121 17.40 -21.75 -12.47
CA ARG F 121 18.66 -22.30 -11.98
C ARG F 121 18.71 -23.83 -11.84
N PHE F 122 17.56 -24.49 -12.01
CA PHE F 122 17.49 -25.93 -11.76
C PHE F 122 17.70 -26.79 -13.02
N PHE F 123 17.78 -26.11 -14.16
CA PHE F 123 17.76 -26.75 -15.46
C PHE F 123 18.91 -26.27 -16.31
N ASP F 124 19.49 -27.19 -17.08
CA ASP F 124 20.57 -26.87 -18.01
C ASP F 124 20.08 -26.02 -19.20
N SER F 125 18.84 -26.28 -19.66
CA SER F 125 18.29 -25.63 -20.83
C SER F 125 16.99 -24.88 -20.54
N ALA F 126 16.83 -23.69 -21.13
CA ALA F 126 15.56 -22.94 -21.09
C ALA F 126 15.22 -22.28 -22.42
N GLU F 127 13.99 -22.44 -22.88
CA GLU F 127 13.56 -21.81 -24.15
C GLU F 127 12.17 -21.24 -23.97
N VAL F 128 11.83 -20.24 -24.78
CA VAL F 128 10.47 -19.70 -24.77
C VAL F 128 9.81 -19.93 -26.12
N ILE F 129 8.59 -20.42 -26.12
CA ILE F 129 7.75 -20.42 -27.32
C ILE F 129 6.50 -19.59 -27.04
N GLU F 130 6.31 -18.53 -27.83
CA GLU F 130 5.08 -17.76 -27.79
C GLU F 130 4.24 -18.01 -29.06
N LEU F 131 2.92 -18.01 -28.91
CA LEU F 131 1.99 -18.33 -30.00
C LEU F 131 0.81 -17.32 -30.00
N HIS F 132 0.60 -16.66 -31.16
CA HIS F 132 -0.42 -15.63 -31.27
C HIS F 132 -1.23 -15.70 -32.55
N HIS F 133 -2.37 -15.02 -32.54
CA HIS F 133 -3.13 -14.76 -33.75
C HIS F 133 -2.19 -14.21 -34.86
N PRO F 134 -2.52 -14.47 -36.14
CA PRO F 134 -1.70 -13.97 -37.25
C PRO F 134 -1.98 -12.51 -37.66
N HIS F 135 -2.52 -11.69 -36.76
CA HIS F 135 -2.66 -10.24 -37.02
C HIS F 135 -1.67 -9.41 -36.19
N LYS F 136 -0.71 -10.08 -35.54
CA LYS F 136 0.17 -9.42 -34.57
C LYS F 136 1.37 -8.80 -35.24
N ALA F 137 1.61 -7.52 -34.96
CA ALA F 137 2.67 -6.76 -35.67
C ALA F 137 4.10 -7.18 -35.31
N ASP F 138 4.32 -7.56 -34.06
CA ASP F 138 5.66 -7.83 -33.55
C ASP F 138 5.96 -9.29 -33.15
N ALA F 139 7.19 -9.69 -33.44
CA ALA F 139 7.67 -11.01 -33.08
C ALA F 139 9.08 -10.82 -32.56
N PRO F 140 9.37 -11.33 -31.34
CA PRO F 140 8.45 -11.98 -30.43
C PRO F 140 7.59 -10.96 -29.66
N SER F 141 6.58 -11.42 -28.93
CA SER F 141 5.81 -10.54 -28.05
C SER F 141 6.70 -9.88 -27.01
N GLY F 142 6.24 -8.76 -26.47
CA GLY F 142 6.90 -8.12 -25.34
C GLY F 142 6.98 -9.03 -24.14
N THR F 143 5.95 -9.85 -23.94
CA THR F 143 5.93 -10.77 -22.81
C THR F 143 7.01 -11.83 -22.94
N ALA F 144 7.18 -12.36 -24.14
CA ALA F 144 8.20 -13.41 -24.38
C ALA F 144 9.61 -12.87 -24.20
N ALA F 145 9.84 -11.65 -24.72
CA ALA F 145 11.12 -10.98 -24.55
C ALA F 145 11.42 -10.76 -23.07
N ARG F 146 10.45 -10.21 -22.34
CA ARG F 146 10.52 -10.08 -20.86
C ARG F 146 10.84 -11.42 -20.16
N THR F 147 10.17 -12.48 -20.58
CA THR F 147 10.37 -13.77 -19.95
C THR F 147 11.80 -14.27 -20.12
N ALA F 148 12.28 -14.24 -21.35
CA ALA F 148 13.64 -14.68 -21.68
C ALA F 148 14.70 -13.89 -20.89
N LYS F 149 14.51 -12.56 -20.77
CA LYS F 149 15.47 -11.71 -20.05
C LYS F 149 15.55 -12.07 -18.57
N LEU F 150 14.39 -12.27 -17.95
CA LEU F 150 14.31 -12.71 -16.57
C LEU F 150 14.92 -14.08 -16.34
N ILE F 151 14.64 -15.03 -17.22
CA ILE F 151 15.29 -16.34 -17.12
C ILE F 151 16.83 -16.21 -17.21
N ALA F 152 17.31 -15.50 -18.22
CA ALA F 152 18.76 -15.30 -18.38
C ALA F 152 19.41 -14.63 -17.16
N GLU F 153 18.72 -13.65 -16.59
CA GLU F 153 19.09 -13.03 -15.32
C GLU F 153 19.15 -14.03 -14.16
N ALA F 154 18.09 -14.82 -13.99
CA ALA F 154 18.04 -15.87 -12.98
C ALA F 154 19.15 -16.91 -13.15
N ARG F 155 19.69 -17.01 -14.37
CA ARG F 155 20.79 -17.93 -14.64
C ARG F 155 22.14 -17.21 -14.78
N LYS F 156 22.24 -16.03 -14.19
CA LYS F 156 23.51 -15.30 -14.12
C LYS F 156 24.55 -16.24 -13.51
N GLY F 157 25.66 -16.44 -14.20
CA GLY F 157 26.76 -17.24 -13.66
C GLY F 157 26.58 -18.76 -13.68
N LEU F 158 25.54 -19.24 -14.37
CA LEU F 158 25.43 -20.65 -14.77
C LEU F 158 25.79 -20.82 -16.26
N PRO F 159 26.16 -22.04 -16.71
CA PRO F 159 26.50 -22.19 -18.14
C PRO F 159 25.37 -21.79 -19.09
N PRO F 160 25.71 -21.45 -20.35
CA PRO F 160 24.65 -21.19 -21.33
C PRO F 160 24.00 -22.51 -21.73
N ASN F 161 22.81 -22.42 -22.36
CA ASN F 161 22.12 -23.60 -22.90
C ASN F 161 23.10 -24.41 -23.74
N PRO F 162 23.19 -25.73 -23.46
CA PRO F 162 23.90 -26.57 -24.42
C PRO F 162 23.23 -26.57 -25.80
N ASP F 163 24.06 -26.49 -26.84
CA ASP F 163 23.60 -26.52 -28.20
C ASP F 163 24.75 -26.89 -29.13
N ALA F 164 24.67 -28.08 -29.71
CA ALA F 164 25.69 -28.53 -30.64
C ALA F 164 25.35 -28.27 -32.11
N THR F 165 24.40 -27.37 -32.39
CA THR F 165 24.05 -27.03 -33.78
C THR F 165 25.25 -26.55 -34.58
N SER F 166 25.59 -27.24 -35.66
CA SER F 166 26.66 -26.77 -36.55
C SER F 166 26.16 -26.42 -37.97
N THR F 167 24.98 -26.92 -38.35
CA THR F 167 24.27 -26.44 -39.54
C THR F 167 22.85 -26.04 -39.14
N SER F 168 22.41 -24.90 -39.66
CA SER F 168 21.08 -24.40 -39.39
C SER F 168 20.55 -23.72 -40.64
N LEU F 169 19.24 -23.76 -40.86
CA LEU F 169 18.65 -22.83 -41.80
C LEU F 169 18.50 -21.53 -41.03
N PRO F 170 18.62 -20.37 -41.70
CA PRO F 170 18.55 -19.13 -40.91
C PRO F 170 17.22 -19.01 -40.17
N GLY F 171 17.29 -18.86 -38.85
CA GLY F 171 16.10 -18.63 -38.01
C GLY F 171 15.52 -19.85 -37.30
N ALA F 172 16.03 -21.04 -37.61
CA ALA F 172 15.50 -22.27 -37.02
C ALA F 172 15.57 -22.27 -35.48
N ARG F 173 16.64 -21.71 -34.93
CA ARG F 173 16.90 -21.71 -33.50
C ARG F 173 16.25 -20.52 -32.79
N GLY F 174 15.39 -19.79 -33.49
CA GLY F 174 14.62 -18.71 -32.88
C GLY F 174 15.40 -17.42 -32.74
N ALA F 175 14.78 -16.46 -32.07
CA ALA F 175 15.45 -15.20 -31.72
C ALA F 175 16.21 -15.40 -30.43
N ASP F 176 17.44 -14.91 -30.38
CA ASP F 176 18.25 -14.99 -29.17
C ASP F 176 18.04 -13.76 -28.31
N VAL F 177 17.47 -13.97 -27.13
CA VAL F 177 17.26 -12.90 -26.16
C VAL F 177 18.11 -13.20 -24.93
N ASP F 178 19.26 -12.53 -24.83
CA ASP F 178 20.22 -12.71 -23.74
C ASP F 178 20.61 -14.19 -23.55
N GLY F 179 20.80 -14.89 -24.66
CA GLY F 179 21.18 -16.30 -24.60
C GLY F 179 20.00 -17.27 -24.49
N ILE F 180 18.77 -16.77 -24.43
CA ILE F 180 17.58 -17.64 -24.39
C ILE F 180 16.82 -17.59 -25.72
N PRO F 181 16.75 -18.73 -26.43
CA PRO F 181 16.03 -18.79 -27.71
C PRO F 181 14.54 -18.53 -27.49
N VAL F 182 13.96 -17.66 -28.32
CA VAL F 182 12.53 -17.37 -28.29
C VAL F 182 12.00 -17.62 -29.69
N HIS F 183 10.91 -18.38 -29.76
CA HIS F 183 10.23 -18.73 -31.00
C HIS F 183 8.83 -18.14 -31.00
N ALA F 184 8.42 -17.64 -32.16
CA ALA F 184 7.13 -16.98 -32.29
C ALA F 184 6.28 -17.69 -33.34
N VAL F 185 5.18 -18.27 -32.88
CA VAL F 185 4.25 -18.97 -33.73
C VAL F 185 3.09 -18.01 -33.99
N ARG F 186 2.75 -17.84 -35.27
CA ARG F 186 1.64 -17.04 -35.72
C ARG F 186 0.62 -17.96 -36.40
N LEU F 187 -0.50 -18.23 -35.73
CA LEU F 187 -1.42 -19.23 -36.20
C LEU F 187 -2.85 -18.74 -36.08
N ALA F 188 -3.57 -18.79 -37.19
CA ALA F 188 -5.01 -18.57 -37.21
C ALA F 188 -5.68 -19.39 -36.11
N GLY F 189 -6.62 -18.81 -35.39
CA GLY F 189 -7.34 -19.56 -34.34
C GLY F 189 -6.80 -19.30 -32.94
N LEU F 190 -5.52 -18.93 -32.83
CA LEU F 190 -4.93 -18.64 -31.53
C LEU F 190 -5.25 -17.21 -31.10
N VAL F 191 -4.99 -16.92 -29.83
CA VAL F 191 -5.06 -15.56 -29.32
C VAL F 191 -3.65 -15.15 -28.84
N ALA F 192 -3.31 -15.46 -27.59
CA ALA F 192 -2.01 -15.08 -27.01
C ALA F 192 -1.62 -16.18 -26.06
N HIS F 193 -0.54 -16.88 -26.38
CA HIS F 193 -0.12 -18.02 -25.60
C HIS F 193 1.37 -17.98 -25.47
N GLN F 194 1.88 -18.53 -24.36
CA GLN F 194 3.30 -18.66 -24.18
C GLN F 194 3.65 -19.91 -23.38
N GLU F 195 4.72 -20.58 -23.82
CA GLU F 195 5.20 -21.79 -23.22
C GLU F 195 6.64 -21.55 -22.80
N VAL F 196 6.95 -21.91 -21.56
CA VAL F 196 8.34 -21.90 -21.13
C VAL F 196 8.80 -23.34 -20.94
N LEU F 197 9.93 -23.66 -21.57
CA LEU F 197 10.46 -25.00 -21.58
C LEU F 197 11.76 -25.03 -20.82
N PHE F 198 11.86 -25.97 -19.89
CA PHE F 198 13.08 -26.20 -19.13
C PHE F 198 13.50 -27.64 -19.33
N GLY F 199 14.79 -27.88 -19.45
CA GLY F 199 15.30 -29.22 -19.54
C GLY F 199 16.64 -29.43 -18.87
N THR F 200 16.74 -30.57 -18.23
CA THR F 200 17.98 -31.07 -17.71
C THR F 200 17.94 -32.56 -17.92
N GLU F 201 18.97 -33.26 -17.47
CA GLU F 201 19.09 -34.69 -17.73
C GLU F 201 17.92 -35.52 -17.22
N GLY F 202 17.26 -36.22 -18.14
CA GLY F 202 16.18 -37.14 -17.82
C GLY F 202 14.84 -36.50 -17.51
N GLU F 203 14.72 -35.17 -17.59
CA GLU F 203 13.47 -34.51 -17.28
C GLU F 203 13.32 -33.13 -17.89
N THR F 204 12.07 -32.80 -18.19
CA THR F 204 11.69 -31.48 -18.66
C THR F 204 10.51 -30.93 -17.84
N LEU F 205 10.42 -29.62 -17.79
CA LEU F 205 9.32 -28.92 -17.14
C LEU F 205 8.85 -27.79 -18.08
N THR F 206 7.55 -27.77 -18.32
CA THR F 206 6.95 -26.80 -19.19
C THR F 206 5.82 -26.07 -18.47
N ILE F 207 5.75 -24.76 -18.68
CA ILE F 207 4.68 -23.94 -18.13
C ILE F 207 4.00 -23.20 -19.29
N ARG F 208 2.73 -23.51 -19.53
CA ARG F 208 1.98 -22.85 -20.59
C ARG F 208 0.87 -21.92 -20.11
N HIS F 209 0.92 -20.68 -20.55
CA HIS F 209 -0.15 -19.75 -20.27
C HIS F 209 -0.93 -19.44 -21.55
N ASP F 210 -2.25 -19.42 -21.45
CA ASP F 210 -3.13 -19.15 -22.57
C ASP F 210 -4.08 -18.04 -22.16
N SER F 211 -4.05 -16.92 -22.87
CA SER F 211 -5.09 -15.88 -22.71
C SER F 211 -6.11 -16.13 -23.80
N LEU F 212 -7.36 -16.35 -23.39
CA LEU F 212 -8.37 -16.86 -24.28
C LEU F 212 -9.17 -15.75 -24.90
N ASP F 213 -9.15 -14.58 -24.26
CA ASP F 213 -9.72 -13.40 -24.85
C ASP F 213 -9.07 -12.18 -24.25
N ARG F 214 -9.15 -11.07 -25.00
CA ARG F 214 -8.54 -9.78 -24.63
C ARG F 214 -8.79 -9.35 -23.18
N THR F 215 -9.92 -9.76 -22.63
CA THR F 215 -10.35 -9.36 -21.28
C THR F 215 -9.65 -10.12 -20.14
N SER F 216 -8.53 -10.79 -20.44
CA SER F 216 -7.82 -11.65 -19.46
C SER F 216 -7.15 -10.88 -18.30
N PHE F 217 -6.85 -9.60 -18.53
CA PHE F 217 -6.23 -8.75 -17.53
C PHE F 217 -7.20 -8.28 -16.47
N VAL F 218 -8.50 -8.26 -16.79
CA VAL F 218 -9.50 -7.68 -15.89
C VAL F 218 -9.32 -8.12 -14.42
N PRO F 219 -9.25 -9.45 -14.16
CA PRO F 219 -9.11 -9.93 -12.78
C PRO F 219 -7.89 -9.41 -12.04
N GLY F 220 -6.78 -9.23 -12.74
CA GLY F 220 -5.55 -8.76 -12.12
C GLY F 220 -5.61 -7.29 -11.76
N VAL F 221 -6.25 -6.50 -12.63
CA VAL F 221 -6.41 -5.06 -12.39
C VAL F 221 -7.35 -4.82 -11.21
N LEU F 222 -8.47 -5.54 -11.19
CA LEU F 222 -9.38 -5.50 -10.06
C LEU F 222 -8.72 -5.89 -8.75
N LEU F 223 -7.97 -6.99 -8.77
CA LEU F 223 -7.18 -7.42 -7.60
C LEU F 223 -6.28 -6.30 -7.10
N ALA F 224 -5.55 -5.67 -8.01
CA ALA F 224 -4.65 -4.57 -7.68
C ALA F 224 -5.42 -3.39 -7.07
N VAL F 225 -6.50 -2.97 -7.74
CA VAL F 225 -7.42 -1.96 -7.21
C VAL F 225 -7.85 -2.28 -5.77
N ARG F 226 -8.35 -3.51 -5.56
CA ARG F 226 -8.79 -3.98 -4.23
C ARG F 226 -7.69 -4.05 -3.16
N ARG F 227 -6.45 -4.23 -3.59
CA ARG F 227 -5.36 -4.50 -2.66
C ARG F 227 -4.34 -3.34 -2.57
N ILE F 228 -4.56 -2.31 -3.40
CA ILE F 228 -3.62 -1.19 -3.57
C ILE F 228 -3.09 -0.55 -2.28
N ALA F 229 -3.94 -0.40 -1.27
CA ALA F 229 -3.58 0.35 -0.06
C ALA F 229 -2.76 -0.44 0.97
N GLU F 230 -2.68 -1.76 0.86
CA GLU F 230 -1.85 -2.54 1.78
C GLU F 230 -0.36 -2.17 1.70
N ARG F 231 0.08 -1.68 0.54
CA ARG F 231 1.48 -1.32 0.34
C ARG F 231 1.63 0.16 -0.02
N PRO F 232 2.06 0.97 0.97
CA PRO F 232 2.22 2.41 0.75
C PRO F 232 3.45 2.67 -0.13
N GLY F 233 3.38 3.69 -0.97
CA GLY F 233 4.45 3.94 -1.91
C GLY F 233 4.43 3.00 -3.10
N LEU F 234 5.58 2.86 -3.73
CA LEU F 234 5.67 2.19 -5.03
C LEU F 234 5.89 0.68 -4.93
N THR F 235 5.00 -0.05 -5.59
CA THR F 235 5.13 -1.48 -5.85
C THR F 235 5.23 -1.67 -7.35
N VAL F 236 6.24 -2.42 -7.77
CA VAL F 236 6.49 -2.70 -9.17
C VAL F 236 6.18 -4.17 -9.45
N GLY F 237 5.20 -4.35 -10.34
CA GLY F 237 4.76 -5.67 -10.76
C GLY F 237 3.66 -6.14 -9.85
N LEU F 238 2.84 -7.06 -10.38
CA LEU F 238 1.69 -7.59 -9.68
C LEU F 238 2.06 -8.68 -8.67
N GLU F 239 3.15 -9.41 -8.91
CA GLU F 239 3.60 -10.52 -8.05
C GLU F 239 3.39 -10.30 -6.55
N PRO F 240 3.87 -9.15 -6.00
CA PRO F 240 3.76 -8.93 -4.56
C PRO F 240 2.34 -9.11 -4.01
N LEU F 241 1.33 -8.72 -4.80
CA LEU F 241 -0.05 -8.78 -4.35
C LEU F 241 -0.64 -10.18 -4.44
N LEU F 242 0.19 -11.15 -4.80
CA LEU F 242 -0.29 -12.53 -4.97
C LEU F 242 0.24 -13.46 -3.87
N ASP F 243 0.72 -12.87 -2.78
CA ASP F 243 1.15 -13.61 -1.57
C ASP F 243 1.96 -14.87 -1.85
N LEU F 244 2.95 -14.75 -2.72
CA LEU F 244 3.74 -15.93 -3.14
C LEU F 244 4.98 -16.17 -2.27
N HIS F 245 5.57 -17.35 -2.40
N ALA G 1 11.30 -66.71 -41.11
CA ALA G 1 12.43 -66.34 -42.00
C ALA G 1 13.77 -66.32 -41.28
N ARG G 2 14.81 -66.71 -42.00
CA ARG G 2 16.18 -66.57 -41.55
C ARG G 2 16.65 -65.17 -41.92
N VAL G 3 16.84 -64.36 -40.89
CA VAL G 3 17.17 -62.97 -41.05
C VAL G 3 18.60 -62.74 -40.59
N GLY G 4 19.37 -61.98 -41.35
CA GLY G 4 20.67 -61.47 -40.89
C GLY G 4 20.68 -59.97 -40.73
N VAL G 5 21.62 -59.44 -39.97
CA VAL G 5 21.69 -57.99 -39.74
C VAL G 5 23.02 -57.45 -40.18
N LEU G 6 22.97 -56.48 -41.08
CA LEU G 6 24.15 -55.76 -41.51
C LEU G 6 24.24 -54.47 -40.73
N GLY G 7 25.40 -54.25 -40.10
CA GLY G 7 25.57 -53.20 -39.11
C GLY G 7 25.20 -53.68 -37.72
N ALA G 8 25.40 -54.96 -37.46
CA ALA G 8 24.94 -55.59 -36.23
C ALA G 8 25.40 -54.92 -34.93
N LYS G 9 26.55 -54.22 -34.98
CA LYS G 9 27.13 -53.60 -33.77
C LYS G 9 26.80 -52.12 -33.65
N GLY G 10 26.14 -51.56 -34.67
CA GLY G 10 25.76 -50.16 -34.68
C GLY G 10 24.65 -49.84 -33.68
N LYS G 11 24.36 -48.56 -33.50
CA LYS G 11 23.27 -48.16 -32.63
C LYS G 11 21.93 -48.84 -33.00
N VAL G 12 21.50 -48.70 -34.26
CA VAL G 12 20.24 -49.30 -34.68
C VAL G 12 20.37 -50.81 -34.93
N GLY G 13 21.44 -51.23 -35.60
CA GLY G 13 21.67 -52.64 -35.91
C GLY G 13 21.64 -53.57 -34.69
N ALA G 14 22.30 -53.18 -33.60
CA ALA G 14 22.28 -53.99 -32.38
C ALA G 14 20.87 -54.14 -31.81
N THR G 15 20.11 -53.04 -31.86
CA THR G 15 18.69 -52.99 -31.52
C THR G 15 17.91 -53.97 -32.39
N MET G 16 18.29 -54.06 -33.66
CA MET G 16 17.63 -54.97 -34.61
C MET G 16 17.96 -56.44 -34.36
N VAL G 17 19.22 -56.71 -34.01
CA VAL G 17 19.68 -58.06 -33.60
C VAL G 17 18.87 -58.54 -32.40
N ARG G 18 18.75 -57.68 -31.38
CA ARG G 18 17.89 -57.95 -30.21
C ARG G 18 16.46 -58.32 -30.62
N ALA G 19 15.88 -57.54 -31.55
CA ALA G 19 14.49 -57.75 -31.97
C ALA G 19 14.28 -59.04 -32.73
N VAL G 20 15.23 -59.38 -33.61
CA VAL G 20 15.11 -60.58 -34.43
C VAL G 20 15.19 -61.82 -33.52
N ALA G 21 16.16 -61.79 -32.59
CA ALA G 21 16.30 -62.84 -31.60
C ALA G 21 15.00 -63.04 -30.80
N ALA G 22 14.42 -61.93 -30.34
CA ALA G 22 13.22 -61.97 -29.53
C ALA G 22 11.98 -62.39 -30.32
N ALA G 23 12.00 -62.20 -31.63
CA ALA G 23 10.87 -62.61 -32.48
C ALA G 23 10.82 -64.14 -32.64
N ASP G 24 9.70 -64.77 -32.34
CA ASP G 24 9.58 -66.23 -32.53
C ASP G 24 9.40 -66.73 -33.96
N ASP G 25 8.91 -65.86 -34.86
CA ASP G 25 8.78 -66.21 -36.28
C ASP G 25 10.07 -66.02 -37.09
N LEU G 26 11.05 -65.38 -36.47
CA LEU G 26 12.31 -65.11 -37.16
C LEU G 26 13.51 -65.82 -36.53
N THR G 27 14.40 -66.35 -37.36
CA THR G 27 15.67 -66.91 -36.90
C THR G 27 16.85 -65.97 -37.25
N LEU G 28 17.62 -65.54 -36.24
CA LEU G 28 18.79 -64.74 -36.53
C LEU G 28 19.82 -65.64 -37.20
N SER G 29 20.18 -65.33 -38.44
CA SER G 29 21.07 -66.19 -39.22
C SER G 29 22.48 -65.62 -39.39
N ALA G 30 22.66 -64.34 -39.02
CA ALA G 30 23.95 -63.68 -39.22
C ALA G 30 23.99 -62.29 -38.60
N GLU G 31 25.13 -61.98 -37.99
CA GLU G 31 25.39 -60.68 -37.40
C GLU G 31 26.68 -60.14 -37.99
N LEU G 32 26.55 -59.33 -39.04
CA LEU G 32 27.74 -58.79 -39.72
C LEU G 32 27.94 -57.32 -39.41
N ASP G 33 29.16 -56.98 -39.00
CA ASP G 33 29.60 -55.59 -38.94
C ASP G 33 30.86 -55.37 -39.81
N ALA G 34 31.52 -54.23 -39.60
CA ALA G 34 32.72 -53.83 -40.37
C ALA G 34 33.80 -54.92 -40.39
N GLY G 35 34.25 -55.27 -41.58
CA GLY G 35 35.33 -56.26 -41.72
C GLY G 35 34.83 -57.70 -41.89
N ASP G 36 33.52 -57.91 -41.75
CA ASP G 36 32.92 -59.22 -41.94
C ASP G 36 32.69 -59.51 -43.42
N PRO G 37 33.08 -60.71 -43.88
CA PRO G 37 32.79 -61.06 -45.27
C PRO G 37 31.29 -61.28 -45.48
N LEU G 38 30.75 -60.75 -46.58
CA LEU G 38 29.32 -60.90 -46.86
C LEU G 38 28.96 -62.37 -47.03
N SER G 39 29.96 -63.15 -47.45
CA SER G 39 29.87 -64.60 -47.53
C SER G 39 29.26 -65.24 -46.26
N LEU G 40 29.43 -64.58 -45.11
CA LEU G 40 28.77 -64.99 -43.87
C LEU G 40 27.22 -64.99 -43.95
N LEU G 41 26.65 -64.25 -44.89
CA LEU G 41 25.20 -64.28 -45.07
C LEU G 41 24.75 -65.56 -45.80
N THR G 42 25.47 -65.94 -46.85
CA THR G 42 25.15 -67.15 -47.62
C THR G 42 25.52 -68.40 -46.82
N ASP G 43 26.65 -68.32 -46.10
CA ASP G 43 27.03 -69.34 -45.11
C ASP G 43 25.84 -69.74 -44.25
N GLY G 44 25.12 -68.74 -43.74
CA GLY G 44 24.01 -68.95 -42.80
C GLY G 44 22.66 -69.17 -43.45
N ASN G 45 22.61 -69.28 -44.77
CA ASN G 45 21.33 -69.39 -45.51
C ASN G 45 20.35 -68.28 -45.12
N THR G 46 20.85 -67.06 -45.11
CA THR G 46 20.06 -65.89 -44.82
C THR G 46 19.04 -65.74 -45.93
N GLU G 47 17.81 -65.42 -45.58
CA GLU G 47 16.78 -65.18 -46.59
C GLU G 47 16.44 -63.70 -46.71
N VAL G 48 16.50 -63.00 -45.57
CA VAL G 48 16.29 -61.56 -45.49
C VAL G 48 17.40 -60.90 -44.66
N VAL G 49 17.83 -59.73 -45.09
CA VAL G 49 18.79 -58.92 -44.35
C VAL G 49 18.24 -57.53 -44.01
N ILE G 50 18.58 -57.08 -42.80
CA ILE G 50 18.29 -55.74 -42.34
C ILE G 50 19.60 -55.00 -42.36
N ASP G 51 19.62 -53.83 -42.99
CA ASP G 51 20.83 -53.05 -43.22
C ASP G 51 20.75 -51.65 -42.62
N PHE G 52 21.54 -51.43 -41.56
CA PHE G 52 21.74 -50.10 -40.97
C PHE G 52 23.24 -49.92 -40.82
N THR G 53 23.86 -49.39 -41.87
CA THR G 53 25.31 -49.31 -41.94
C THR G 53 25.77 -47.89 -42.25
N HIS G 54 26.25 -47.66 -43.47
CA HIS G 54 26.83 -46.38 -43.83
C HIS G 54 26.53 -46.14 -45.31
N PRO G 55 26.12 -44.90 -45.70
CA PRO G 55 25.91 -44.50 -47.09
C PRO G 55 26.98 -44.97 -48.06
N ASP G 56 28.23 -44.97 -47.60
CA ASP G 56 29.39 -45.35 -48.42
C ASP G 56 29.52 -46.86 -48.67
N VAL G 57 28.79 -47.69 -47.92
CA VAL G 57 28.96 -49.15 -48.10
C VAL G 57 27.71 -49.86 -48.59
N VAL G 58 26.59 -49.16 -48.56
CA VAL G 58 25.29 -49.84 -48.68
C VAL G 58 25.02 -50.34 -50.11
N MET G 59 25.49 -49.55 -51.09
CA MET G 59 25.34 -49.92 -52.49
C MET G 59 26.03 -51.25 -52.76
N GLY G 60 27.24 -51.42 -52.23
CA GLY G 60 27.97 -52.68 -52.31
C GLY G 60 27.30 -53.85 -51.62
N ASN G 61 26.70 -53.61 -50.46
CA ASN G 61 25.94 -54.64 -49.76
C ASN G 61 24.73 -55.09 -50.61
N LEU G 62 23.94 -54.12 -51.07
CA LEU G 62 22.79 -54.40 -51.91
C LEU G 62 23.18 -55.17 -53.17
N GLU G 63 24.25 -54.74 -53.83
CA GLU G 63 24.73 -55.47 -55.00
C GLU G 63 24.93 -56.96 -54.68
N PHE G 64 25.56 -57.24 -53.54
CA PHE G 64 25.74 -58.61 -53.11
C PHE G 64 24.42 -59.31 -52.80
N LEU G 65 23.53 -58.63 -52.10
CA LEU G 65 22.29 -59.28 -51.60
C LEU G 65 21.40 -59.67 -52.76
N ILE G 66 21.17 -58.70 -53.64
CA ILE G 66 20.37 -58.93 -54.84
C ILE G 66 20.97 -60.04 -55.68
N ASP G 67 22.27 -59.96 -55.99
CA ASP G 67 22.93 -61.01 -56.76
C ASP G 67 22.78 -62.41 -56.16
N ASN G 68 22.64 -62.50 -54.84
CA ASN G 68 22.48 -63.79 -54.16
C ASN G 68 21.03 -64.07 -53.80
N GLY G 69 20.10 -63.25 -54.29
CA GLY G 69 18.68 -63.47 -54.05
C GLY G 69 18.28 -63.29 -52.60
N ILE G 70 19.03 -62.48 -51.85
CA ILE G 70 18.66 -62.23 -50.46
C ILE G 70 17.80 -60.97 -50.45
N HIS G 71 16.60 -61.07 -49.88
CA HIS G 71 15.77 -59.88 -49.65
C HIS G 71 16.44 -58.90 -48.69
N ALA G 72 16.15 -57.62 -48.88
CA ALA G 72 16.79 -56.60 -48.10
C ALA G 72 15.84 -55.54 -47.56
N VAL G 73 15.95 -55.28 -46.27
CA VAL G 73 15.22 -54.21 -45.62
C VAL G 73 16.28 -53.19 -45.17
N VAL G 74 16.25 -52.01 -45.79
CA VAL G 74 17.34 -51.07 -45.68
C VAL G 74 16.93 -49.77 -45.04
N GLY G 75 17.54 -49.48 -43.89
CA GLY G 75 17.35 -48.21 -43.18
C GLY G 75 18.42 -47.17 -43.47
N THR G 76 19.64 -47.62 -43.76
CA THR G 76 20.76 -46.77 -44.16
C THR G 76 20.37 -45.68 -45.13
N THR G 77 20.78 -44.44 -44.83
CA THR G 77 20.35 -43.28 -45.60
C THR G 77 21.34 -42.98 -46.73
N GLY G 78 21.21 -41.79 -47.34
CA GLY G 78 22.01 -41.39 -48.51
C GLY G 78 21.47 -41.81 -49.89
N PHE G 79 20.24 -42.32 -49.93
CA PHE G 79 19.69 -42.78 -51.19
C PHE G 79 19.18 -41.66 -52.08
N THR G 80 19.63 -41.69 -53.32
CA THR G 80 19.33 -40.66 -54.29
C THR G 80 18.61 -41.33 -55.45
N ALA G 81 18.05 -40.50 -56.33
CA ALA G 81 17.36 -40.96 -57.52
C ALA G 81 18.26 -41.93 -58.28
N GLU G 82 19.54 -41.55 -58.38
CA GLU G 82 20.56 -42.32 -59.06
C GLU G 82 20.74 -43.72 -58.41
N ARG G 83 20.94 -43.74 -57.10
CA ARG G 83 21.10 -45.01 -56.37
C ARG G 83 19.85 -45.94 -56.42
N PHE G 84 18.65 -45.35 -56.32
CA PHE G 84 17.40 -46.13 -56.48
C PHE G 84 17.37 -46.76 -57.87
N GLN G 85 17.78 -45.97 -58.87
CA GLN G 85 17.90 -46.44 -60.26
C GLN G 85 18.86 -47.61 -60.37
N GLN G 86 19.94 -47.54 -59.60
CA GLN G 86 20.95 -48.59 -59.64
C GLN G 86 20.42 -49.87 -59.01
N VAL G 87 19.62 -49.70 -57.94
CA VAL G 87 18.98 -50.82 -57.25
C VAL G 87 17.99 -51.52 -58.18
N GLU G 88 17.12 -50.73 -58.82
CA GLU G 88 16.24 -51.22 -59.88
C GLU G 88 17.00 -52.00 -60.98
N SER G 89 18.11 -51.43 -61.46
CA SER G 89 18.93 -52.11 -62.47
C SER G 89 19.41 -53.50 -62.02
N TRP G 90 19.88 -53.62 -60.79
CA TRP G 90 20.35 -54.91 -60.30
C TRP G 90 19.19 -55.91 -60.17
N LEU G 91 18.02 -55.40 -59.84
CA LEU G 91 16.87 -56.27 -59.63
C LEU G 91 16.32 -56.87 -60.92
N VAL G 92 16.70 -56.30 -62.05
CA VAL G 92 16.30 -56.83 -63.35
C VAL G 92 16.80 -58.26 -63.53
N ALA G 93 18.01 -58.54 -63.05
CA ALA G 93 18.63 -59.86 -63.14
C ALA G 93 18.04 -60.84 -62.14
N LYS G 94 17.25 -60.33 -61.18
CA LYS G 94 16.75 -61.13 -60.05
C LYS G 94 15.27 -60.81 -59.75
N PRO G 95 14.36 -61.28 -60.63
CA PRO G 95 12.95 -60.90 -60.53
C PRO G 95 12.18 -61.40 -59.29
N ASN G 96 12.74 -62.36 -58.55
CA ASN G 96 12.01 -62.90 -57.38
C ASN G 96 12.49 -62.27 -56.08
N THR G 97 13.38 -61.30 -56.19
CA THR G 97 14.04 -60.70 -55.02
C THR G 97 13.39 -59.38 -54.74
N SER G 98 13.24 -59.07 -53.46
CA SER G 98 12.63 -57.82 -53.02
C SER G 98 13.60 -57.01 -52.17
N VAL G 99 13.57 -55.70 -52.39
CA VAL G 99 14.28 -54.72 -51.57
C VAL G 99 13.27 -53.66 -51.12
N LEU G 100 13.28 -53.35 -49.83
CA LEU G 100 12.50 -52.21 -49.31
C LEU G 100 13.49 -51.27 -48.65
N ILE G 101 13.49 -50.02 -49.12
CA ILE G 101 14.36 -48.96 -48.56
C ILE G 101 13.46 -47.85 -48.00
N ALA G 102 13.71 -47.47 -46.75
CA ALA G 102 12.86 -46.48 -46.10
C ALA G 102 13.70 -45.43 -45.35
N PRO G 103 13.43 -44.15 -45.62
CA PRO G 103 14.17 -43.08 -44.93
C PRO G 103 13.73 -42.90 -43.48
N ASN G 104 12.52 -43.38 -43.17
CA ASN G 104 12.09 -43.43 -41.78
C ASN G 104 11.37 -44.73 -41.47
N PHE G 105 11.87 -45.46 -40.49
CA PHE G 105 11.27 -46.74 -40.12
C PHE G 105 10.36 -46.68 -38.90
N ALA G 106 10.22 -45.50 -38.30
CA ALA G 106 9.30 -45.35 -37.18
C ALA G 106 7.90 -45.18 -37.72
N ILE G 107 7.03 -46.14 -37.44
CA ILE G 107 5.65 -46.10 -37.92
C ILE G 107 4.96 -44.80 -37.51
N GLY G 108 5.23 -44.36 -36.28
CA GLY G 108 4.58 -43.17 -35.74
C GLY G 108 4.99 -41.90 -36.47
N ALA G 109 6.22 -41.86 -37.01
CA ALA G 109 6.64 -40.72 -37.79
C ALA G 109 6.05 -40.73 -39.18
N VAL G 110 5.99 -41.93 -39.78
CA VAL G 110 5.41 -42.07 -41.10
C VAL G 110 3.98 -41.63 -41.03
N LEU G 111 3.27 -42.08 -40.00
CA LEU G 111 1.86 -41.71 -39.82
C LEU G 111 1.71 -40.20 -39.63
N SER G 112 2.48 -39.61 -38.72
CA SER G 112 2.32 -38.18 -38.46
C SER G 112 2.49 -37.30 -39.71
N MET G 113 3.44 -37.66 -40.56
CA MET G 113 3.68 -36.93 -41.79
C MET G 113 2.53 -37.11 -42.75
N HIS G 114 2.02 -38.34 -42.82
CA HIS G 114 0.84 -38.62 -43.64
C HIS G 114 -0.35 -37.77 -43.15
N PHE G 115 -0.50 -37.65 -41.82
CA PHE G 115 -1.61 -36.89 -41.28
C PHE G 115 -1.40 -35.39 -41.55
N ALA G 116 -0.18 -34.89 -41.38
CA ALA G 116 0.11 -33.48 -41.67
C ALA G 116 -0.32 -33.16 -43.10
N LYS G 117 0.06 -34.05 -44.04
CA LYS G 117 -0.27 -33.92 -45.45
C LYS G 117 -1.78 -33.94 -45.72
N GLN G 118 -2.51 -34.80 -45.01
CA GLN G 118 -3.97 -34.88 -45.15
C GLN G 118 -4.69 -33.65 -44.57
N ALA G 119 -4.10 -33.06 -43.53
CA ALA G 119 -4.67 -31.90 -42.82
C ALA G 119 -4.41 -30.54 -43.50
N ALA G 120 -3.25 -30.43 -44.15
CA ALA G 120 -2.70 -29.17 -44.65
C ALA G 120 -3.65 -28.25 -45.47
N ARG G 121 -4.48 -28.84 -46.33
CA ARG G 121 -5.39 -28.07 -47.20
C ARG G 121 -6.56 -27.44 -46.45
N PHE G 122 -6.80 -27.89 -45.21
CA PHE G 122 -8.05 -27.56 -44.54
C PHE G 122 -7.93 -26.52 -43.44
N PHE G 123 -6.77 -25.87 -43.36
CA PHE G 123 -6.48 -24.86 -42.33
C PHE G 123 -5.74 -23.69 -42.94
N ASP G 124 -5.99 -22.48 -42.45
CA ASP G 124 -5.36 -21.26 -42.96
C ASP G 124 -3.86 -21.26 -42.65
N SER G 125 -3.49 -21.80 -41.49
CA SER G 125 -2.14 -21.66 -40.91
C SER G 125 -1.54 -23.02 -40.61
N ALA G 126 -0.28 -23.21 -40.98
CA ALA G 126 0.48 -24.42 -40.62
C ALA G 126 1.92 -24.05 -40.30
N GLU G 127 2.39 -24.52 -39.14
CA GLU G 127 3.79 -24.36 -38.66
C GLU G 127 4.27 -25.70 -38.08
N VAL G 128 5.60 -25.86 -37.98
CA VAL G 128 6.19 -27.06 -37.41
C VAL G 128 7.13 -26.64 -36.28
N ILE G 129 6.98 -27.28 -35.12
CA ILE G 129 7.94 -27.13 -34.04
C ILE G 129 8.60 -28.49 -33.82
N GLU G 130 9.93 -28.54 -33.87
CA GLU G 130 10.64 -29.75 -33.53
C GLU G 130 11.50 -29.50 -32.32
N LEU G 131 11.69 -30.54 -31.53
CA LEU G 131 12.32 -30.44 -30.22
C LEU G 131 13.24 -31.64 -30.08
N HIS G 132 14.52 -31.33 -29.90
CA HIS G 132 15.54 -32.36 -29.81
C HIS G 132 16.49 -32.14 -28.63
N HIS G 133 17.22 -33.20 -28.28
CA HIS G 133 18.36 -33.17 -27.35
C HIS G 133 19.41 -32.17 -27.85
N PRO G 134 20.19 -31.59 -26.93
CA PRO G 134 21.12 -30.54 -27.35
C PRO G 134 22.49 -31.00 -27.88
N HIS G 135 22.57 -32.25 -28.33
CA HIS G 135 23.74 -32.72 -29.09
C HIS G 135 23.47 -32.83 -30.59
N LYS G 136 22.27 -32.43 -31.04
CA LYS G 136 21.92 -32.50 -32.46
C LYS G 136 22.59 -31.42 -33.30
N ALA G 137 23.31 -31.84 -34.33
CA ALA G 137 24.09 -30.94 -35.17
C ALA G 137 23.28 -30.09 -36.18
N ASP G 138 22.16 -30.63 -36.64
CA ASP G 138 21.37 -29.97 -37.67
C ASP G 138 20.04 -29.35 -37.15
N ALA G 139 19.77 -28.12 -37.60
CA ALA G 139 18.51 -27.44 -37.29
C ALA G 139 17.97 -26.75 -38.53
N PRO G 140 16.72 -27.05 -38.90
CA PRO G 140 15.90 -28.06 -38.25
C PRO G 140 16.27 -29.47 -38.72
N SER G 141 15.72 -30.47 -38.05
CA SER G 141 15.95 -31.86 -38.37
C SER G 141 15.43 -32.17 -39.78
N GLY G 142 15.98 -33.22 -40.36
CA GLY G 142 15.54 -33.70 -41.67
C GLY G 142 14.04 -33.94 -41.71
N THR G 143 13.50 -34.54 -40.64
CA THR G 143 12.08 -34.89 -40.57
C THR G 143 11.21 -33.64 -40.58
N ALA G 144 11.60 -32.64 -39.79
CA ALA G 144 10.85 -31.39 -39.75
C ALA G 144 10.88 -30.69 -41.12
N ALA G 145 12.05 -30.66 -41.76
CA ALA G 145 12.23 -29.99 -43.03
C ALA G 145 11.38 -30.69 -44.09
N ARG G 146 11.38 -32.01 -44.04
CA ARG G 146 10.64 -32.82 -45.00
C ARG G 146 9.13 -32.67 -44.75
N THR G 147 8.73 -32.51 -43.50
CA THR G 147 7.32 -32.32 -43.16
C THR G 147 6.81 -31.00 -43.70
N ALA G 148 7.59 -29.95 -43.51
CA ALA G 148 7.27 -28.62 -44.00
C ALA G 148 7.17 -28.55 -45.52
N LYS G 149 8.07 -29.28 -46.20
CA LYS G 149 8.10 -29.31 -47.66
C LYS G 149 6.83 -29.97 -48.19
N LEU G 150 6.44 -31.06 -47.53
CA LEU G 150 5.24 -31.79 -47.87
C LEU G 150 3.96 -31.01 -47.60
N ILE G 151 3.91 -30.34 -46.44
CA ILE G 151 2.80 -29.47 -46.10
C ILE G 151 2.58 -28.38 -47.17
N ALA G 152 3.69 -27.79 -47.64
CA ALA G 152 3.67 -26.74 -48.67
C ALA G 152 3.26 -27.27 -50.05
N GLU G 153 3.75 -28.46 -50.38
CA GLU G 153 3.30 -29.14 -51.59
C GLU G 153 1.80 -29.44 -51.53
N ALA G 154 1.32 -29.88 -50.34
CA ALA G 154 -0.09 -30.20 -50.18
C ALA G 154 -0.99 -28.98 -50.34
N ARG G 155 -0.47 -27.80 -49.98
CA ARG G 155 -1.26 -26.57 -49.98
C ARG G 155 -1.07 -25.77 -51.27
N LYS G 156 -0.56 -26.40 -52.32
CA LYS G 156 -0.33 -25.65 -53.54
C LYS G 156 -1.68 -25.14 -54.05
N GLY G 157 -1.74 -23.86 -54.38
CA GLY G 157 -2.97 -23.29 -54.92
C GLY G 157 -3.83 -22.65 -53.85
N LEU G 158 -3.43 -22.84 -52.59
CA LEU G 158 -4.05 -22.18 -51.45
C LEU G 158 -3.24 -20.95 -51.02
N PRO G 159 -3.89 -19.95 -50.38
CA PRO G 159 -3.18 -18.74 -49.92
C PRO G 159 -2.06 -19.09 -48.95
N PRO G 160 -1.00 -18.29 -48.89
CA PRO G 160 0.07 -18.51 -47.89
C PRO G 160 -0.47 -18.34 -46.47
N ASN G 161 0.26 -18.84 -45.47
CA ASN G 161 -0.05 -18.56 -44.05
C ASN G 161 -0.23 -17.06 -43.88
N PRO G 162 -1.37 -16.62 -43.28
CA PRO G 162 -1.44 -15.20 -42.86
C PRO G 162 -0.35 -14.85 -41.86
N ASP G 163 0.19 -13.63 -41.94
CA ASP G 163 1.21 -13.19 -41.00
C ASP G 163 1.41 -11.67 -41.13
N ALA G 164 0.93 -10.94 -40.12
CA ALA G 164 1.08 -9.48 -40.09
C ALA G 164 2.39 -8.97 -39.47
N THR G 165 3.39 -9.86 -39.30
CA THR G 165 4.68 -9.44 -38.73
C THR G 165 5.30 -8.28 -39.51
N SER G 166 5.48 -7.13 -38.84
CA SER G 166 6.09 -5.94 -39.46
C SER G 166 7.41 -5.54 -38.80
N THR G 167 7.55 -5.84 -37.50
CA THR G 167 8.86 -5.75 -36.82
C THR G 167 9.15 -7.06 -36.05
N SER G 168 10.35 -7.60 -36.23
CA SER G 168 10.78 -8.77 -35.48
C SER G 168 12.27 -8.81 -35.22
N LEU G 169 12.64 -9.53 -34.16
CA LEU G 169 14.02 -9.91 -33.94
C LEU G 169 14.37 -10.98 -34.93
N PRO G 170 15.61 -10.98 -35.45
CA PRO G 170 15.98 -12.03 -36.42
C PRO G 170 15.74 -13.42 -35.84
N GLY G 171 15.09 -14.29 -36.60
CA GLY G 171 14.93 -15.69 -36.21
C GLY G 171 13.72 -16.04 -35.37
N ALA G 172 12.97 -15.02 -34.96
CA ALA G 172 11.81 -15.24 -34.11
C ALA G 172 10.72 -16.08 -34.80
N ARG G 173 10.65 -16.01 -36.12
CA ARG G 173 9.58 -16.64 -36.89
C ARG G 173 10.00 -18.01 -37.47
N GLY G 174 11.17 -18.50 -37.06
CA GLY G 174 11.63 -19.79 -37.50
C GLY G 174 12.35 -19.75 -38.84
N ALA G 175 12.79 -20.93 -39.29
CA ALA G 175 13.27 -21.12 -40.66
C ALA G 175 12.06 -21.23 -41.61
N ASP G 176 12.12 -20.49 -42.71
CA ASP G 176 11.11 -20.54 -43.74
C ASP G 176 11.45 -21.66 -44.69
N VAL G 177 10.65 -22.73 -44.62
CA VAL G 177 10.78 -23.86 -45.54
C VAL G 177 9.53 -23.80 -46.39
N ASP G 178 9.71 -23.34 -47.63
CA ASP G 178 8.64 -23.26 -48.62
C ASP G 178 7.38 -22.54 -48.11
N GLY G 179 7.58 -21.54 -47.27
CA GLY G 179 6.48 -20.73 -46.77
C GLY G 179 5.91 -21.21 -45.46
N ILE G 180 6.48 -22.29 -44.90
CA ILE G 180 6.05 -22.93 -43.64
C ILE G 180 7.11 -22.66 -42.58
N PRO G 181 6.79 -21.90 -41.53
CA PRO G 181 7.75 -21.74 -40.42
C PRO G 181 8.07 -23.06 -39.72
N VAL G 182 9.35 -23.26 -39.43
CA VAL G 182 9.83 -24.41 -38.70
C VAL G 182 10.70 -23.92 -37.57
N HIS G 183 10.33 -24.29 -36.35
CA HIS G 183 11.08 -23.91 -35.15
C HIS G 183 11.80 -25.13 -34.57
N ALA G 184 13.07 -24.93 -34.21
CA ALA G 184 13.92 -25.95 -33.59
C ALA G 184 14.22 -25.60 -32.14
N VAL G 185 13.72 -26.42 -31.24
CA VAL G 185 14.01 -26.30 -29.84
C VAL G 185 15.10 -27.33 -29.54
N ARG G 186 16.13 -26.91 -28.78
CA ARG G 186 17.19 -27.83 -28.32
C ARG G 186 17.24 -27.83 -26.82
N LEU G 187 16.95 -28.97 -26.20
CA LEU G 187 16.70 -29.00 -24.76
C LEU G 187 17.26 -30.25 -24.10
N ALA G 188 18.04 -30.06 -23.04
CA ALA G 188 18.52 -31.17 -22.25
C ALA G 188 17.28 -31.93 -21.79
N GLY G 189 17.37 -33.26 -21.81
CA GLY G 189 16.30 -34.09 -21.28
C GLY G 189 15.39 -34.60 -22.38
N LEU G 190 15.47 -34.01 -23.55
CA LEU G 190 14.65 -34.41 -24.71
C LEU G 190 15.33 -35.49 -25.54
N VAL G 191 14.57 -36.17 -26.39
CA VAL G 191 15.17 -37.07 -27.38
C VAL G 191 14.91 -36.51 -28.81
N ALA G 192 13.80 -36.92 -29.43
CA ALA G 192 13.37 -36.39 -30.73
C ALA G 192 11.88 -36.24 -30.69
N HIS G 193 11.39 -35.04 -30.96
CA HIS G 193 9.96 -34.74 -30.85
C HIS G 193 9.59 -33.78 -31.96
N GLN G 194 8.38 -33.90 -32.49
CA GLN G 194 7.92 -33.02 -33.52
C GLN G 194 6.44 -32.79 -33.39
N GLU G 195 6.07 -31.53 -33.57
CA GLU G 195 4.72 -31.09 -33.37
C GLU G 195 4.33 -30.24 -34.56
N VAL G 196 3.22 -30.63 -35.19
CA VAL G 196 2.68 -29.91 -36.35
C VAL G 196 1.38 -29.24 -35.92
N LEU G 197 1.33 -27.94 -36.17
CA LEU G 197 0.28 -27.06 -35.67
C LEU G 197 -0.49 -26.49 -36.83
N PHE G 198 -1.77 -26.80 -36.86
CA PHE G 198 -2.67 -26.29 -37.89
C PHE G 198 -3.73 -25.40 -37.26
N GLY G 199 -4.03 -24.30 -37.92
CA GLY G 199 -4.95 -23.35 -37.34
C GLY G 199 -5.83 -22.64 -38.32
N THR G 200 -7.03 -22.36 -37.86
CA THR G 200 -8.03 -21.64 -38.60
C THR G 200 -8.93 -20.99 -37.53
N GLU G 201 -9.49 -19.82 -37.83
CA GLU G 201 -10.35 -19.20 -36.81
C GLU G 201 -11.42 -20.21 -36.39
N GLY G 202 -11.58 -20.39 -35.08
CA GLY G 202 -12.56 -21.35 -34.57
C GLY G 202 -12.04 -22.74 -34.24
N GLU G 203 -10.90 -23.14 -34.81
CA GLU G 203 -10.28 -24.43 -34.44
C GLU G 203 -8.80 -24.61 -34.71
N THR G 204 -8.18 -25.49 -33.92
CA THR G 204 -6.79 -25.84 -34.14
C THR G 204 -6.65 -27.35 -34.10
N LEU G 205 -5.63 -27.84 -34.80
CA LEU G 205 -5.31 -29.24 -34.86
C LEU G 205 -3.81 -29.43 -34.70
N THR G 206 -3.42 -30.34 -33.82
CA THR G 206 -2.01 -30.56 -33.51
C THR G 206 -1.71 -32.04 -33.55
N ILE G 207 -0.63 -32.38 -34.24
CA ILE G 207 -0.10 -33.72 -34.31
C ILE G 207 1.28 -33.71 -33.67
N ARG G 208 1.46 -34.52 -32.62
CA ARG G 208 2.70 -34.57 -31.91
C ARG G 208 3.23 -36.01 -31.96
N HIS G 209 4.47 -36.13 -32.40
CA HIS G 209 5.19 -37.38 -32.39
C HIS G 209 6.38 -37.28 -31.42
N ASP G 210 6.49 -38.25 -30.51
CA ASP G 210 7.58 -38.36 -29.54
C ASP G 210 8.31 -39.67 -29.76
N SER G 211 9.61 -39.55 -29.99
CA SER G 211 10.47 -40.66 -30.31
C SER G 211 11.40 -40.75 -29.14
N LEU G 212 11.23 -41.77 -28.33
CA LEU G 212 11.93 -41.85 -27.04
C LEU G 212 13.12 -42.77 -27.08
N ASP G 213 13.19 -43.59 -28.11
CA ASP G 213 14.03 -44.77 -28.10
C ASP G 213 14.21 -45.26 -29.53
N ARG G 214 15.28 -45.98 -29.79
CA ARG G 214 15.49 -46.59 -31.11
C ARG G 214 14.64 -47.84 -31.33
N THR G 215 13.94 -48.26 -30.29
CA THR G 215 12.99 -49.37 -30.41
C THR G 215 11.80 -48.86 -31.23
N SER G 216 11.66 -47.55 -31.34
CA SER G 216 10.66 -46.94 -32.19
C SER G 216 10.78 -47.38 -33.66
N PHE G 217 12.00 -47.77 -34.05
CA PHE G 217 12.28 -48.23 -35.40
C PHE G 217 11.91 -49.68 -35.63
N VAL G 218 11.81 -50.44 -34.55
CA VAL G 218 11.65 -51.90 -34.64
C VAL G 218 10.35 -52.39 -35.32
N PRO G 219 9.17 -51.97 -34.82
CA PRO G 219 7.99 -52.48 -35.53
C PRO G 219 7.97 -52.23 -37.03
N GLY G 220 8.39 -51.04 -37.46
CA GLY G 220 8.48 -50.72 -38.88
C GLY G 220 9.37 -51.69 -39.64
N VAL G 221 10.57 -51.89 -39.12
CA VAL G 221 11.53 -52.78 -39.74
C VAL G 221 11.03 -54.21 -39.84
N LEU G 222 10.56 -54.78 -38.74
CA LEU G 222 10.14 -56.17 -38.74
C LEU G 222 8.89 -56.36 -39.56
N LEU G 223 8.09 -55.31 -39.67
CA LEU G 223 6.91 -55.39 -40.51
C LEU G 223 7.41 -55.46 -41.93
N ALA G 224 8.44 -54.68 -42.26
CA ALA G 224 8.99 -54.80 -43.62
C ALA G 224 9.58 -56.19 -43.91
N VAL G 225 10.34 -56.73 -42.94
CA VAL G 225 10.94 -58.04 -43.00
C VAL G 225 9.92 -59.15 -43.27
N ARG G 226 8.83 -59.17 -42.48
CA ARG G 226 7.79 -60.18 -42.61
C ARG G 226 6.99 -60.06 -43.91
N ARG G 227 6.89 -58.86 -44.46
CA ARG G 227 6.07 -58.68 -45.65
C ARG G 227 6.88 -58.49 -46.95
N ILE G 228 8.19 -58.73 -46.87
CA ILE G 228 9.15 -58.36 -47.93
C ILE G 228 8.88 -58.99 -49.30
N ALA G 229 8.53 -60.27 -49.33
CA ALA G 229 8.30 -60.97 -50.60
C ALA G 229 6.95 -60.62 -51.24
N GLU G 230 6.13 -59.79 -50.59
CA GLU G 230 4.83 -59.45 -51.16
C GLU G 230 4.94 -58.52 -52.36
N ARG G 231 6.03 -57.75 -52.42
CA ARG G 231 6.27 -56.84 -53.53
CA ARG G 231 6.28 -56.83 -53.53
C ARG G 231 7.62 -57.15 -54.17
N PRO G 232 7.59 -57.85 -55.32
CA PRO G 232 8.87 -58.04 -56.01
C PRO G 232 9.55 -56.71 -56.35
N GLY G 233 10.88 -56.73 -56.40
CA GLY G 233 11.61 -55.56 -56.81
C GLY G 233 11.75 -54.56 -55.68
N LEU G 234 11.65 -53.29 -56.04
CA LEU G 234 12.01 -52.24 -55.13
C LEU G 234 10.79 -51.49 -54.65
N THR G 235 10.68 -51.41 -53.33
CA THR G 235 9.73 -50.57 -52.65
C THR G 235 10.54 -49.54 -51.86
N VAL G 236 10.04 -48.31 -51.91
CA VAL G 236 10.64 -47.18 -51.23
C VAL G 236 9.60 -46.60 -50.30
N GLY G 237 9.93 -46.61 -49.01
CA GLY G 237 9.06 -46.06 -48.01
C GLY G 237 8.28 -47.16 -47.29
N LEU G 238 8.02 -46.92 -46.02
CA LEU G 238 7.22 -47.83 -45.23
C LEU G 238 5.72 -47.72 -45.57
N GLU G 239 5.30 -46.58 -46.11
CA GLU G 239 3.90 -46.23 -46.38
C GLU G 239 3.06 -47.34 -47.03
N PRO G 240 3.61 -48.01 -48.07
CA PRO G 240 2.81 -49.04 -48.73
C PRO G 240 2.40 -50.18 -47.80
N LEU G 241 3.20 -50.43 -46.77
CA LEU G 241 2.95 -51.52 -45.82
C LEU G 241 1.97 -51.13 -44.71
N LEU G 242 1.63 -49.85 -44.64
CA LEU G 242 0.70 -49.37 -43.62
C LEU G 242 -0.73 -49.18 -44.14
N ASP G 243 -1.01 -49.74 -45.32
CA ASP G 243 -2.37 -49.77 -45.94
C ASP G 243 -3.22 -48.55 -45.58
N LEU G 244 -2.87 -47.41 -46.15
CA LEU G 244 -3.52 -46.13 -45.88
C LEU G 244 -4.63 -45.80 -46.91
N HIS G 245 -5.68 -46.63 -46.92
N ALA H 1 -24.05 -19.42 -54.08
CA ALA H 1 -25.46 -19.44 -54.58
C ALA H 1 -26.43 -18.82 -53.56
N ARG H 2 -27.72 -18.85 -53.87
CA ARG H 2 -28.74 -18.39 -52.92
C ARG H 2 -29.03 -19.49 -51.88
N VAL H 3 -28.81 -19.15 -50.62
CA VAL H 3 -28.76 -20.16 -49.55
C VAL H 3 -29.83 -19.95 -48.47
N GLY H 4 -30.55 -21.03 -48.15
CA GLY H 4 -31.57 -21.02 -47.11
C GLY H 4 -31.08 -21.68 -45.84
N VAL H 5 -31.58 -21.22 -44.70
CA VAL H 5 -31.16 -21.75 -43.39
C VAL H 5 -32.37 -22.07 -42.49
N LEU H 6 -32.56 -23.36 -42.22
CA LEU H 6 -33.55 -23.82 -41.25
C LEU H 6 -32.90 -23.90 -39.87
N GLY H 7 -33.53 -23.25 -38.89
CA GLY H 7 -33.01 -23.18 -37.52
C GLY H 7 -32.18 -21.94 -37.24
N ALA H 8 -32.46 -20.88 -38.01
CA ALA H 8 -31.64 -19.66 -38.08
C ALA H 8 -31.46 -18.87 -36.77
N LYS H 9 -32.38 -19.05 -35.83
CA LYS H 9 -32.29 -18.40 -34.52
C LYS H 9 -31.49 -19.26 -33.53
N GLY H 10 -31.27 -20.53 -33.89
CA GLY H 10 -30.53 -21.48 -33.06
C GLY H 10 -29.06 -21.15 -32.97
N LYS H 11 -28.38 -21.79 -32.02
CA LYS H 11 -26.99 -21.44 -31.72
C LYS H 11 -26.05 -21.67 -32.89
N VAL H 12 -26.17 -22.81 -33.56
CA VAL H 12 -25.37 -23.08 -34.76
C VAL H 12 -26.00 -22.40 -35.98
N GLY H 13 -27.32 -22.48 -36.08
CA GLY H 13 -28.07 -21.83 -37.16
C GLY H 13 -27.75 -20.36 -37.35
N ALA H 14 -27.73 -19.61 -36.23
CA ALA H 14 -27.38 -18.18 -36.24
C ALA H 14 -25.94 -17.94 -36.68
N THR H 15 -25.05 -18.88 -36.36
CA THR H 15 -23.67 -18.85 -36.85
C THR H 15 -23.66 -19.03 -38.37
N MET H 16 -24.49 -19.94 -38.86
CA MET H 16 -24.53 -20.26 -40.30
C MET H 16 -25.07 -19.13 -41.15
N VAL H 17 -25.87 -18.27 -40.51
CA VAL H 17 -26.43 -17.10 -41.16
C VAL H 17 -25.37 -16.02 -41.31
N ARG H 18 -24.69 -15.69 -40.21
CA ARG H 18 -23.64 -14.68 -40.21
C ARG H 18 -22.56 -15.04 -41.22
N ALA H 19 -22.22 -16.33 -41.25
CA ALA H 19 -21.21 -16.89 -42.15
C ALA H 19 -21.59 -16.72 -43.62
N VAL H 20 -22.85 -16.99 -43.95
CA VAL H 20 -23.38 -16.83 -45.30
C VAL H 20 -23.49 -15.34 -45.68
N ALA H 21 -23.81 -14.50 -44.70
CA ALA H 21 -23.86 -13.05 -44.91
C ALA H 21 -22.45 -12.43 -44.95
N ALA H 22 -21.51 -13.05 -44.25
CA ALA H 22 -20.10 -12.61 -44.26
C ALA H 22 -19.35 -13.10 -45.51
N ALA H 23 -19.97 -14.00 -46.27
CA ALA H 23 -19.43 -14.41 -47.56
C ALA H 23 -20.12 -13.62 -48.66
N ASP H 24 -19.34 -13.17 -49.64
CA ASP H 24 -19.88 -12.42 -50.79
C ASP H 24 -20.01 -13.26 -52.08
N ASP H 25 -19.66 -14.54 -51.98
CA ASP H 25 -19.97 -15.49 -53.05
C ASP H 25 -21.26 -16.23 -52.74
N LEU H 26 -21.80 -15.96 -51.55
CA LEU H 26 -23.06 -16.54 -51.10
C LEU H 26 -24.05 -15.45 -50.67
N THR H 27 -25.30 -15.59 -51.14
CA THR H 27 -26.37 -14.66 -50.77
C THR H 27 -27.40 -15.36 -49.87
N LEU H 28 -27.74 -14.73 -48.76
CA LEU H 28 -28.76 -15.25 -47.85
C LEU H 28 -30.14 -15.05 -48.44
N SER H 29 -30.94 -16.13 -48.45
CA SER H 29 -32.26 -16.09 -49.06
C SER H 29 -33.42 -16.20 -48.07
N ALA H 30 -33.26 -17.01 -47.02
CA ALA H 30 -34.31 -17.22 -46.03
C ALA H 30 -33.78 -17.63 -44.64
N GLU H 31 -34.14 -16.85 -43.62
CA GLU H 31 -33.80 -17.15 -42.23
C GLU H 31 -34.99 -17.82 -41.55
N LEU H 32 -35.14 -19.12 -41.77
CA LEU H 32 -36.33 -19.85 -41.29
C LEU H 32 -36.13 -20.53 -39.94
N ASP H 33 -37.01 -20.20 -39.00
CA ASP H 33 -36.97 -20.78 -37.66
C ASP H 33 -38.35 -21.31 -37.22
N ALA H 34 -38.37 -22.08 -36.14
CA ALA H 34 -39.55 -22.82 -35.70
C ALA H 34 -40.88 -22.11 -35.93
N GLY H 35 -41.78 -22.75 -36.68
CA GLY H 35 -43.11 -22.23 -36.93
C GLY H 35 -43.30 -21.54 -38.27
N ASP H 36 -42.19 -21.23 -38.95
CA ASP H 36 -42.24 -20.54 -40.25
C ASP H 36 -42.53 -21.51 -41.39
N PRO H 37 -43.43 -21.12 -42.32
CA PRO H 37 -43.77 -21.96 -43.47
C PRO H 37 -42.60 -22.19 -44.42
N LEU H 38 -42.47 -23.42 -44.92
CA LEU H 38 -41.36 -23.82 -45.80
C LEU H 38 -41.47 -23.23 -47.22
N SER H 39 -42.60 -22.58 -47.49
CA SER H 39 -42.87 -21.95 -48.78
C SER H 39 -41.98 -20.72 -49.04
N LEU H 40 -41.31 -20.23 -48.00
CA LEU H 40 -40.49 -19.03 -48.08
C LEU H 40 -39.13 -19.27 -48.75
N LEU H 41 -38.78 -20.55 -48.94
CA LEU H 41 -37.57 -20.93 -49.65
C LEU H 41 -37.78 -20.85 -51.17
N THR H 42 -38.99 -21.19 -51.60
CA THR H 42 -39.42 -20.97 -52.99
C THR H 42 -39.64 -19.47 -53.24
N ASP H 43 -40.01 -18.74 -52.19
CA ASP H 43 -40.18 -17.29 -52.24
C ASP H 43 -38.84 -16.56 -52.39
N GLY H 44 -37.80 -17.13 -51.78
CA GLY H 44 -36.45 -16.56 -51.87
C GLY H 44 -35.62 -17.16 -52.99
N ASN H 45 -36.28 -17.85 -53.92
CA ASN H 45 -35.64 -18.51 -55.07
C ASN H 45 -34.40 -19.31 -54.64
N THR H 46 -34.52 -20.04 -53.53
CA THR H 46 -33.41 -20.69 -52.84
C THR H 46 -32.83 -21.89 -53.59
N GLU H 47 -31.50 -21.96 -53.68
CA GLU H 47 -30.82 -23.02 -54.40
C GLU H 47 -30.18 -24.08 -53.49
N VAL H 48 -29.74 -23.67 -52.30
CA VAL H 48 -29.13 -24.57 -51.32
C VAL H 48 -29.62 -24.26 -49.90
N VAL H 49 -29.90 -25.30 -49.12
CA VAL H 49 -30.39 -25.14 -47.74
C VAL H 49 -29.45 -25.76 -46.70
N ILE H 50 -29.32 -25.07 -45.56
CA ILE H 50 -28.59 -25.56 -44.39
C ILE H 50 -29.56 -25.80 -43.23
N ASP H 51 -29.53 -26.99 -42.66
CA ASP H 51 -30.44 -27.35 -41.57
C ASP H 51 -29.70 -27.66 -40.26
N PHE H 52 -29.90 -26.80 -39.27
CA PHE H 52 -29.56 -27.07 -37.88
C PHE H 52 -30.80 -26.84 -37.01
N THR H 53 -31.62 -27.87 -36.89
CA THR H 53 -32.91 -27.77 -36.18
C THR H 53 -33.06 -28.83 -35.06
N HIS H 54 -33.90 -29.82 -35.31
CA HIS H 54 -34.25 -30.85 -34.34
C HIS H 54 -34.61 -32.16 -35.05
N PRO H 55 -34.19 -33.31 -34.49
CA PRO H 55 -34.52 -34.64 -35.05
C PRO H 55 -36.00 -34.86 -35.36
N ASP H 56 -36.88 -34.40 -34.48
CA ASP H 56 -38.34 -34.57 -34.62
C ASP H 56 -38.96 -33.83 -35.81
N VAL H 57 -38.27 -32.80 -36.32
CA VAL H 57 -38.81 -31.99 -37.41
C VAL H 57 -38.04 -32.10 -38.74
N VAL H 58 -36.82 -32.62 -38.69
CA VAL H 58 -35.94 -32.62 -39.86
C VAL H 58 -36.36 -33.57 -40.99
N MET H 59 -37.03 -34.68 -40.64
CA MET H 59 -37.51 -35.63 -41.64
C MET H 59 -38.62 -35.03 -42.51
N GLY H 60 -39.46 -34.20 -41.89
CA GLY H 60 -40.46 -33.41 -42.62
C GLY H 60 -39.82 -32.27 -43.38
N ASN H 61 -38.77 -31.67 -42.81
CA ASN H 61 -37.97 -30.64 -43.49
C ASN H 61 -37.36 -31.14 -44.79
N LEU H 62 -37.06 -32.44 -44.83
CA LEU H 62 -36.48 -33.10 -45.99
C LEU H 62 -37.53 -33.71 -46.91
N GLU H 63 -38.80 -33.62 -46.50
CA GLU H 63 -39.92 -33.99 -47.36
C GLU H 63 -40.11 -32.93 -48.45
N PHE H 64 -40.28 -31.67 -48.03
CA PHE H 64 -40.50 -30.55 -48.95
C PHE H 64 -39.24 -30.08 -49.64
N LEU H 65 -38.11 -30.19 -48.94
CA LEU H 65 -36.80 -29.82 -49.48
C LEU H 65 -36.46 -30.62 -50.73
N ILE H 66 -36.61 -31.94 -50.64
CA ILE H 66 -36.44 -32.84 -51.78
C ILE H 66 -37.56 -32.66 -52.82
N ASP H 67 -38.78 -32.39 -52.35
CA ASP H 67 -39.94 -32.14 -53.22
C ASP H 67 -39.68 -30.99 -54.19
N ASN H 68 -39.05 -29.94 -53.67
CA ASN H 68 -38.75 -28.75 -54.47
C ASN H 68 -37.52 -28.93 -55.37
N GLY H 69 -36.53 -29.67 -54.87
CA GLY H 69 -35.28 -29.86 -55.59
C GLY H 69 -34.22 -28.85 -55.18
N ILE H 70 -34.29 -28.41 -53.92
CA ILE H 70 -33.26 -27.58 -53.31
C ILE H 70 -32.33 -28.49 -52.51
N HIS H 71 -31.02 -28.32 -52.73
CA HIS H 71 -30.01 -29.14 -52.08
C HIS H 71 -29.96 -28.92 -50.57
N ALA H 72 -29.77 -30.02 -49.83
CA ALA H 72 -29.85 -30.02 -48.37
C ALA H 72 -28.54 -30.42 -47.67
N VAL H 73 -27.85 -29.42 -47.12
CA VAL H 73 -26.72 -29.64 -46.23
C VAL H 73 -27.28 -29.76 -44.81
N VAL H 74 -27.21 -30.95 -44.23
CA VAL H 74 -27.89 -31.24 -42.97
C VAL H 74 -26.92 -31.67 -41.86
N GLY H 75 -26.91 -30.92 -40.76
CA GLY H 75 -26.09 -31.24 -39.59
C GLY H 75 -26.89 -31.65 -38.36
N THR H 76 -28.21 -31.54 -38.45
CA THR H 76 -29.10 -31.90 -37.36
C THR H 76 -28.94 -33.38 -37.02
N THR H 77 -28.64 -33.65 -35.75
CA THR H 77 -28.25 -34.98 -35.27
C THR H 77 -29.43 -35.94 -35.05
N GLY H 78 -29.16 -37.24 -35.12
CA GLY H 78 -30.18 -38.27 -34.95
C GLY H 78 -30.61 -38.88 -36.28
N PHE H 79 -29.73 -39.70 -36.85
CA PHE H 79 -29.97 -40.29 -38.17
C PHE H 79 -29.63 -41.79 -38.23
N THR H 80 -30.64 -42.62 -37.95
CA THR H 80 -30.50 -44.08 -38.04
C THR H 80 -30.58 -44.55 -39.49
N ALA H 81 -30.07 -45.76 -39.75
CA ALA H 81 -29.97 -46.30 -41.11
C ALA H 81 -31.32 -46.47 -41.82
N GLU H 82 -32.41 -46.30 -41.07
CA GLU H 82 -33.78 -46.35 -41.63
C GLU H 82 -34.32 -44.95 -41.93
N ARG H 83 -33.72 -43.93 -41.31
CA ARG H 83 -34.00 -42.54 -41.65
C ARG H 83 -33.30 -42.16 -42.95
N PHE H 84 -32.15 -42.79 -43.20
CA PHE H 84 -31.42 -42.63 -44.45
C PHE H 84 -32.11 -43.35 -45.62
N GLN H 85 -32.77 -44.47 -45.31
CA GLN H 85 -33.43 -45.32 -46.32
C GLN H 85 -34.50 -44.60 -47.13
N GLN H 86 -35.35 -43.83 -46.45
CA GLN H 86 -36.44 -43.12 -47.11
C GLN H 86 -36.00 -41.80 -47.73
N VAL H 87 -34.87 -41.28 -47.27
CA VAL H 87 -34.21 -40.16 -47.93
C VAL H 87 -33.63 -40.63 -49.27
N GLU H 88 -33.05 -41.83 -49.27
CA GLU H 88 -32.59 -42.49 -50.50
C GLU H 88 -33.77 -42.90 -51.39
N SER H 89 -34.88 -43.26 -50.76
CA SER H 89 -36.11 -43.59 -51.48
C SER H 89 -36.75 -42.36 -52.12
N TRP H 90 -36.46 -41.18 -51.55
CA TRP H 90 -36.97 -39.91 -52.09
C TRP H 90 -36.15 -39.41 -53.27
N LEU H 91 -34.84 -39.65 -53.24
CA LEU H 91 -33.92 -39.11 -54.25
C LEU H 91 -33.86 -39.97 -55.52
N VAL H 92 -34.71 -40.99 -55.59
CA VAL H 92 -34.93 -41.77 -56.80
C VAL H 92 -35.83 -40.96 -57.74
N ALA H 93 -36.88 -40.38 -57.17
CA ALA H 93 -37.83 -39.53 -57.91
C ALA H 93 -37.23 -38.17 -58.28
N LYS H 94 -36.19 -37.77 -57.55
CA LYS H 94 -35.46 -36.54 -57.84
C LYS H 94 -33.94 -36.79 -57.87
N PRO H 95 -33.42 -37.20 -59.04
CA PRO H 95 -31.98 -37.50 -59.18
C PRO H 95 -31.09 -36.24 -59.22
N ASN H 96 -31.66 -35.12 -59.64
CA ASN H 96 -30.94 -33.84 -59.72
C ASN H 96 -30.68 -33.17 -58.36
N THR H 97 -31.30 -33.70 -57.30
CA THR H 97 -31.21 -33.12 -55.97
C THR H 97 -30.17 -33.85 -55.11
N SER H 98 -29.32 -33.08 -54.43
CA SER H 98 -28.22 -33.62 -53.61
C SER H 98 -28.47 -33.40 -52.12
N VAL H 99 -28.20 -34.44 -51.33
CA VAL H 99 -28.37 -34.37 -49.87
C VAL H 99 -27.09 -34.83 -49.15
N LEU H 100 -26.44 -33.90 -48.47
CA LEU H 100 -25.30 -34.22 -47.63
C LEU H 100 -25.69 -34.08 -46.16
N ILE H 101 -25.52 -35.17 -45.42
CA ILE H 101 -25.76 -35.17 -43.98
C ILE H 101 -24.48 -35.61 -43.28
N ALA H 102 -23.97 -34.77 -42.38
CA ALA H 102 -22.78 -35.07 -41.59
C ALA H 102 -23.10 -34.96 -40.11
N PRO H 103 -22.62 -35.91 -39.29
CA PRO H 103 -22.83 -35.87 -37.85
C PRO H 103 -21.77 -35.06 -37.12
N ASN H 104 -20.84 -34.50 -37.89
CA ASN H 104 -19.81 -33.60 -37.39
C ASN H 104 -19.27 -32.75 -38.54
N PHE H 105 -19.52 -31.45 -38.47
CA PHE H 105 -19.10 -30.56 -39.53
C PHE H 105 -17.77 -29.86 -39.23
N ALA H 106 -17.19 -30.13 -38.05
CA ALA H 106 -15.90 -29.55 -37.70
C ALA H 106 -14.85 -30.36 -38.40
N ILE H 107 -14.19 -29.73 -39.36
CA ILE H 107 -13.19 -30.39 -40.21
C ILE H 107 -12.05 -30.97 -39.37
N GLY H 108 -11.62 -30.24 -38.35
CA GLY H 108 -10.58 -30.73 -37.45
C GLY H 108 -11.00 -31.99 -36.69
N ALA H 109 -12.27 -32.01 -36.25
CA ALA H 109 -12.80 -33.15 -35.52
C ALA H 109 -12.89 -34.35 -36.44
N VAL H 110 -13.29 -34.10 -37.69
CA VAL H 110 -13.44 -35.17 -38.66
C VAL H 110 -12.07 -35.70 -39.06
N LEU H 111 -11.08 -34.81 -39.19
CA LEU H 111 -9.74 -35.26 -39.50
C LEU H 111 -9.11 -36.04 -38.34
N SER H 112 -9.31 -35.58 -37.10
CA SER H 112 -8.77 -36.28 -35.93
C SER H 112 -9.25 -37.72 -35.83
N MET H 113 -10.54 -37.89 -36.12
CA MET H 113 -11.17 -39.18 -35.99
C MET H 113 -10.66 -40.14 -37.06
N HIS H 114 -10.45 -39.60 -38.26
CA HIS H 114 -9.90 -40.38 -39.33
C HIS H 114 -8.47 -40.82 -39.04
N PHE H 115 -7.63 -39.88 -38.61
CA PHE H 115 -6.25 -40.16 -38.19
C PHE H 115 -6.23 -41.19 -37.06
N ALA H 116 -7.11 -41.00 -36.07
CA ALA H 116 -7.21 -41.95 -34.94
C ALA H 116 -7.43 -43.38 -35.42
N LYS H 117 -8.27 -43.53 -36.44
CA LYS H 117 -8.59 -44.83 -37.01
C LYS H 117 -7.41 -45.41 -37.76
N GLN H 118 -6.68 -44.56 -38.48
CA GLN H 118 -5.50 -44.99 -39.25
C GLN H 118 -4.38 -45.42 -38.31
N ALA H 119 -4.25 -44.70 -37.19
CA ALA H 119 -3.19 -44.98 -36.23
C ALA H 119 -3.48 -46.23 -35.35
N ALA H 120 -4.76 -46.51 -35.09
CA ALA H 120 -5.12 -47.46 -34.02
C ALA H 120 -4.39 -48.84 -34.04
N ARG H 121 -4.33 -49.48 -35.20
CA ARG H 121 -3.72 -50.80 -35.32
C ARG H 121 -2.21 -50.89 -35.00
N PHE H 122 -1.50 -49.77 -34.91
CA PHE H 122 -0.05 -49.86 -34.87
C PHE H 122 0.57 -49.51 -33.55
N PHE H 123 -0.23 -49.37 -32.52
CA PHE H 123 0.27 -49.08 -31.19
C PHE H 123 -0.36 -50.01 -30.15
N ASP H 124 0.42 -50.32 -29.12
CA ASP H 124 -0.02 -51.16 -28.02
C ASP H 124 -1.14 -50.55 -27.16
N SER H 125 -1.15 -49.22 -27.07
CA SER H 125 -2.04 -48.50 -26.15
C SER H 125 -2.74 -47.35 -26.85
N ALA H 126 -3.99 -47.12 -26.47
CA ALA H 126 -4.77 -45.97 -26.93
C ALA H 126 -5.69 -45.50 -25.82
N GLU H 127 -5.63 -44.19 -25.54
CA GLU H 127 -6.58 -43.54 -24.63
C GLU H 127 -7.09 -42.22 -25.23
N VAL H 128 -8.27 -41.81 -24.79
CA VAL H 128 -8.87 -40.55 -25.18
C VAL H 128 -8.98 -39.63 -23.95
N ILE H 129 -8.56 -38.39 -24.13
CA ILE H 129 -8.79 -37.36 -23.14
C ILE H 129 -9.58 -36.27 -23.85
N GLU H 130 -10.74 -35.95 -23.29
CA GLU H 130 -11.54 -34.85 -23.81
C GLU H 130 -11.63 -33.81 -22.71
N LEU H 131 -11.71 -32.54 -23.12
CA LEU H 131 -11.70 -31.43 -22.18
C LEU H 131 -12.75 -30.42 -22.63
N HIS H 132 -13.65 -30.07 -21.72
CA HIS H 132 -14.75 -29.15 -22.05
C HIS H 132 -14.95 -28.15 -20.93
N HIS H 133 -15.71 -27.11 -21.25
CA HIS H 133 -16.17 -26.12 -20.30
C HIS H 133 -16.92 -26.84 -19.18
N PRO H 134 -17.04 -26.21 -18.01
CA PRO H 134 -17.71 -26.86 -16.88
C PRO H 134 -19.25 -26.77 -16.92
N HIS H 135 -19.84 -26.41 -18.06
CA HIS H 135 -21.31 -26.40 -18.18
C HIS H 135 -21.87 -27.58 -18.99
N LYS H 136 -20.99 -28.52 -19.29
CA LYS H 136 -21.31 -29.68 -20.10
C LYS H 136 -22.02 -30.74 -19.22
N ALA H 137 -23.20 -31.16 -19.65
CA ALA H 137 -24.04 -32.08 -18.89
C ALA H 137 -23.53 -33.53 -18.93
N ASP H 138 -22.94 -33.89 -20.07
CA ASP H 138 -22.57 -35.28 -20.39
C ASP H 138 -21.07 -35.54 -20.38
N ALA H 139 -20.66 -36.59 -19.67
CA ALA H 139 -19.27 -37.01 -19.61
C ALA H 139 -19.20 -38.53 -19.76
N PRO H 140 -18.40 -39.04 -20.73
CA PRO H 140 -17.65 -38.24 -21.70
C PRO H 140 -18.53 -37.66 -22.77
N SER H 141 -17.95 -36.77 -23.56
CA SER H 141 -18.66 -36.16 -24.69
C SER H 141 -19.07 -37.25 -25.70
N GLY H 142 -20.11 -36.96 -26.48
CA GLY H 142 -20.54 -37.86 -27.56
C GLY H 142 -19.39 -38.17 -28.51
N THR H 143 -18.62 -37.14 -28.82
CA THR H 143 -17.44 -37.26 -29.68
C THR H 143 -16.33 -38.16 -29.11
N ALA H 144 -16.06 -38.05 -27.81
CA ALA H 144 -15.05 -38.91 -27.19
C ALA H 144 -15.51 -40.37 -27.16
N ALA H 145 -16.77 -40.56 -26.78
CA ALA H 145 -17.38 -41.90 -26.77
C ALA H 145 -17.30 -42.55 -28.16
N ARG H 146 -17.66 -41.80 -29.19
CA ARG H 146 -17.58 -42.27 -30.58
C ARG H 146 -16.16 -42.59 -31.06
N THR H 147 -15.22 -41.69 -30.82
CA THR H 147 -13.81 -41.91 -31.14
C THR H 147 -13.30 -43.20 -30.48
N ALA H 148 -13.60 -43.35 -29.20
CA ALA H 148 -13.22 -44.52 -28.43
C ALA H 148 -13.75 -45.80 -29.04
N LYS H 149 -15.01 -45.78 -29.48
CA LYS H 149 -15.66 -46.97 -30.08
C LYS H 149 -15.01 -47.33 -31.41
N LEU H 150 -14.69 -46.31 -32.20
CA LEU H 150 -14.05 -46.51 -33.48
C LEU H 150 -12.58 -46.97 -33.37
N ILE H 151 -11.88 -46.52 -32.34
CA ILE H 151 -10.54 -47.01 -32.06
C ILE H 151 -10.57 -48.49 -31.66
N ALA H 152 -11.54 -48.85 -30.81
CA ALA H 152 -11.67 -50.24 -30.39
C ALA H 152 -12.01 -51.12 -31.59
N GLU H 153 -12.86 -50.63 -32.48
CA GLU H 153 -13.20 -51.36 -33.68
C GLU H 153 -11.99 -51.61 -34.57
N ALA H 154 -11.20 -50.55 -34.77
CA ALA H 154 -9.94 -50.59 -35.52
C ALA H 154 -8.96 -51.60 -34.94
N ARG H 155 -9.05 -51.80 -33.62
CA ARG H 155 -8.15 -52.69 -32.88
C ARG H 155 -8.72 -54.09 -32.63
N LYS H 156 -9.78 -54.44 -33.35
CA LYS H 156 -10.41 -55.74 -33.28
C LYS H 156 -9.37 -56.81 -33.63
N GLY H 157 -9.10 -57.72 -32.69
CA GLY H 157 -8.16 -58.78 -32.99
C GLY H 157 -6.76 -58.50 -32.52
N LEU H 158 -6.56 -57.31 -31.96
CA LEU H 158 -5.32 -56.95 -31.31
C LEU H 158 -5.44 -57.21 -29.82
N PRO H 159 -4.31 -57.35 -29.09
CA PRO H 159 -4.41 -57.51 -27.63
C PRO H 159 -5.00 -56.23 -26.98
N PRO H 160 -5.65 -56.37 -25.81
CA PRO H 160 -6.12 -55.17 -25.14
C PRO H 160 -4.96 -54.24 -24.76
N ASN H 161 -5.30 -52.98 -24.44
CA ASN H 161 -4.36 -52.05 -23.82
C ASN H 161 -3.71 -52.75 -22.65
N PRO H 162 -2.36 -52.79 -22.64
CA PRO H 162 -1.72 -53.30 -21.41
C PRO H 162 -1.99 -52.34 -20.26
N ASP H 163 -2.03 -52.90 -19.06
CA ASP H 163 -2.36 -52.16 -17.85
C ASP H 163 -2.19 -53.09 -16.65
N ALA H 164 -1.25 -52.74 -15.77
CA ALA H 164 -0.98 -53.56 -14.60
C ALA H 164 -1.60 -52.97 -13.35
N THR H 165 -2.52 -52.02 -13.51
CA THR H 165 -3.21 -51.45 -12.36
C THR H 165 -3.77 -52.58 -11.49
N SER H 166 -3.34 -52.62 -10.23
CA SER H 166 -3.86 -53.60 -9.26
C SER H 166 -4.60 -52.91 -8.12
N THR H 167 -4.11 -51.72 -7.72
CA THR H 167 -4.81 -50.89 -6.73
C THR H 167 -5.12 -49.50 -7.30
N SER H 168 -6.35 -49.05 -7.11
CA SER H 168 -6.85 -47.85 -7.77
C SER H 168 -7.88 -47.12 -6.91
N LEU H 169 -7.90 -45.79 -7.04
CA LEU H 169 -9.03 -45.01 -6.53
C LEU H 169 -10.15 -45.06 -7.57
N PRO H 170 -11.40 -45.17 -7.13
CA PRO H 170 -12.47 -45.24 -8.12
C PRO H 170 -12.42 -44.10 -9.15
N GLY H 171 -12.40 -44.47 -10.43
CA GLY H 171 -12.46 -43.50 -11.52
C GLY H 171 -11.15 -42.99 -12.10
N ALA H 172 -10.02 -43.32 -11.45
CA ALA H 172 -8.69 -42.88 -11.90
C ALA H 172 -8.38 -43.24 -13.36
N ARG H 173 -8.77 -44.43 -13.76
CA ARG H 173 -8.47 -44.95 -15.09
C ARG H 173 -9.49 -44.55 -16.14
N GLY H 174 -10.42 -43.67 -15.81
CA GLY H 174 -11.35 -43.17 -16.79
C GLY H 174 -12.52 -44.12 -17.00
N ALA H 175 -13.38 -43.76 -17.95
CA ALA H 175 -14.47 -44.60 -18.36
C ALA H 175 -13.93 -45.60 -19.34
N ASP H 176 -14.31 -46.86 -19.21
CA ASP H 176 -13.97 -47.86 -20.18
C ASP H 176 -15.05 -47.90 -21.25
N VAL H 177 -14.74 -47.35 -22.42
CA VAL H 177 -15.59 -47.46 -23.60
C VAL H 177 -14.97 -48.49 -24.55
N ASP H 178 -15.58 -49.67 -24.65
CA ASP H 178 -15.10 -50.72 -25.58
C ASP H 178 -13.61 -51.07 -25.40
N GLY H 179 -13.11 -51.01 -24.16
CA GLY H 179 -11.71 -51.33 -23.87
C GLY H 179 -10.78 -50.12 -23.97
N ILE H 180 -11.35 -48.96 -24.29
CA ILE H 180 -10.56 -47.75 -24.46
C ILE H 180 -10.90 -46.76 -23.34
N PRO H 181 -9.92 -46.41 -22.50
CA PRO H 181 -10.08 -45.39 -21.47
C PRO H 181 -10.39 -44.00 -22.05
N VAL H 182 -11.39 -43.35 -21.46
CA VAL H 182 -11.81 -42.02 -21.86
C VAL H 182 -11.90 -41.16 -20.62
N HIS H 183 -11.13 -40.08 -20.62
CA HIS H 183 -11.06 -39.16 -19.51
C HIS H 183 -11.74 -37.84 -19.89
N ALA H 184 -12.51 -37.29 -18.95
CA ALA H 184 -13.30 -36.07 -19.18
C ALA H 184 -12.87 -34.98 -18.21
N VAL H 185 -12.25 -33.93 -18.72
CA VAL H 185 -11.80 -32.80 -17.93
C VAL H 185 -12.87 -31.71 -18.10
N ARG H 186 -13.33 -31.14 -16.99
CA ARG H 186 -14.26 -30.01 -17.01
C ARG H 186 -13.58 -28.79 -16.40
N LEU H 187 -13.10 -27.89 -17.25
CA LEU H 187 -12.28 -26.77 -16.79
C LEU H 187 -12.83 -25.43 -17.27
N ALA H 188 -13.07 -24.53 -16.32
CA ALA H 188 -13.41 -23.14 -16.67
C ALA H 188 -12.43 -22.60 -17.70
N GLY H 189 -12.94 -21.97 -18.74
CA GLY H 189 -12.09 -21.36 -19.76
C GLY H 189 -11.97 -22.16 -21.05
N LEU H 190 -12.16 -23.47 -20.96
CA LEU H 190 -12.09 -24.34 -22.13
C LEU H 190 -13.42 -24.35 -22.85
N VAL H 191 -13.40 -24.84 -24.08
CA VAL H 191 -14.60 -24.94 -24.87
C VAL H 191 -14.83 -26.43 -25.19
N ALA H 192 -14.22 -26.94 -26.26
CA ALA H 192 -14.34 -28.35 -26.63
C ALA H 192 -13.03 -28.84 -27.22
N HIS H 193 -12.44 -29.84 -26.57
CA HIS H 193 -11.06 -30.25 -26.86
C HIS H 193 -10.95 -31.74 -26.73
N GLN H 194 -10.09 -32.34 -27.54
CA GLN H 194 -9.90 -33.80 -27.50
C GLN H 194 -8.53 -34.22 -27.98
N GLU H 195 -7.79 -34.96 -27.14
CA GLU H 195 -6.52 -35.62 -27.50
C GLU H 195 -6.69 -37.12 -27.64
N VAL H 196 -6.12 -37.68 -28.69
CA VAL H 196 -6.03 -39.14 -28.80
C VAL H 196 -4.57 -39.55 -28.65
N LEU H 197 -4.30 -40.31 -27.61
CA LEU H 197 -2.94 -40.72 -27.28
C LEU H 197 -2.68 -42.15 -27.71
N PHE H 198 -1.60 -42.34 -28.47
CA PHE H 198 -1.15 -43.69 -28.84
C PHE H 198 0.28 -43.88 -28.40
N GLY H 199 0.61 -45.10 -28.02
CA GLY H 199 1.89 -45.40 -27.43
C GLY H 199 2.24 -46.84 -27.60
N THR H 200 3.50 -47.05 -27.95
CA THR H 200 4.08 -48.37 -28.07
C THR H 200 5.48 -48.16 -27.50
N GLU H 201 6.18 -49.22 -27.07
CA GLU H 201 7.56 -49.02 -26.62
C GLU H 201 8.35 -48.20 -27.65
N GLY H 202 9.05 -47.16 -27.21
CA GLY H 202 9.87 -46.38 -28.12
C GLY H 202 9.25 -45.11 -28.73
N GLU H 203 7.92 -45.03 -28.84
CA GLU H 203 7.32 -43.81 -29.44
C GLU H 203 5.87 -43.53 -29.07
N THR H 204 5.46 -42.28 -29.09
CA THR H 204 4.04 -41.94 -28.93
C THR H 204 3.59 -41.00 -30.03
N LEU H 205 2.27 -40.96 -30.23
CA LEU H 205 1.65 -40.16 -31.26
C LEU H 205 0.35 -39.60 -30.67
N THR H 206 0.20 -38.27 -30.71
CA THR H 206 -0.92 -37.58 -30.09
C THR H 206 -1.56 -36.64 -31.13
N ILE H 207 -2.87 -36.63 -31.13
CA ILE H 207 -3.67 -35.82 -32.02
C ILE H 207 -4.59 -35.03 -31.14
N ARG H 208 -4.47 -33.70 -31.22
CA ARG H 208 -5.28 -32.81 -30.41
C ARG H 208 -6.16 -31.91 -31.29
N HIS H 209 -7.46 -31.93 -31.05
CA HIS H 209 -8.34 -31.02 -31.76
C HIS H 209 -8.92 -30.06 -30.75
N ASP H 210 -8.77 -28.77 -31.05
CA ASP H 210 -9.34 -27.71 -30.24
C ASP H 210 -10.44 -27.00 -31.01
N SER H 211 -11.62 -26.99 -30.42
CA SER H 211 -12.78 -26.32 -30.95
C SER H 211 -12.94 -25.05 -30.11
N LEU H 212 -12.75 -23.88 -30.72
CA LEU H 212 -12.73 -22.65 -29.95
C LEU H 212 -13.99 -21.76 -30.14
N ASP H 213 -14.83 -22.11 -31.11
CA ASP H 213 -15.99 -21.32 -31.55
C ASP H 213 -17.02 -22.24 -32.20
N ARG H 214 -18.28 -21.81 -32.23
CA ARG H 214 -19.30 -22.37 -33.12
C ARG H 214 -18.86 -22.26 -34.57
N THR H 215 -17.82 -21.48 -34.84
CA THR H 215 -17.32 -21.30 -36.20
C THR H 215 -16.40 -22.44 -36.66
N SER H 216 -16.12 -23.39 -35.77
CA SER H 216 -15.39 -24.58 -36.15
C SER H 216 -16.22 -25.43 -37.11
N PHE H 217 -17.54 -25.30 -37.04
CA PHE H 217 -18.45 -26.02 -37.94
C PHE H 217 -18.59 -25.33 -39.30
N VAL H 218 -18.25 -24.04 -39.34
CA VAL H 218 -18.57 -23.19 -40.51
C VAL H 218 -17.88 -23.65 -41.80
N PRO H 219 -16.54 -23.74 -41.81
CA PRO H 219 -15.89 -24.15 -43.05
C PRO H 219 -16.41 -25.49 -43.56
N GLY H 220 -16.69 -26.42 -42.65
CA GLY H 220 -17.27 -27.71 -43.02
C GLY H 220 -18.58 -27.52 -43.76
N VAL H 221 -19.52 -26.78 -43.15
CA VAL H 221 -20.82 -26.54 -43.72
C VAL H 221 -20.69 -25.78 -45.04
N LEU H 222 -19.94 -24.68 -45.04
CA LEU H 222 -19.73 -23.88 -46.25
C LEU H 222 -19.04 -24.68 -47.36
N LEU H 223 -18.08 -25.53 -47.01
CA LEU H 223 -17.47 -26.47 -47.96
C LEU H 223 -18.52 -27.43 -48.56
N ALA H 224 -19.44 -27.90 -47.71
CA ALA H 224 -20.56 -28.72 -48.15
C ALA H 224 -21.46 -27.93 -49.10
N VAL H 225 -21.88 -26.75 -48.66
CA VAL H 225 -22.73 -25.85 -49.45
C VAL H 225 -22.12 -25.53 -50.82
N ARG H 226 -20.84 -25.14 -50.81
CA ARG H 226 -20.13 -24.74 -52.03
C ARG H 226 -19.87 -25.92 -52.97
N ARG H 227 -20.29 -27.10 -52.56
CA ARG H 227 -19.84 -28.35 -53.20
C ARG H 227 -20.87 -29.48 -53.12
N ILE H 228 -22.13 -29.14 -52.89
CA ILE H 228 -23.15 -30.17 -52.67
C ILE H 228 -23.66 -30.80 -53.98
N ALA H 229 -23.79 -29.98 -55.03
CA ALA H 229 -24.25 -30.45 -56.33
C ALA H 229 -23.18 -31.23 -57.09
N GLU H 230 -21.99 -31.38 -56.47
CA GLU H 230 -20.90 -32.15 -57.04
C GLU H 230 -21.23 -33.64 -57.19
N ARG H 231 -22.04 -34.16 -56.28
CA ARG H 231 -22.51 -35.53 -56.35
C ARG H 231 -24.02 -35.60 -56.09
N PRO H 232 -24.79 -36.14 -57.05
CA PRO H 232 -26.23 -36.36 -56.90
C PRO H 232 -26.56 -37.42 -55.85
N GLY H 233 -27.79 -37.38 -55.34
CA GLY H 233 -28.27 -38.36 -54.37
C GLY H 233 -27.84 -38.07 -52.95
N LEU H 234 -27.83 -39.12 -52.13
CA LEU H 234 -27.42 -39.02 -50.72
C LEU H 234 -25.91 -39.10 -50.58
N THR H 235 -25.38 -38.26 -49.69
CA THR H 235 -23.97 -38.28 -49.29
C THR H 235 -23.91 -38.18 -47.77
N VAL H 236 -23.20 -39.10 -47.12
CA VAL H 236 -23.17 -39.14 -45.65
C VAL H 236 -21.76 -38.89 -45.09
N GLY H 237 -21.68 -37.95 -44.14
CA GLY H 237 -20.42 -37.57 -43.51
C GLY H 237 -19.65 -36.56 -44.34
N LEU H 238 -18.76 -35.81 -43.68
CA LEU H 238 -17.95 -34.79 -44.35
C LEU H 238 -16.74 -35.39 -45.10
N GLU H 239 -16.35 -36.61 -44.72
CA GLU H 239 -15.14 -37.28 -45.22
C GLU H 239 -14.90 -37.26 -46.74
N PRO H 240 -15.94 -37.59 -47.55
CA PRO H 240 -15.75 -37.54 -49.02
C PRO H 240 -15.37 -36.17 -49.59
N LEU H 241 -15.66 -35.09 -48.86
CA LEU H 241 -15.25 -33.75 -49.29
C LEU H 241 -13.81 -33.44 -48.88
N LEU H 242 -13.28 -34.21 -47.95
CA LEU H 242 -11.96 -33.94 -47.39
C LEU H 242 -10.88 -34.79 -48.03
N ASP H 243 -11.19 -35.36 -49.19
CA ASP H 243 -10.33 -36.31 -49.92
C ASP H 243 -9.82 -37.48 -49.07
N LEU H 244 -10.76 -38.03 -48.31
CA LEU H 244 -10.56 -39.22 -47.50
C LEU H 244 -11.47 -40.32 -48.09
N HIS H 245 -10.84 -41.43 -48.50
CA HIS H 245 -11.38 -42.39 -49.49
C HIS H 245 -10.96 -41.94 -50.88
#